data_3FS5
# 
_entry.id   3FS5 
# 
_audit_conform.dict_name       mmcif_pdbx.dic 
_audit_conform.dict_version    5.398 
_audit_conform.dict_location   http://mmcif.pdb.org/dictionaries/ascii/mmcif_pdbx.dic 
# 
loop_
_database_2.database_id 
_database_2.database_code 
_database_2.pdbx_database_accession 
_database_2.pdbx_DOI 
PDB   3FS5         pdb_00003fs5 10.2210/pdb3fs5/pdb 
RCSB  RCSB050974   ?            ?                   
WWPDB D_1000050974 ?            ?                   
# 
loop_
_pdbx_audit_revision_history.ordinal 
_pdbx_audit_revision_history.data_content_type 
_pdbx_audit_revision_history.major_revision 
_pdbx_audit_revision_history.minor_revision 
_pdbx_audit_revision_history.revision_date 
1 'Structure model' 1 0 2009-06-23 
2 'Structure model' 1 1 2011-07-13 
3 'Structure model' 1 2 2024-11-06 
# 
_pdbx_audit_revision_details.ordinal             1 
_pdbx_audit_revision_details.revision_ordinal    1 
_pdbx_audit_revision_details.data_content_type   'Structure model' 
_pdbx_audit_revision_details.provider            repository 
_pdbx_audit_revision_details.type                'Initial release' 
_pdbx_audit_revision_details.description         ? 
_pdbx_audit_revision_details.details             ? 
# 
loop_
_pdbx_audit_revision_group.ordinal 
_pdbx_audit_revision_group.revision_ordinal 
_pdbx_audit_revision_group.data_content_type 
_pdbx_audit_revision_group.group 
1 2 'Structure model' 'Version format compliance' 
2 3 'Structure model' 'Data collection'           
3 3 'Structure model' 'Database references'       
4 3 'Structure model' 'Derived calculations'      
5 3 'Structure model' 'Structure summary'         
# 
loop_
_pdbx_audit_revision_category.ordinal 
_pdbx_audit_revision_category.revision_ordinal 
_pdbx_audit_revision_category.data_content_type 
_pdbx_audit_revision_category.category 
1 3 'Structure model' chem_comp_atom            
2 3 'Structure model' chem_comp_bond            
3 3 'Structure model' database_2                
4 3 'Structure model' pdbx_entry_details        
5 3 'Structure model' pdbx_modification_feature 
6 3 'Structure model' struct_conn               
7 3 'Structure model' struct_ref_seq_dif        
# 
loop_
_pdbx_audit_revision_item.ordinal 
_pdbx_audit_revision_item.revision_ordinal 
_pdbx_audit_revision_item.data_content_type 
_pdbx_audit_revision_item.item 
1 3 'Structure model' '_database_2.pdbx_DOI'                
2 3 'Structure model' '_database_2.pdbx_database_accession' 
3 3 'Structure model' '_struct_conn.pdbx_leaving_atom_flag' 
4 3 'Structure model' '_struct_ref_seq_dif.details'         
# 
_pdbx_database_status.status_code                     REL 
_pdbx_database_status.entry_id                        3FS5 
_pdbx_database_status.recvd_initial_deposition_date   2009-01-09 
_pdbx_database_status.deposit_site                    RCSB 
_pdbx_database_status.process_site                    PDBJ 
_pdbx_database_status.status_code_sf                  REL 
_pdbx_database_status.status_code_mr                  ? 
_pdbx_database_status.SG_entry                        ? 
_pdbx_database_status.pdb_format_compatible           Y 
_pdbx_database_status.status_code_cs                  ? 
_pdbx_database_status.status_code_nmr_data            ? 
_pdbx_database_status.methods_development_category    ? 
# 
loop_
_audit_author.name 
_audit_author.pdbx_ordinal 
'Yeo, H.K.' 1 
'Lee, J.Y.' 2 
# 
_citation.id                        primary 
_citation.title                     
'Crystal structure of Saccharomyces cerevisiae Ygr203w, a homolog of single-domain rhodanese and Cdc25 phosphatase catalytic domain' 
_citation.journal_abbrev            Proteins 
_citation.journal_volume            76 
_citation.page_first                520 
_citation.page_last                 524 
_citation.year                      2009 
_citation.journal_id_ASTM           PSFGEY 
_citation.country                   US 
_citation.journal_id_ISSN           0887-3585 
_citation.journal_id_CSD            0867 
_citation.book_publisher            ? 
_citation.pdbx_database_id_PubMed   19382206 
_citation.pdbx_database_id_DOI      10.1002/prot.22420 
# 
loop_
_citation_author.citation_id 
_citation_author.name 
_citation_author.ordinal 
_citation_author.identifier_ORCID 
primary 'Yeo, H.K.' 1 ? 
primary 'Lee, J.Y.' 2 ? 
# 
loop_
_entity.id 
_entity.type 
_entity.src_method 
_entity.pdbx_description 
_entity.formula_weight 
_entity.pdbx_number_of_molecules 
_entity.pdbx_ec 
_entity.pdbx_mutation 
_entity.pdbx_fragment 
_entity.details 
1 polymer man 'Uncharacterized protein YGR203W' 17633.992 1  ? ? ? ? 
2 water   nat water                             18.015    90 ? ? ? ? 
# 
_entity_poly.entity_id                      1 
_entity_poly.type                           'polypeptide(L)' 
_entity_poly.nstd_linkage                   no 
_entity_poly.nstd_monomer                   yes 
_entity_poly.pdbx_seq_one_letter_code       
;MDSYSITNVKYLDPTELHRWMQEGHTTTLREPFQVVDVRGSDYMGGHIKDGWHYAYSRLKQDPEYLRELKHRLLEKQADG
RGALNVIFH(CME)MLSQQRGPSAAMLLLRSLDTAELSRCRLWVLRGGFSRWQSVYGDDESVTAGYLPDLWRAAAA
;
_entity_poly.pdbx_seq_one_letter_code_can   
;MDSYSITNVKYLDPTELHRWMQEGHTTTLREPFQVVDVRGSDYMGGHIKDGWHYAYSRLKQDPEYLRELKHRLLEKQADG
RGALNVIFHCMLSQQRGPSAAMLLLRSLDTAELSRCRLWVLRGGFSRWQSVYGDDESVTAGYLPDLWRAAAA
;
_entity_poly.pdbx_strand_id                 A 
_entity_poly.pdbx_target_identifier         ? 
# 
_pdbx_entity_nonpoly.entity_id   2 
_pdbx_entity_nonpoly.name        water 
_pdbx_entity_nonpoly.comp_id     HOH 
# 
loop_
_entity_poly_seq.entity_id 
_entity_poly_seq.num 
_entity_poly_seq.mon_id 
_entity_poly_seq.hetero 
1 1   MET n 
1 2   ASP n 
1 3   SER n 
1 4   TYR n 
1 5   SER n 
1 6   ILE n 
1 7   THR n 
1 8   ASN n 
1 9   VAL n 
1 10  LYS n 
1 11  TYR n 
1 12  LEU n 
1 13  ASP n 
1 14  PRO n 
1 15  THR n 
1 16  GLU n 
1 17  LEU n 
1 18  HIS n 
1 19  ARG n 
1 20  TRP n 
1 21  MET n 
1 22  GLN n 
1 23  GLU n 
1 24  GLY n 
1 25  HIS n 
1 26  THR n 
1 27  THR n 
1 28  THR n 
1 29  LEU n 
1 30  ARG n 
1 31  GLU n 
1 32  PRO n 
1 33  PHE n 
1 34  GLN n 
1 35  VAL n 
1 36  VAL n 
1 37  ASP n 
1 38  VAL n 
1 39  ARG n 
1 40  GLY n 
1 41  SER n 
1 42  ASP n 
1 43  TYR n 
1 44  MET n 
1 45  GLY n 
1 46  GLY n 
1 47  HIS n 
1 48  ILE n 
1 49  LYS n 
1 50  ASP n 
1 51  GLY n 
1 52  TRP n 
1 53  HIS n 
1 54  TYR n 
1 55  ALA n 
1 56  TYR n 
1 57  SER n 
1 58  ARG n 
1 59  LEU n 
1 60  LYS n 
1 61  GLN n 
1 62  ASP n 
1 63  PRO n 
1 64  GLU n 
1 65  TYR n 
1 66  LEU n 
1 67  ARG n 
1 68  GLU n 
1 69  LEU n 
1 70  LYS n 
1 71  HIS n 
1 72  ARG n 
1 73  LEU n 
1 74  LEU n 
1 75  GLU n 
1 76  LYS n 
1 77  GLN n 
1 78  ALA n 
1 79  ASP n 
1 80  GLY n 
1 81  ARG n 
1 82  GLY n 
1 83  ALA n 
1 84  LEU n 
1 85  ASN n 
1 86  VAL n 
1 87  ILE n 
1 88  PHE n 
1 89  HIS n 
1 90  CME n 
1 91  MET n 
1 92  LEU n 
1 93  SER n 
1 94  GLN n 
1 95  GLN n 
1 96  ARG n 
1 97  GLY n 
1 98  PRO n 
1 99  SER n 
1 100 ALA n 
1 101 ALA n 
1 102 MET n 
1 103 LEU n 
1 104 LEU n 
1 105 LEU n 
1 106 ARG n 
1 107 SER n 
1 108 LEU n 
1 109 ASP n 
1 110 THR n 
1 111 ALA n 
1 112 GLU n 
1 113 LEU n 
1 114 SER n 
1 115 ARG n 
1 116 CYS n 
1 117 ARG n 
1 118 LEU n 
1 119 TRP n 
1 120 VAL n 
1 121 LEU n 
1 122 ARG n 
1 123 GLY n 
1 124 GLY n 
1 125 PHE n 
1 126 SER n 
1 127 ARG n 
1 128 TRP n 
1 129 GLN n 
1 130 SER n 
1 131 VAL n 
1 132 TYR n 
1 133 GLY n 
1 134 ASP n 
1 135 ASP n 
1 136 GLU n 
1 137 SER n 
1 138 VAL n 
1 139 THR n 
1 140 ALA n 
1 141 GLY n 
1 142 TYR n 
1 143 LEU n 
1 144 PRO n 
1 145 ASP n 
1 146 LEU n 
1 147 TRP n 
1 148 ARG n 
1 149 ALA n 
1 150 ALA n 
1 151 ALA n 
1 152 ALA n 
# 
_entity_src_gen.entity_id                          1 
_entity_src_gen.pdbx_src_id                        1 
_entity_src_gen.pdbx_alt_source_flag               sample 
_entity_src_gen.pdbx_seq_type                      ? 
_entity_src_gen.pdbx_beg_seq_num                   ? 
_entity_src_gen.pdbx_end_seq_num                   ? 
_entity_src_gen.gene_src_common_name               yeast 
_entity_src_gen.gene_src_genus                     ? 
_entity_src_gen.pdbx_gene_src_gene                 YGR203W 
_entity_src_gen.gene_src_species                   ? 
_entity_src_gen.gene_src_strain                    ? 
_entity_src_gen.gene_src_tissue                    ? 
_entity_src_gen.gene_src_tissue_fraction           ? 
_entity_src_gen.gene_src_details                   ? 
_entity_src_gen.pdbx_gene_src_fragment             ? 
_entity_src_gen.pdbx_gene_src_scientific_name      'Saccharomyces cerevisiae' 
_entity_src_gen.pdbx_gene_src_ncbi_taxonomy_id     4932 
_entity_src_gen.pdbx_gene_src_variant              ? 
_entity_src_gen.pdbx_gene_src_cell_line            ? 
_entity_src_gen.pdbx_gene_src_atcc                 ? 
_entity_src_gen.pdbx_gene_src_organ                ? 
_entity_src_gen.pdbx_gene_src_organelle            ? 
_entity_src_gen.pdbx_gene_src_cell                 ? 
_entity_src_gen.pdbx_gene_src_cellular_location    ? 
_entity_src_gen.host_org_common_name               ? 
_entity_src_gen.pdbx_host_org_scientific_name      'Escherichia coli' 
_entity_src_gen.pdbx_host_org_ncbi_taxonomy_id     562 
_entity_src_gen.host_org_genus                     ? 
_entity_src_gen.pdbx_host_org_gene                 ? 
_entity_src_gen.pdbx_host_org_organ                ? 
_entity_src_gen.host_org_species                   ? 
_entity_src_gen.pdbx_host_org_tissue               ? 
_entity_src_gen.pdbx_host_org_tissue_fraction      ? 
_entity_src_gen.pdbx_host_org_strain               'B834(DE3)' 
_entity_src_gen.pdbx_host_org_variant              ? 
_entity_src_gen.pdbx_host_org_cell_line            ? 
_entity_src_gen.pdbx_host_org_atcc                 ? 
_entity_src_gen.pdbx_host_org_culture_collection   ? 
_entity_src_gen.pdbx_host_org_cell                 ? 
_entity_src_gen.pdbx_host_org_organelle            ? 
_entity_src_gen.pdbx_host_org_cellular_location    ? 
_entity_src_gen.pdbx_host_org_vector_type          Plasmid 
_entity_src_gen.pdbx_host_org_vector               ? 
_entity_src_gen.host_org_details                   ? 
_entity_src_gen.expression_system_id               ? 
_entity_src_gen.plasmid_name                       pET21a 
_entity_src_gen.plasmid_details                    ? 
_entity_src_gen.pdbx_description                   ? 
# 
loop_
_chem_comp.id 
_chem_comp.type 
_chem_comp.mon_nstd_flag 
_chem_comp.name 
_chem_comp.pdbx_synonyms 
_chem_comp.formula 
_chem_comp.formula_weight 
ALA 'L-peptide linking' y ALANINE                            ? 'C3 H7 N O2'     89.093  
ARG 'L-peptide linking' y ARGININE                           ? 'C6 H15 N4 O2 1' 175.209 
ASN 'L-peptide linking' y ASPARAGINE                         ? 'C4 H8 N2 O3'    132.118 
ASP 'L-peptide linking' y 'ASPARTIC ACID'                    ? 'C4 H7 N O4'     133.103 
CME 'L-peptide linking' n 'S,S-(2-HYDROXYETHYL)THIOCYSTEINE' ? 'C5 H11 N O3 S2' 197.276 
CYS 'L-peptide linking' y CYSTEINE                           ? 'C3 H7 N O2 S'   121.158 
GLN 'L-peptide linking' y GLUTAMINE                          ? 'C5 H10 N2 O3'   146.144 
GLU 'L-peptide linking' y 'GLUTAMIC ACID'                    ? 'C5 H9 N O4'     147.129 
GLY 'peptide linking'   y GLYCINE                            ? 'C2 H5 N O2'     75.067  
HIS 'L-peptide linking' y HISTIDINE                          ? 'C6 H10 N3 O2 1' 156.162 
HOH non-polymer         . WATER                              ? 'H2 O'           18.015  
ILE 'L-peptide linking' y ISOLEUCINE                         ? 'C6 H13 N O2'    131.173 
LEU 'L-peptide linking' y LEUCINE                            ? 'C6 H13 N O2'    131.173 
LYS 'L-peptide linking' y LYSINE                             ? 'C6 H15 N2 O2 1' 147.195 
MET 'L-peptide linking' y METHIONINE                         ? 'C5 H11 N O2 S'  149.211 
PHE 'L-peptide linking' y PHENYLALANINE                      ? 'C9 H11 N O2'    165.189 
PRO 'L-peptide linking' y PROLINE                            ? 'C5 H9 N O2'     115.130 
SER 'L-peptide linking' y SERINE                             ? 'C3 H7 N O3'     105.093 
THR 'L-peptide linking' y THREONINE                          ? 'C4 H9 N O3'     119.119 
TRP 'L-peptide linking' y TRYPTOPHAN                         ? 'C11 H12 N2 O2'  204.225 
TYR 'L-peptide linking' y TYROSINE                           ? 'C9 H11 N O3'    181.189 
VAL 'L-peptide linking' y VALINE                             ? 'C5 H11 N O2'    117.146 
# 
loop_
_pdbx_poly_seq_scheme.asym_id 
_pdbx_poly_seq_scheme.entity_id 
_pdbx_poly_seq_scheme.seq_id 
_pdbx_poly_seq_scheme.mon_id 
_pdbx_poly_seq_scheme.ndb_seq_num 
_pdbx_poly_seq_scheme.pdb_seq_num 
_pdbx_poly_seq_scheme.auth_seq_num 
_pdbx_poly_seq_scheme.pdb_mon_id 
_pdbx_poly_seq_scheme.auth_mon_id 
_pdbx_poly_seq_scheme.pdb_strand_id 
_pdbx_poly_seq_scheme.pdb_ins_code 
_pdbx_poly_seq_scheme.hetero 
A 1 1   MET 1   1   1   MET MET A . n 
A 1 2   ASP 2   2   2   ASP ASP A . n 
A 1 3   SER 3   3   3   SER SER A . n 
A 1 4   TYR 4   4   4   TYR TYR A . n 
A 1 5   SER 5   5   5   SER SER A . n 
A 1 6   ILE 6   6   6   ILE ILE A . n 
A 1 7   THR 7   7   7   THR THR A . n 
A 1 8   ASN 8   8   8   ASN ASN A . n 
A 1 9   VAL 9   9   9   VAL VAL A . n 
A 1 10  LYS 10  10  10  LYS LYS A . n 
A 1 11  TYR 11  11  11  TYR TYR A . n 
A 1 12  LEU 12  12  12  LEU LEU A . n 
A 1 13  ASP 13  13  13  ASP ASP A . n 
A 1 14  PRO 14  14  14  PRO PRO A . n 
A 1 15  THR 15  15  15  THR THR A . n 
A 1 16  GLU 16  16  16  GLU GLU A . n 
A 1 17  LEU 17  17  17  LEU LEU A . n 
A 1 18  HIS 18  18  18  HIS HIS A . n 
A 1 19  ARG 19  19  19  ARG ARG A . n 
A 1 20  TRP 20  20  20  TRP TRP A . n 
A 1 21  MET 21  21  21  MET MET A . n 
A 1 22  GLN 22  22  22  GLN GLN A . n 
A 1 23  GLU 23  23  23  GLU GLU A . n 
A 1 24  GLY 24  24  24  GLY GLY A . n 
A 1 25  HIS 25  25  25  HIS HIS A . n 
A 1 26  THR 26  26  26  THR THR A . n 
A 1 27  THR 27  27  27  THR THR A . n 
A 1 28  THR 28  28  28  THR THR A . n 
A 1 29  LEU 29  29  29  LEU LEU A . n 
A 1 30  ARG 30  30  30  ARG ARG A . n 
A 1 31  GLU 31  31  31  GLU GLU A . n 
A 1 32  PRO 32  32  32  PRO PRO A . n 
A 1 33  PHE 33  33  33  PHE PHE A . n 
A 1 34  GLN 34  34  34  GLN GLN A . n 
A 1 35  VAL 35  35  35  VAL VAL A . n 
A 1 36  VAL 36  36  36  VAL VAL A . n 
A 1 37  ASP 37  37  37  ASP ASP A . n 
A 1 38  VAL 38  38  38  VAL VAL A . n 
A 1 39  ARG 39  39  39  ARG ARG A . n 
A 1 40  GLY 40  40  40  GLY GLY A . n 
A 1 41  SER 41  41  41  SER SER A . n 
A 1 42  ASP 42  42  42  ASP ASP A . n 
A 1 43  TYR 43  43  43  TYR TYR A . n 
A 1 44  MET 44  44  44  MET MET A . n 
A 1 45  GLY 45  45  45  GLY GLY A . n 
A 1 46  GLY 46  46  46  GLY GLY A . n 
A 1 47  HIS 47  47  47  HIS HIS A . n 
A 1 48  ILE 48  48  48  ILE ILE A . n 
A 1 49  LYS 49  49  49  LYS LYS A . n 
A 1 50  ASP 50  50  50  ASP ASP A . n 
A 1 51  GLY 51  51  51  GLY GLY A . n 
A 1 52  TRP 52  52  52  TRP TRP A . n 
A 1 53  HIS 53  53  53  HIS HIS A . n 
A 1 54  TYR 54  54  54  TYR TYR A . n 
A 1 55  ALA 55  55  55  ALA ALA A . n 
A 1 56  TYR 56  56  56  TYR TYR A . n 
A 1 57  SER 57  57  57  SER SER A . n 
A 1 58  ARG 58  58  58  ARG ARG A . n 
A 1 59  LEU 59  59  59  LEU LEU A . n 
A 1 60  LYS 60  60  60  LYS LYS A . n 
A 1 61  GLN 61  61  61  GLN GLN A . n 
A 1 62  ASP 62  62  62  ASP ASP A . n 
A 1 63  PRO 63  63  63  PRO PRO A . n 
A 1 64  GLU 64  64  64  GLU GLU A . n 
A 1 65  TYR 65  65  65  TYR TYR A . n 
A 1 66  LEU 66  66  66  LEU LEU A . n 
A 1 67  ARG 67  67  67  ARG ARG A . n 
A 1 68  GLU 68  68  68  GLU GLU A . n 
A 1 69  LEU 69  69  69  LEU LEU A . n 
A 1 70  LYS 70  70  70  LYS LYS A . n 
A 1 71  HIS 71  71  71  HIS HIS A . n 
A 1 72  ARG 72  72  72  ARG ARG A . n 
A 1 73  LEU 73  73  73  LEU LEU A . n 
A 1 74  LEU 74  74  74  LEU LEU A . n 
A 1 75  GLU 75  75  75  GLU GLU A . n 
A 1 76  LYS 76  76  76  LYS LYS A . n 
A 1 77  GLN 77  77  77  GLN GLN A . n 
A 1 78  ALA 78  78  78  ALA ALA A . n 
A 1 79  ASP 79  79  79  ASP ASP A . n 
A 1 80  GLY 80  80  80  GLY GLY A . n 
A 1 81  ARG 81  81  81  ARG ARG A . n 
A 1 82  GLY 82  82  82  GLY GLY A . n 
A 1 83  ALA 83  83  83  ALA ALA A . n 
A 1 84  LEU 84  84  84  LEU LEU A . n 
A 1 85  ASN 85  85  85  ASN ASN A . n 
A 1 86  VAL 86  86  86  VAL VAL A . n 
A 1 87  ILE 87  87  87  ILE ILE A . n 
A 1 88  PHE 88  88  88  PHE PHE A . n 
A 1 89  HIS 89  89  89  HIS HIS A . n 
A 1 90  CME 90  90  90  CME CYM A . n 
A 1 91  MET 91  91  91  MET MET A . n 
A 1 92  LEU 92  92  92  LEU LEU A . n 
A 1 93  SER 93  93  93  SER SER A . n 
A 1 94  GLN 94  94  94  GLN GLN A . n 
A 1 95  GLN 95  95  95  GLN GLN A . n 
A 1 96  ARG 96  96  96  ARG ARG A . n 
A 1 97  GLY 97  97  97  GLY GLY A . n 
A 1 98  PRO 98  98  98  PRO PRO A . n 
A 1 99  SER 99  99  99  SER SER A . n 
A 1 100 ALA 100 100 100 ALA ALA A . n 
A 1 101 ALA 101 101 101 ALA ALA A . n 
A 1 102 MET 102 102 102 MET MET A . n 
A 1 103 LEU 103 103 103 LEU LEU A . n 
A 1 104 LEU 104 104 104 LEU LEU A . n 
A 1 105 LEU 105 105 105 LEU LEU A . n 
A 1 106 ARG 106 106 106 ARG ARG A . n 
A 1 107 SER 107 107 107 SER SER A . n 
A 1 108 LEU 108 108 108 LEU LEU A . n 
A 1 109 ASP 109 109 109 ASP ASP A . n 
A 1 110 THR 110 110 110 THR THR A . n 
A 1 111 ALA 111 111 111 ALA ALA A . n 
A 1 112 GLU 112 112 112 GLU GLU A . n 
A 1 113 LEU 113 113 113 LEU LEU A . n 
A 1 114 SER 114 114 114 SER SER A . n 
A 1 115 ARG 115 115 115 ARG ARG A . n 
A 1 116 CYS 116 116 116 CYS CYS A . n 
A 1 117 ARG 117 117 117 ARG ARG A . n 
A 1 118 LEU 118 118 118 LEU LEU A . n 
A 1 119 TRP 119 119 119 TRP TRP A . n 
A 1 120 VAL 120 120 120 VAL VAL A . n 
A 1 121 LEU 121 121 121 LEU LEU A . n 
A 1 122 ARG 122 122 122 ARG ARG A . n 
A 1 123 GLY 123 123 123 GLY GLY A . n 
A 1 124 GLY 124 124 124 GLY GLY A . n 
A 1 125 PHE 125 125 125 PHE PHE A . n 
A 1 126 SER 126 126 126 SER SER A . n 
A 1 127 ARG 127 127 127 ARG ARG A . n 
A 1 128 TRP 128 128 128 TRP TRP A . n 
A 1 129 GLN 129 129 129 GLN GLN A . n 
A 1 130 SER 130 130 130 SER SER A . n 
A 1 131 VAL 131 131 131 VAL VAL A . n 
A 1 132 TYR 132 132 132 TYR TYR A . n 
A 1 133 GLY 133 133 133 GLY GLY A . n 
A 1 134 ASP 134 134 134 ASP ASP A . n 
A 1 135 ASP 135 135 135 ASP ASP A . n 
A 1 136 GLU 136 136 136 GLU GLU A . n 
A 1 137 SER 137 137 137 SER SER A . n 
A 1 138 VAL 138 138 138 VAL VAL A . n 
A 1 139 THR 139 139 139 THR THR A . n 
A 1 140 ALA 140 140 140 ALA ALA A . n 
A 1 141 GLY 141 141 141 GLY GLY A . n 
A 1 142 TYR 142 142 142 TYR TYR A . n 
A 1 143 LEU 143 143 143 LEU LEU A . n 
A 1 144 PRO 144 144 144 PRO PRO A . n 
A 1 145 ASP 145 145 145 ASP ASP A . n 
A 1 146 LEU 146 146 146 LEU LEU A . n 
A 1 147 TRP 147 147 147 TRP TRP A . n 
A 1 148 ARG 148 148 148 ARG ALA A . n 
A 1 149 ALA 149 149 149 ALA ALA A . n 
A 1 150 ALA 150 150 150 ALA ALA A . n 
A 1 151 ALA 151 151 151 ALA ALA A . n 
A 1 152 ALA 152 152 152 ALA ALA A . n 
# 
loop_
_pdbx_nonpoly_scheme.asym_id 
_pdbx_nonpoly_scheme.entity_id 
_pdbx_nonpoly_scheme.mon_id 
_pdbx_nonpoly_scheme.ndb_seq_num 
_pdbx_nonpoly_scheme.pdb_seq_num 
_pdbx_nonpoly_scheme.auth_seq_num 
_pdbx_nonpoly_scheme.pdb_mon_id 
_pdbx_nonpoly_scheme.auth_mon_id 
_pdbx_nonpoly_scheme.pdb_strand_id 
_pdbx_nonpoly_scheme.pdb_ins_code 
B 2 HOH 1  153 1  HOH TIP A . 
B 2 HOH 2  154 2  HOH TIP A . 
B 2 HOH 3  155 3  HOH TIP A . 
B 2 HOH 4  156 4  HOH TIP A . 
B 2 HOH 5  157 5  HOH TIP A . 
B 2 HOH 6  158 6  HOH TIP A . 
B 2 HOH 7  159 7  HOH TIP A . 
B 2 HOH 8  160 8  HOH TIP A . 
B 2 HOH 9  161 9  HOH TIP A . 
B 2 HOH 10 162 10 HOH TIP A . 
B 2 HOH 11 163 11 HOH TIP A . 
B 2 HOH 12 164 12 HOH TIP A . 
B 2 HOH 13 165 13 HOH TIP A . 
B 2 HOH 14 166 14 HOH TIP A . 
B 2 HOH 15 167 15 HOH TIP A . 
B 2 HOH 16 168 16 HOH TIP A . 
B 2 HOH 17 169 17 HOH TIP A . 
B 2 HOH 18 170 18 HOH TIP A . 
B 2 HOH 19 171 19 HOH TIP A . 
B 2 HOH 20 172 20 HOH TIP A . 
B 2 HOH 21 173 21 HOH TIP A . 
B 2 HOH 22 174 22 HOH TIP A . 
B 2 HOH 23 175 23 HOH TIP A . 
B 2 HOH 24 176 24 HOH TIP A . 
B 2 HOH 25 177 25 HOH TIP A . 
B 2 HOH 26 178 26 HOH TIP A . 
B 2 HOH 27 179 27 HOH TIP A . 
B 2 HOH 28 180 28 HOH TIP A . 
B 2 HOH 29 181 29 HOH TIP A . 
B 2 HOH 30 182 30 HOH TIP A . 
B 2 HOH 31 183 31 HOH TIP A . 
B 2 HOH 32 184 32 HOH TIP A . 
B 2 HOH 33 185 33 HOH TIP A . 
B 2 HOH 34 186 34 HOH TIP A . 
B 2 HOH 35 187 35 HOH TIP A . 
B 2 HOH 36 188 36 HOH TIP A . 
B 2 HOH 37 189 37 HOH TIP A . 
B 2 HOH 38 190 38 HOH TIP A . 
B 2 HOH 39 191 39 HOH TIP A . 
B 2 HOH 40 192 40 HOH TIP A . 
B 2 HOH 41 193 41 HOH TIP A . 
B 2 HOH 42 194 42 HOH TIP A . 
B 2 HOH 43 195 43 HOH TIP A . 
B 2 HOH 44 196 44 HOH TIP A . 
B 2 HOH 45 197 45 HOH TIP A . 
B 2 HOH 46 198 46 HOH TIP A . 
B 2 HOH 47 199 47 HOH TIP A . 
B 2 HOH 48 200 48 HOH TIP A . 
B 2 HOH 49 201 49 HOH TIP A . 
B 2 HOH 50 202 50 HOH TIP A . 
B 2 HOH 51 203 51 HOH TIP A . 
B 2 HOH 52 204 52 HOH TIP A . 
B 2 HOH 53 205 53 HOH TIP A . 
B 2 HOH 54 206 54 HOH TIP A . 
B 2 HOH 55 207 55 HOH TIP A . 
B 2 HOH 56 208 56 HOH TIP A . 
B 2 HOH 57 209 57 HOH TIP A . 
B 2 HOH 58 210 58 HOH TIP A . 
B 2 HOH 59 211 59 HOH TIP A . 
B 2 HOH 60 212 60 HOH TIP A . 
B 2 HOH 61 213 61 HOH TIP A . 
B 2 HOH 62 214 62 HOH TIP A . 
B 2 HOH 63 215 63 HOH TIP A . 
B 2 HOH 64 216 64 HOH TIP A . 
B 2 HOH 65 217 65 HOH TIP A . 
B 2 HOH 66 218 66 HOH TIP A . 
B 2 HOH 67 219 67 HOH TIP A . 
B 2 HOH 68 220 68 HOH TIP A . 
B 2 HOH 69 221 69 HOH TIP A . 
B 2 HOH 70 222 70 HOH TIP A . 
B 2 HOH 71 223 71 HOH TIP A . 
B 2 HOH 72 224 72 HOH TIP A . 
B 2 HOH 73 225 73 HOH TIP A . 
B 2 HOH 74 226 74 HOH TIP A . 
B 2 HOH 75 227 75 HOH TIP A . 
B 2 HOH 76 228 76 HOH TIP A . 
B 2 HOH 77 229 77 HOH TIP A . 
B 2 HOH 78 230 78 HOH TIP A . 
B 2 HOH 79 231 79 HOH TIP A . 
B 2 HOH 80 232 80 HOH TIP A . 
B 2 HOH 81 233 81 HOH TIP A . 
B 2 HOH 82 234 82 HOH TIP A . 
B 2 HOH 83 235 83 HOH TIP A . 
B 2 HOH 84 236 84 HOH TIP A . 
B 2 HOH 85 237 85 HOH TIP A . 
B 2 HOH 86 238 86 HOH TIP A . 
B 2 HOH 87 239 87 HOH TIP A . 
B 2 HOH 88 240 88 HOH TIP A . 
B 2 HOH 89 241 89 HOH TIP A . 
B 2 HOH 90 242 90 HOH TIP A . 
# 
loop_
_pdbx_unobs_or_zero_occ_atoms.id 
_pdbx_unobs_or_zero_occ_atoms.PDB_model_num 
_pdbx_unobs_or_zero_occ_atoms.polymer_flag 
_pdbx_unobs_or_zero_occ_atoms.occupancy_flag 
_pdbx_unobs_or_zero_occ_atoms.auth_asym_id 
_pdbx_unobs_or_zero_occ_atoms.auth_comp_id 
_pdbx_unobs_or_zero_occ_atoms.auth_seq_id 
_pdbx_unobs_or_zero_occ_atoms.PDB_ins_code 
_pdbx_unobs_or_zero_occ_atoms.auth_atom_id 
_pdbx_unobs_or_zero_occ_atoms.label_alt_id 
_pdbx_unobs_or_zero_occ_atoms.label_asym_id 
_pdbx_unobs_or_zero_occ_atoms.label_comp_id 
_pdbx_unobs_or_zero_occ_atoms.label_seq_id 
_pdbx_unobs_or_zero_occ_atoms.label_atom_id 
1 1 Y 1 A ARG 148 ? CG  ? A ARG 148 CG  
2 1 Y 1 A ARG 148 ? CD  ? A ARG 148 CD  
3 1 Y 1 A ARG 148 ? NE  ? A ARG 148 NE  
4 1 Y 1 A ARG 148 ? CZ  ? A ARG 148 CZ  
5 1 Y 1 A ARG 148 ? NH1 ? A ARG 148 NH1 
6 1 Y 1 A ARG 148 ? NH2 ? A ARG 148 NH2 
# 
loop_
_software.name 
_software.classification 
_software.version 
_software.citation_id 
_software.pdbx_ordinal 
HKL-2000 'data collection' .   ? 1 
MLPHARE  phasing           .   ? 2 
CNS      refinement        1.0 ? 3 
HKL-2000 'data reduction'  .   ? 4 
HKL-2000 'data scaling'    .   ? 5 
# 
_cell.entry_id           3FS5 
_cell.length_a           40.482 
_cell.length_b           50.954 
_cell.length_c           91.952 
_cell.angle_alpha        90.00 
_cell.angle_beta         90.00 
_cell.angle_gamma        90.00 
_cell.Z_PDB              4 
_cell.pdbx_unique_axis   ? 
_cell.length_a_esd       ? 
_cell.length_b_esd       ? 
_cell.length_c_esd       ? 
_cell.angle_alpha_esd    ? 
_cell.angle_beta_esd     ? 
_cell.angle_gamma_esd    ? 
# 
_symmetry.entry_id                         3FS5 
_symmetry.space_group_name_H-M             'P 21 21 21' 
_symmetry.pdbx_full_space_group_name_H-M   ? 
_symmetry.cell_setting                     ? 
_symmetry.Int_Tables_number                19 
_symmetry.space_group_name_Hall            ? 
# 
_exptl.entry_id          3FS5 
_exptl.method            'X-RAY DIFFRACTION' 
_exptl.crystals_number   1 
# 
_exptl_crystal.id                    1 
_exptl_crystal.density_meas          ? 
_exptl_crystal.density_Matthews      2.69 
_exptl_crystal.density_percent_sol   54.26 
_exptl_crystal.description           ? 
_exptl_crystal.F_000                 ? 
_exptl_crystal.preparation           ? 
# 
_exptl_crystal_grow.crystal_id      1 
_exptl_crystal_grow.method          'VAPOR DIFFUSION, HANGING DROP' 
_exptl_crystal_grow.temp            295.0 
_exptl_crystal_grow.temp_details    ? 
_exptl_crystal_grow.pH              ? 
_exptl_crystal_grow.pdbx_details    '1.0 - 1.4M NaCl, VAPOR DIFFUSION, HANGING DROP, temperature 295.0K' 
_exptl_crystal_grow.pdbx_pH_range   . 
# 
_diffrn.id                     1 
_diffrn.ambient_temp           295.0 
_diffrn.ambient_temp_details   ? 
_diffrn.crystal_id             1 
# 
_diffrn_detector.diffrn_id              1 
_diffrn_detector.detector               'IMAGE PLATE' 
_diffrn_detector.type                   'MAC Science DIP-2030' 
_diffrn_detector.pdbx_collection_date   2000-02-01 
_diffrn_detector.details                mirrors 
# 
_diffrn_radiation.diffrn_id                        1 
_diffrn_radiation.wavelength_id                    1 
_diffrn_radiation.pdbx_monochromatic_or_laue_m_l   M 
_diffrn_radiation.monochromator                    GRAPHITE 
_diffrn_radiation.pdbx_diffrn_protocol             'SINGLE WAVELENGTH' 
_diffrn_radiation.pdbx_scattering_type             x-ray 
# 
_diffrn_radiation_wavelength.id           1 
_diffrn_radiation_wavelength.wavelength   1.5418 
_diffrn_radiation_wavelength.wt           1.0 
# 
_diffrn_source.diffrn_id                   1 
_diffrn_source.source                      'ROTATING ANODE' 
_diffrn_source.type                        'RIGAKU RU200' 
_diffrn_source.pdbx_synchrotron_site       ? 
_diffrn_source.pdbx_synchrotron_beamline   ? 
_diffrn_source.pdbx_wavelength             ? 
_diffrn_source.pdbx_wavelength_list        1.5418 
# 
_reflns.entry_id                     3FS5 
_reflns.observed_criterion_sigma_I   1.0 
_reflns.observed_criterion_sigma_F   ? 
_reflns.d_resolution_low             20.0 
_reflns.d_resolution_high            1.90 
_reflns.number_obs                   14393 
_reflns.number_all                   ? 
_reflns.percent_possible_obs         ? 
_reflns.pdbx_Rmerge_I_obs            0.07 
_reflns.pdbx_Rsym_value              ? 
_reflns.pdbx_netI_over_sigmaI        27.3 
_reflns.B_iso_Wilson_estimate        ? 
_reflns.pdbx_redundancy              ? 
_reflns.R_free_details               ? 
_reflns.limit_h_max                  ? 
_reflns.limit_h_min                  ? 
_reflns.limit_k_max                  ? 
_reflns.limit_k_min                  ? 
_reflns.limit_l_max                  ? 
_reflns.limit_l_min                  ? 
_reflns.observed_criterion_F_max     ? 
_reflns.observed_criterion_F_min     ? 
_reflns.pdbx_chi_squared             ? 
_reflns.pdbx_scaling_rejects         ? 
_reflns.pdbx_diffrn_id               1 
_reflns.pdbx_ordinal                 1 
# 
_reflns_shell.d_res_high             1.90 
_reflns_shell.d_res_low              1.97 
_reflns_shell.percent_possible_all   ? 
_reflns_shell.Rmerge_I_obs           0.378 
_reflns_shell.pdbx_Rsym_value        ? 
_reflns_shell.meanI_over_sigI_obs    4.0 
_reflns_shell.pdbx_redundancy        ? 
_reflns_shell.percent_possible_obs   ? 
_reflns_shell.number_unique_all      ? 
_reflns_shell.number_measured_all    ? 
_reflns_shell.number_measured_obs    ? 
_reflns_shell.number_unique_obs      ? 
_reflns_shell.pdbx_chi_squared       ? 
_reflns_shell.pdbx_diffrn_id         ? 
_reflns_shell.pdbx_ordinal           1 
# 
_refine.entry_id                                 3FS5 
_refine.ls_number_reflns_obs                     12955 
_refine.ls_number_reflns_all                     ? 
_refine.pdbx_ls_sigma_I                          ? 
_refine.pdbx_ls_sigma_F                          0 
_refine.pdbx_data_cutoff_high_absF               ? 
_refine.pdbx_data_cutoff_low_absF                ? 
_refine.pdbx_data_cutoff_high_rms_absF           ? 
_refine.ls_d_res_low                             20.0 
_refine.ls_d_res_high                            1.90 
_refine.ls_percent_reflns_obs                    ? 
_refine.ls_R_factor_obs                          ? 
_refine.ls_R_factor_all                          ? 
_refine.ls_R_factor_R_work                       0.182 
_refine.ls_R_factor_R_free                       0.205 
_refine.ls_R_factor_R_free_error                 ? 
_refine.ls_R_factor_R_free_error_details         ? 
_refine.ls_percent_reflns_R_free                 ? 
_refine.ls_number_reflns_R_free                  1344 
_refine.ls_number_parameters                     ? 
_refine.ls_number_restraints                     ? 
_refine.occupancy_min                            ? 
_refine.occupancy_max                            ? 
_refine.correlation_coeff_Fo_to_Fc               ? 
_refine.correlation_coeff_Fo_to_Fc_free          ? 
_refine.B_iso_mean                               ? 
_refine.aniso_B[1][1]                            ? 
_refine.aniso_B[2][2]                            ? 
_refine.aniso_B[3][3]                            ? 
_refine.aniso_B[1][2]                            ? 
_refine.aniso_B[1][3]                            ? 
_refine.aniso_B[2][3]                            ? 
_refine.solvent_model_details                    ? 
_refine.solvent_model_param_ksol                 ? 
_refine.solvent_model_param_bsol                 ? 
_refine.pdbx_solvent_vdw_probe_radii             ? 
_refine.pdbx_solvent_ion_probe_radii             ? 
_refine.pdbx_solvent_shrinkage_radii             ? 
_refine.pdbx_ls_cross_valid_method               ? 
_refine.details                                  ? 
_refine.pdbx_starting_model                      ? 
_refine.pdbx_method_to_determine_struct          MIR 
_refine.pdbx_isotropic_thermal_model             ? 
_refine.pdbx_stereochemistry_target_values       'Engh & Huber' 
_refine.pdbx_stereochem_target_val_spec_case     ? 
_refine.pdbx_R_Free_selection_details            RANDOM 
_refine.pdbx_overall_ESU_R                       ? 
_refine.pdbx_overall_ESU_R_Free                  ? 
_refine.overall_SU_ML                            ? 
_refine.overall_SU_B                             ? 
_refine.ls_redundancy_reflns_obs                 ? 
_refine.B_iso_min                                ? 
_refine.B_iso_max                                ? 
_refine.overall_SU_R_Cruickshank_DPI             ? 
_refine.overall_SU_R_free                        ? 
_refine.ls_wR_factor_R_free                      ? 
_refine.ls_wR_factor_R_work                      ? 
_refine.overall_FOM_free_R_set                   ? 
_refine.overall_FOM_work_R_set                   ? 
_refine.pdbx_refine_id                           'X-RAY DIFFRACTION' 
_refine.pdbx_overall_phase_error                 ? 
_refine.pdbx_diffrn_id                           1 
_refine.pdbx_TLS_residual_ADP_flag               ? 
_refine.pdbx_overall_SU_R_free_Cruickshank_DPI   ? 
_refine.pdbx_overall_SU_R_Blow_DPI               ? 
_refine.pdbx_overall_SU_R_free_Blow_DPI          ? 
# 
_refine_hist.pdbx_refine_id                   'X-RAY DIFFRACTION' 
_refine_hist.cycle_id                         LAST 
_refine_hist.pdbx_number_atoms_protein        1233 
_refine_hist.pdbx_number_atoms_nucleic_acid   0 
_refine_hist.pdbx_number_atoms_ligand         0 
_refine_hist.number_atoms_solvent             90 
_refine_hist.number_atoms_total               1323 
_refine_hist.d_res_high                       1.90 
_refine_hist.d_res_low                        20.0 
# 
loop_
_refine_ls_restr.type 
_refine_ls_restr.dev_ideal 
_refine_ls_restr.dev_ideal_target 
_refine_ls_restr.weight 
_refine_ls_restr.number 
_refine_ls_restr.pdbx_refine_id 
_refine_ls_restr.pdbx_restraint_function 
c_angle_deg 1.01  ? ? ? 'X-RAY DIFFRACTION' ? 
c_bond_d    0.005 ? ? ? 'X-RAY DIFFRACTION' ? 
# 
_struct.entry_id                  3FS5 
_struct.title                     
'Crystal structure of Saccharomyces cerevisiae Ygr203w, a homolog of single-domain rhodanese and Cdc25 phosphatase catalytic domain' 
_struct.pdbx_model_details        ? 
_struct.pdbx_CASP_flag            ? 
_struct.pdbx_model_type_details   ? 
# 
_struct_keywords.entry_id        3FS5 
_struct_keywords.pdbx_keywords   TRANSFERASE 
_struct_keywords.text            'rhodanese family, Transferase' 
# 
loop_
_struct_asym.id 
_struct_asym.pdbx_blank_PDB_chainid_flag 
_struct_asym.pdbx_modified 
_struct_asym.entity_id 
_struct_asym.details 
A N N 1 ? 
B N N 2 ? 
# 
_struct_ref.id                         1 
_struct_ref.db_name                    UNP 
_struct_ref.db_code                    YG4E_YEAST 
_struct_ref.pdbx_db_accession          P42937 
_struct_ref.entity_id                  1 
_struct_ref.pdbx_seq_one_letter_code   
;MDSYSITNVKYLDPTELHRWMQEGHTTTLREPFQVVDVRGSDYMGGHIKDGWHYAYSRLKQDPEYLRELKHRLLEKQADG
RGALNVIFHCMLSQQRGPSAAMLLLRSLDTAELSRCRLWVLRGGFSRWQSVYGDDESVTAGYLPDLWR
;
_struct_ref.pdbx_align_begin           1 
_struct_ref.pdbx_db_isoform            ? 
# 
_struct_ref_seq.align_id                      1 
_struct_ref_seq.ref_id                        1 
_struct_ref_seq.pdbx_PDB_id_code              3FS5 
_struct_ref_seq.pdbx_strand_id                A 
_struct_ref_seq.seq_align_beg                 1 
_struct_ref_seq.pdbx_seq_align_beg_ins_code   ? 
_struct_ref_seq.seq_align_end                 148 
_struct_ref_seq.pdbx_seq_align_end_ins_code   ? 
_struct_ref_seq.pdbx_db_accession             P42937 
_struct_ref_seq.db_align_beg                  1 
_struct_ref_seq.pdbx_db_align_beg_ins_code    ? 
_struct_ref_seq.db_align_end                  148 
_struct_ref_seq.pdbx_db_align_end_ins_code    ? 
_struct_ref_seq.pdbx_auth_seq_align_beg       1 
_struct_ref_seq.pdbx_auth_seq_align_end       148 
# 
loop_
_struct_ref_seq_dif.align_id 
_struct_ref_seq_dif.pdbx_pdb_id_code 
_struct_ref_seq_dif.mon_id 
_struct_ref_seq_dif.pdbx_pdb_strand_id 
_struct_ref_seq_dif.seq_num 
_struct_ref_seq_dif.pdbx_pdb_ins_code 
_struct_ref_seq_dif.pdbx_seq_db_name 
_struct_ref_seq_dif.pdbx_seq_db_accession_code 
_struct_ref_seq_dif.db_mon_id 
_struct_ref_seq_dif.pdbx_seq_db_seq_num 
_struct_ref_seq_dif.details 
_struct_ref_seq_dif.pdbx_auth_seq_num 
_struct_ref_seq_dif.pdbx_ordinal 
1 3FS5 ALA A 149 ? UNP P42937 ? ? 'expression tag' 149 1 
1 3FS5 ALA A 150 ? UNP P42937 ? ? 'expression tag' 150 2 
1 3FS5 ALA A 151 ? UNP P42937 ? ? 'expression tag' 151 3 
1 3FS5 ALA A 152 ? UNP P42937 ? ? 'expression tag' 152 4 
# 
_pdbx_struct_assembly.id                   1 
_pdbx_struct_assembly.details              author_and_software_defined_assembly 
_pdbx_struct_assembly.method_details       PISA 
_pdbx_struct_assembly.oligomeric_details   monomeric 
_pdbx_struct_assembly.oligomeric_count     1 
# 
_pdbx_struct_assembly_gen.assembly_id       1 
_pdbx_struct_assembly_gen.oper_expression   1 
_pdbx_struct_assembly_gen.asym_id_list      A,B 
# 
_pdbx_struct_oper_list.id                   1 
_pdbx_struct_oper_list.type                 'identity operation' 
_pdbx_struct_oper_list.name                 1_555 
_pdbx_struct_oper_list.symmetry_operation   x,y,z 
_pdbx_struct_oper_list.matrix[1][1]         1.0000000000 
_pdbx_struct_oper_list.matrix[1][2]         0.0000000000 
_pdbx_struct_oper_list.matrix[1][3]         0.0000000000 
_pdbx_struct_oper_list.vector[1]            0.0000000000 
_pdbx_struct_oper_list.matrix[2][1]         0.0000000000 
_pdbx_struct_oper_list.matrix[2][2]         1.0000000000 
_pdbx_struct_oper_list.matrix[2][3]         0.0000000000 
_pdbx_struct_oper_list.vector[2]            0.0000000000 
_pdbx_struct_oper_list.matrix[3][1]         0.0000000000 
_pdbx_struct_oper_list.matrix[3][2]         0.0000000000 
_pdbx_struct_oper_list.matrix[3][3]         1.0000000000 
_pdbx_struct_oper_list.vector[3]            0.0000000000 
# 
_struct_biol.id        1 
_struct_biol.details   ? 
# 
loop_
_struct_conf.conf_type_id 
_struct_conf.id 
_struct_conf.pdbx_PDB_helix_id 
_struct_conf.beg_label_comp_id 
_struct_conf.beg_label_asym_id 
_struct_conf.beg_label_seq_id 
_struct_conf.pdbx_beg_PDB_ins_code 
_struct_conf.end_label_comp_id 
_struct_conf.end_label_asym_id 
_struct_conf.end_label_seq_id 
_struct_conf.pdbx_end_PDB_ins_code 
_struct_conf.beg_auth_comp_id 
_struct_conf.beg_auth_asym_id 
_struct_conf.beg_auth_seq_id 
_struct_conf.end_auth_comp_id 
_struct_conf.end_auth_asym_id 
_struct_conf.end_auth_seq_id 
_struct_conf.pdbx_PDB_helix_class 
_struct_conf.details 
_struct_conf.pdbx_PDB_helix_length 
HELX_P HELX_P1 1 SER A 5   ? VAL A 9   ? SER A 5   VAL A 9   5 ? 5  
HELX_P HELX_P2 2 ASP A 13  ? GLY A 24  ? ASP A 13  GLY A 24  1 ? 12 
HELX_P HELX_P3 3 GLY A 40  ? MET A 44  ? GLY A 40  MET A 44  5 ? 5  
HELX_P HELX_P4 4 ALA A 55  ? ASP A 62  ? ALA A 55  ASP A 62  1 ? 8  
HELX_P HELX_P5 5 ASP A 62  ? ASP A 79  ? ASP A 62  ASP A 79  1 ? 18 
HELX_P HELX_P6 6 GLN A 95  ? SER A 107 ? GLN A 95  SER A 107 1 ? 13 
HELX_P HELX_P7 7 GLU A 112 ? SER A 114 ? GLU A 112 SER A 114 5 ? 3  
HELX_P HELX_P8 8 GLY A 123 ? GLY A 133 ? GLY A 123 GLY A 133 1 ? 11 
HELX_P HELX_P9 9 LEU A 143 ? ARG A 148 ? LEU A 143 ARG A 148 1 ? 6  
# 
_struct_conf_type.id          HELX_P 
_struct_conf_type.criteria    ? 
_struct_conf_type.reference   ? 
# 
loop_
_struct_conn.id 
_struct_conn.conn_type_id 
_struct_conn.pdbx_leaving_atom_flag 
_struct_conn.pdbx_PDB_id 
_struct_conn.ptnr1_label_asym_id 
_struct_conn.ptnr1_label_comp_id 
_struct_conn.ptnr1_label_seq_id 
_struct_conn.ptnr1_label_atom_id 
_struct_conn.pdbx_ptnr1_label_alt_id 
_struct_conn.pdbx_ptnr1_PDB_ins_code 
_struct_conn.pdbx_ptnr1_standard_comp_id 
_struct_conn.ptnr1_symmetry 
_struct_conn.ptnr2_label_asym_id 
_struct_conn.ptnr2_label_comp_id 
_struct_conn.ptnr2_label_seq_id 
_struct_conn.ptnr2_label_atom_id 
_struct_conn.pdbx_ptnr2_label_alt_id 
_struct_conn.pdbx_ptnr2_PDB_ins_code 
_struct_conn.ptnr1_auth_asym_id 
_struct_conn.ptnr1_auth_comp_id 
_struct_conn.ptnr1_auth_seq_id 
_struct_conn.ptnr2_auth_asym_id 
_struct_conn.ptnr2_auth_comp_id 
_struct_conn.ptnr2_auth_seq_id 
_struct_conn.ptnr2_symmetry 
_struct_conn.pdbx_ptnr3_label_atom_id 
_struct_conn.pdbx_ptnr3_label_seq_id 
_struct_conn.pdbx_ptnr3_label_comp_id 
_struct_conn.pdbx_ptnr3_label_asym_id 
_struct_conn.pdbx_ptnr3_label_alt_id 
_struct_conn.pdbx_ptnr3_PDB_ins_code 
_struct_conn.details 
_struct_conn.pdbx_dist_value 
_struct_conn.pdbx_value_order 
_struct_conn.pdbx_role 
covale1 covale both ? A HIS 89 C ? ? ? 1_555 A CME 90 N ? ? A HIS 89 A CME 90 1_555 ? ? ? ? ? ? ? 1.327 ? ? 
covale2 covale both ? A CME 90 C ? ? ? 1_555 A MET 91 N ? ? A CME 90 A MET 91 1_555 ? ? ? ? ? ? ? 1.328 ? ? 
# 
_struct_conn_type.id          covale 
_struct_conn_type.criteria    ? 
_struct_conn_type.reference   ? 
# 
_pdbx_modification_feature.ordinal                            1 
_pdbx_modification_feature.label_comp_id                      CME 
_pdbx_modification_feature.label_asym_id                      A 
_pdbx_modification_feature.label_seq_id                       90 
_pdbx_modification_feature.label_alt_id                       ? 
_pdbx_modification_feature.modified_residue_label_comp_id     . 
_pdbx_modification_feature.modified_residue_label_asym_id     . 
_pdbx_modification_feature.modified_residue_label_seq_id      . 
_pdbx_modification_feature.modified_residue_label_alt_id      . 
_pdbx_modification_feature.auth_comp_id                       CME 
_pdbx_modification_feature.auth_asym_id                       A 
_pdbx_modification_feature.auth_seq_id                        90 
_pdbx_modification_feature.PDB_ins_code                       ? 
_pdbx_modification_feature.symmetry                           1_555 
_pdbx_modification_feature.modified_residue_auth_comp_id      . 
_pdbx_modification_feature.modified_residue_auth_asym_id      . 
_pdbx_modification_feature.modified_residue_auth_seq_id       . 
_pdbx_modification_feature.modified_residue_PDB_ins_code      . 
_pdbx_modification_feature.modified_residue_symmetry          . 
_pdbx_modification_feature.comp_id_linking_atom               . 
_pdbx_modification_feature.modified_residue_id_linking_atom   . 
_pdbx_modification_feature.modified_residue_id                CYS 
_pdbx_modification_feature.ref_pcm_id                         1 
_pdbx_modification_feature.ref_comp_id                        CME 
_pdbx_modification_feature.type                               Beta-mercaptoethanol 
_pdbx_modification_feature.category                           'Named protein modification' 
# 
loop_
_struct_sheet.id 
_struct_sheet.type 
_struct_sheet.number_strands 
_struct_sheet.details 
A ? 5 ? 
B ? 2 ? 
# 
loop_
_struct_sheet_order.sheet_id 
_struct_sheet_order.range_id_1 
_struct_sheet_order.range_id_2 
_struct_sheet_order.offset 
_struct_sheet_order.sense 
A 1 2 ? parallel      
A 2 3 ? parallel      
A 3 4 ? parallel      
A 4 5 ? parallel      
B 1 2 ? anti-parallel 
# 
loop_
_struct_sheet_range.sheet_id 
_struct_sheet_range.id 
_struct_sheet_range.beg_label_comp_id 
_struct_sheet_range.beg_label_asym_id 
_struct_sheet_range.beg_label_seq_id 
_struct_sheet_range.pdbx_beg_PDB_ins_code 
_struct_sheet_range.end_label_comp_id 
_struct_sheet_range.end_label_asym_id 
_struct_sheet_range.end_label_seq_id 
_struct_sheet_range.pdbx_end_PDB_ins_code 
_struct_sheet_range.beg_auth_comp_id 
_struct_sheet_range.beg_auth_asym_id 
_struct_sheet_range.beg_auth_seq_id 
_struct_sheet_range.end_auth_comp_id 
_struct_sheet_range.end_auth_asym_id 
_struct_sheet_range.end_auth_seq_id 
A 1 LYS A 10  ? LEU A 12  ? LYS A 10  LEU A 12  
A 2 CYS A 116 ? LEU A 121 ? CYS A 116 LEU A 121 
A 3 LEU A 84  ? HIS A 89  ? LEU A 84  HIS A 89  
A 4 PHE A 33  ? ASP A 37  ? PHE A 33  ASP A 37  
A 5 TRP A 52  ? HIS A 53  ? TRP A 52  HIS A 53  
B 1 HIS A 47  ? ILE A 48  ? HIS A 47  ILE A 48  
B 2 THR A 139 ? ALA A 140 ? THR A 139 ALA A 140 
# 
loop_
_pdbx_struct_sheet_hbond.sheet_id 
_pdbx_struct_sheet_hbond.range_id_1 
_pdbx_struct_sheet_hbond.range_id_2 
_pdbx_struct_sheet_hbond.range_1_label_atom_id 
_pdbx_struct_sheet_hbond.range_1_label_comp_id 
_pdbx_struct_sheet_hbond.range_1_label_asym_id 
_pdbx_struct_sheet_hbond.range_1_label_seq_id 
_pdbx_struct_sheet_hbond.range_1_PDB_ins_code 
_pdbx_struct_sheet_hbond.range_1_auth_atom_id 
_pdbx_struct_sheet_hbond.range_1_auth_comp_id 
_pdbx_struct_sheet_hbond.range_1_auth_asym_id 
_pdbx_struct_sheet_hbond.range_1_auth_seq_id 
_pdbx_struct_sheet_hbond.range_2_label_atom_id 
_pdbx_struct_sheet_hbond.range_2_label_comp_id 
_pdbx_struct_sheet_hbond.range_2_label_asym_id 
_pdbx_struct_sheet_hbond.range_2_label_seq_id 
_pdbx_struct_sheet_hbond.range_2_PDB_ins_code 
_pdbx_struct_sheet_hbond.range_2_auth_atom_id 
_pdbx_struct_sheet_hbond.range_2_auth_comp_id 
_pdbx_struct_sheet_hbond.range_2_auth_asym_id 
_pdbx_struct_sheet_hbond.range_2_auth_seq_id 
A 1 2 N LYS A 10  ? N LYS A 10  O LEU A 118 ? O LEU A 118 
A 2 3 O TRP A 119 ? O TRP A 119 N VAL A 86  ? N VAL A 86  
A 3 4 O ILE A 87  ? O ILE A 87  N VAL A 36  ? N VAL A 36  
A 4 5 N ASP A 37  ? N ASP A 37  O TRP A 52  ? O TRP A 52  
B 1 2 N HIS A 47  ? N HIS A 47  O ALA A 140 ? O ALA A 140 
# 
_pdbx_entry_details.entry_id                   3FS5 
_pdbx_entry_details.compound_details           ? 
_pdbx_entry_details.source_details             ? 
_pdbx_entry_details.nonpolymer_details         ? 
_pdbx_entry_details.sequence_details           ? 
_pdbx_entry_details.has_ligand_of_interest     ? 
_pdbx_entry_details.has_protein_modification   Y 
# 
loop_
_pdbx_validate_torsion.id 
_pdbx_validate_torsion.PDB_model_num 
_pdbx_validate_torsion.auth_comp_id 
_pdbx_validate_torsion.auth_asym_id 
_pdbx_validate_torsion.auth_seq_id 
_pdbx_validate_torsion.PDB_ins_code 
_pdbx_validate_torsion.label_alt_id 
_pdbx_validate_torsion.phi 
_pdbx_validate_torsion.psi 
1 1 CME A 90  ? ? -112.63 -158.30 
2 1 LEU A 92  ? ? -124.66 -166.13 
3 1 ALA A 150 ? ? -105.02 65.33   
4 1 ALA A 151 ? ? -83.49  -138.67 
# 
_pdbx_struct_mod_residue.id               1 
_pdbx_struct_mod_residue.label_asym_id    A 
_pdbx_struct_mod_residue.label_comp_id    CME 
_pdbx_struct_mod_residue.label_seq_id     90 
_pdbx_struct_mod_residue.auth_asym_id     A 
_pdbx_struct_mod_residue.auth_comp_id     CME 
_pdbx_struct_mod_residue.auth_seq_id      90 
_pdbx_struct_mod_residue.PDB_ins_code     ? 
_pdbx_struct_mod_residue.parent_comp_id   CYS 
_pdbx_struct_mod_residue.details          'S,S-(2-HYDROXYETHYL)THIOCYSTEINE' 
# 
loop_
_chem_comp_atom.comp_id 
_chem_comp_atom.atom_id 
_chem_comp_atom.type_symbol 
_chem_comp_atom.pdbx_aromatic_flag 
_chem_comp_atom.pdbx_stereo_config 
_chem_comp_atom.pdbx_ordinal 
ALA N    N N N 1   
ALA CA   C N S 2   
ALA C    C N N 3   
ALA O    O N N 4   
ALA CB   C N N 5   
ALA OXT  O N N 6   
ALA H    H N N 7   
ALA H2   H N N 8   
ALA HA   H N N 9   
ALA HB1  H N N 10  
ALA HB2  H N N 11  
ALA HB3  H N N 12  
ALA HXT  H N N 13  
ARG N    N N N 14  
ARG CA   C N S 15  
ARG C    C N N 16  
ARG O    O N N 17  
ARG CB   C N N 18  
ARG CG   C N N 19  
ARG CD   C N N 20  
ARG NE   N N N 21  
ARG CZ   C N N 22  
ARG NH1  N N N 23  
ARG NH2  N N N 24  
ARG OXT  O N N 25  
ARG H    H N N 26  
ARG H2   H N N 27  
ARG HA   H N N 28  
ARG HB2  H N N 29  
ARG HB3  H N N 30  
ARG HG2  H N N 31  
ARG HG3  H N N 32  
ARG HD2  H N N 33  
ARG HD3  H N N 34  
ARG HE   H N N 35  
ARG HH11 H N N 36  
ARG HH12 H N N 37  
ARG HH21 H N N 38  
ARG HH22 H N N 39  
ARG HXT  H N N 40  
ASN N    N N N 41  
ASN CA   C N S 42  
ASN C    C N N 43  
ASN O    O N N 44  
ASN CB   C N N 45  
ASN CG   C N N 46  
ASN OD1  O N N 47  
ASN ND2  N N N 48  
ASN OXT  O N N 49  
ASN H    H N N 50  
ASN H2   H N N 51  
ASN HA   H N N 52  
ASN HB2  H N N 53  
ASN HB3  H N N 54  
ASN HD21 H N N 55  
ASN HD22 H N N 56  
ASN HXT  H N N 57  
ASP N    N N N 58  
ASP CA   C N S 59  
ASP C    C N N 60  
ASP O    O N N 61  
ASP CB   C N N 62  
ASP CG   C N N 63  
ASP OD1  O N N 64  
ASP OD2  O N N 65  
ASP OXT  O N N 66  
ASP H    H N N 67  
ASP H2   H N N 68  
ASP HA   H N N 69  
ASP HB2  H N N 70  
ASP HB3  H N N 71  
ASP HD2  H N N 72  
ASP HXT  H N N 73  
CME N    N N N 74  
CME CA   C N R 75  
CME CB   C N N 76  
CME SG   S N N 77  
CME SD   S N N 78  
CME CE   C N N 79  
CME CZ   C N N 80  
CME OH   O N N 81  
CME C    C N N 82  
CME O    O N N 83  
CME OXT  O N N 84  
CME H    H N N 85  
CME H2   H N N 86  
CME HA   H N N 87  
CME HB2  H N N 88  
CME HB3  H N N 89  
CME HE2  H N N 90  
CME HE3  H N N 91  
CME HZ2  H N N 92  
CME HZ3  H N N 93  
CME HH   H N N 94  
CME HXT  H N N 95  
CYS N    N N N 96  
CYS CA   C N R 97  
CYS C    C N N 98  
CYS O    O N N 99  
CYS CB   C N N 100 
CYS SG   S N N 101 
CYS OXT  O N N 102 
CYS H    H N N 103 
CYS H2   H N N 104 
CYS HA   H N N 105 
CYS HB2  H N N 106 
CYS HB3  H N N 107 
CYS HG   H N N 108 
CYS HXT  H N N 109 
GLN N    N N N 110 
GLN CA   C N S 111 
GLN C    C N N 112 
GLN O    O N N 113 
GLN CB   C N N 114 
GLN CG   C N N 115 
GLN CD   C N N 116 
GLN OE1  O N N 117 
GLN NE2  N N N 118 
GLN OXT  O N N 119 
GLN H    H N N 120 
GLN H2   H N N 121 
GLN HA   H N N 122 
GLN HB2  H N N 123 
GLN HB3  H N N 124 
GLN HG2  H N N 125 
GLN HG3  H N N 126 
GLN HE21 H N N 127 
GLN HE22 H N N 128 
GLN HXT  H N N 129 
GLU N    N N N 130 
GLU CA   C N S 131 
GLU C    C N N 132 
GLU O    O N N 133 
GLU CB   C N N 134 
GLU CG   C N N 135 
GLU CD   C N N 136 
GLU OE1  O N N 137 
GLU OE2  O N N 138 
GLU OXT  O N N 139 
GLU H    H N N 140 
GLU H2   H N N 141 
GLU HA   H N N 142 
GLU HB2  H N N 143 
GLU HB3  H N N 144 
GLU HG2  H N N 145 
GLU HG3  H N N 146 
GLU HE2  H N N 147 
GLU HXT  H N N 148 
GLY N    N N N 149 
GLY CA   C N N 150 
GLY C    C N N 151 
GLY O    O N N 152 
GLY OXT  O N N 153 
GLY H    H N N 154 
GLY H2   H N N 155 
GLY HA2  H N N 156 
GLY HA3  H N N 157 
GLY HXT  H N N 158 
HIS N    N N N 159 
HIS CA   C N S 160 
HIS C    C N N 161 
HIS O    O N N 162 
HIS CB   C N N 163 
HIS CG   C Y N 164 
HIS ND1  N Y N 165 
HIS CD2  C Y N 166 
HIS CE1  C Y N 167 
HIS NE2  N Y N 168 
HIS OXT  O N N 169 
HIS H    H N N 170 
HIS H2   H N N 171 
HIS HA   H N N 172 
HIS HB2  H N N 173 
HIS HB3  H N N 174 
HIS HD1  H N N 175 
HIS HD2  H N N 176 
HIS HE1  H N N 177 
HIS HE2  H N N 178 
HIS HXT  H N N 179 
HOH O    O N N 180 
HOH H1   H N N 181 
HOH H2   H N N 182 
ILE N    N N N 183 
ILE CA   C N S 184 
ILE C    C N N 185 
ILE O    O N N 186 
ILE CB   C N S 187 
ILE CG1  C N N 188 
ILE CG2  C N N 189 
ILE CD1  C N N 190 
ILE OXT  O N N 191 
ILE H    H N N 192 
ILE H2   H N N 193 
ILE HA   H N N 194 
ILE HB   H N N 195 
ILE HG12 H N N 196 
ILE HG13 H N N 197 
ILE HG21 H N N 198 
ILE HG22 H N N 199 
ILE HG23 H N N 200 
ILE HD11 H N N 201 
ILE HD12 H N N 202 
ILE HD13 H N N 203 
ILE HXT  H N N 204 
LEU N    N N N 205 
LEU CA   C N S 206 
LEU C    C N N 207 
LEU O    O N N 208 
LEU CB   C N N 209 
LEU CG   C N N 210 
LEU CD1  C N N 211 
LEU CD2  C N N 212 
LEU OXT  O N N 213 
LEU H    H N N 214 
LEU H2   H N N 215 
LEU HA   H N N 216 
LEU HB2  H N N 217 
LEU HB3  H N N 218 
LEU HG   H N N 219 
LEU HD11 H N N 220 
LEU HD12 H N N 221 
LEU HD13 H N N 222 
LEU HD21 H N N 223 
LEU HD22 H N N 224 
LEU HD23 H N N 225 
LEU HXT  H N N 226 
LYS N    N N N 227 
LYS CA   C N S 228 
LYS C    C N N 229 
LYS O    O N N 230 
LYS CB   C N N 231 
LYS CG   C N N 232 
LYS CD   C N N 233 
LYS CE   C N N 234 
LYS NZ   N N N 235 
LYS OXT  O N N 236 
LYS H    H N N 237 
LYS H2   H N N 238 
LYS HA   H N N 239 
LYS HB2  H N N 240 
LYS HB3  H N N 241 
LYS HG2  H N N 242 
LYS HG3  H N N 243 
LYS HD2  H N N 244 
LYS HD3  H N N 245 
LYS HE2  H N N 246 
LYS HE3  H N N 247 
LYS HZ1  H N N 248 
LYS HZ2  H N N 249 
LYS HZ3  H N N 250 
LYS HXT  H N N 251 
MET N    N N N 252 
MET CA   C N S 253 
MET C    C N N 254 
MET O    O N N 255 
MET CB   C N N 256 
MET CG   C N N 257 
MET SD   S N N 258 
MET CE   C N N 259 
MET OXT  O N N 260 
MET H    H N N 261 
MET H2   H N N 262 
MET HA   H N N 263 
MET HB2  H N N 264 
MET HB3  H N N 265 
MET HG2  H N N 266 
MET HG3  H N N 267 
MET HE1  H N N 268 
MET HE2  H N N 269 
MET HE3  H N N 270 
MET HXT  H N N 271 
PHE N    N N N 272 
PHE CA   C N S 273 
PHE C    C N N 274 
PHE O    O N N 275 
PHE CB   C N N 276 
PHE CG   C Y N 277 
PHE CD1  C Y N 278 
PHE CD2  C Y N 279 
PHE CE1  C Y N 280 
PHE CE2  C Y N 281 
PHE CZ   C Y N 282 
PHE OXT  O N N 283 
PHE H    H N N 284 
PHE H2   H N N 285 
PHE HA   H N N 286 
PHE HB2  H N N 287 
PHE HB3  H N N 288 
PHE HD1  H N N 289 
PHE HD2  H N N 290 
PHE HE1  H N N 291 
PHE HE2  H N N 292 
PHE HZ   H N N 293 
PHE HXT  H N N 294 
PRO N    N N N 295 
PRO CA   C N S 296 
PRO C    C N N 297 
PRO O    O N N 298 
PRO CB   C N N 299 
PRO CG   C N N 300 
PRO CD   C N N 301 
PRO OXT  O N N 302 
PRO H    H N N 303 
PRO HA   H N N 304 
PRO HB2  H N N 305 
PRO HB3  H N N 306 
PRO HG2  H N N 307 
PRO HG3  H N N 308 
PRO HD2  H N N 309 
PRO HD3  H N N 310 
PRO HXT  H N N 311 
SER N    N N N 312 
SER CA   C N S 313 
SER C    C N N 314 
SER O    O N N 315 
SER CB   C N N 316 
SER OG   O N N 317 
SER OXT  O N N 318 
SER H    H N N 319 
SER H2   H N N 320 
SER HA   H N N 321 
SER HB2  H N N 322 
SER HB3  H N N 323 
SER HG   H N N 324 
SER HXT  H N N 325 
THR N    N N N 326 
THR CA   C N S 327 
THR C    C N N 328 
THR O    O N N 329 
THR CB   C N R 330 
THR OG1  O N N 331 
THR CG2  C N N 332 
THR OXT  O N N 333 
THR H    H N N 334 
THR H2   H N N 335 
THR HA   H N N 336 
THR HB   H N N 337 
THR HG1  H N N 338 
THR HG21 H N N 339 
THR HG22 H N N 340 
THR HG23 H N N 341 
THR HXT  H N N 342 
TRP N    N N N 343 
TRP CA   C N S 344 
TRP C    C N N 345 
TRP O    O N N 346 
TRP CB   C N N 347 
TRP CG   C Y N 348 
TRP CD1  C Y N 349 
TRP CD2  C Y N 350 
TRP NE1  N Y N 351 
TRP CE2  C Y N 352 
TRP CE3  C Y N 353 
TRP CZ2  C Y N 354 
TRP CZ3  C Y N 355 
TRP CH2  C Y N 356 
TRP OXT  O N N 357 
TRP H    H N N 358 
TRP H2   H N N 359 
TRP HA   H N N 360 
TRP HB2  H N N 361 
TRP HB3  H N N 362 
TRP HD1  H N N 363 
TRP HE1  H N N 364 
TRP HE3  H N N 365 
TRP HZ2  H N N 366 
TRP HZ3  H N N 367 
TRP HH2  H N N 368 
TRP HXT  H N N 369 
TYR N    N N N 370 
TYR CA   C N S 371 
TYR C    C N N 372 
TYR O    O N N 373 
TYR CB   C N N 374 
TYR CG   C Y N 375 
TYR CD1  C Y N 376 
TYR CD2  C Y N 377 
TYR CE1  C Y N 378 
TYR CE2  C Y N 379 
TYR CZ   C Y N 380 
TYR OH   O N N 381 
TYR OXT  O N N 382 
TYR H    H N N 383 
TYR H2   H N N 384 
TYR HA   H N N 385 
TYR HB2  H N N 386 
TYR HB3  H N N 387 
TYR HD1  H N N 388 
TYR HD2  H N N 389 
TYR HE1  H N N 390 
TYR HE2  H N N 391 
TYR HH   H N N 392 
TYR HXT  H N N 393 
VAL N    N N N 394 
VAL CA   C N S 395 
VAL C    C N N 396 
VAL O    O N N 397 
VAL CB   C N N 398 
VAL CG1  C N N 399 
VAL CG2  C N N 400 
VAL OXT  O N N 401 
VAL H    H N N 402 
VAL H2   H N N 403 
VAL HA   H N N 404 
VAL HB   H N N 405 
VAL HG11 H N N 406 
VAL HG12 H N N 407 
VAL HG13 H N N 408 
VAL HG21 H N N 409 
VAL HG22 H N N 410 
VAL HG23 H N N 411 
VAL HXT  H N N 412 
# 
loop_
_chem_comp_bond.comp_id 
_chem_comp_bond.atom_id_1 
_chem_comp_bond.atom_id_2 
_chem_comp_bond.value_order 
_chem_comp_bond.pdbx_aromatic_flag 
_chem_comp_bond.pdbx_stereo_config 
_chem_comp_bond.pdbx_ordinal 
ALA N   CA   sing N N 1   
ALA N   H    sing N N 2   
ALA N   H2   sing N N 3   
ALA CA  C    sing N N 4   
ALA CA  CB   sing N N 5   
ALA CA  HA   sing N N 6   
ALA C   O    doub N N 7   
ALA C   OXT  sing N N 8   
ALA CB  HB1  sing N N 9   
ALA CB  HB2  sing N N 10  
ALA CB  HB3  sing N N 11  
ALA OXT HXT  sing N N 12  
ARG N   CA   sing N N 13  
ARG N   H    sing N N 14  
ARG N   H2   sing N N 15  
ARG CA  C    sing N N 16  
ARG CA  CB   sing N N 17  
ARG CA  HA   sing N N 18  
ARG C   O    doub N N 19  
ARG C   OXT  sing N N 20  
ARG CB  CG   sing N N 21  
ARG CB  HB2  sing N N 22  
ARG CB  HB3  sing N N 23  
ARG CG  CD   sing N N 24  
ARG CG  HG2  sing N N 25  
ARG CG  HG3  sing N N 26  
ARG CD  NE   sing N N 27  
ARG CD  HD2  sing N N 28  
ARG CD  HD3  sing N N 29  
ARG NE  CZ   sing N N 30  
ARG NE  HE   sing N N 31  
ARG CZ  NH1  sing N N 32  
ARG CZ  NH2  doub N N 33  
ARG NH1 HH11 sing N N 34  
ARG NH1 HH12 sing N N 35  
ARG NH2 HH21 sing N N 36  
ARG NH2 HH22 sing N N 37  
ARG OXT HXT  sing N N 38  
ASN N   CA   sing N N 39  
ASN N   H    sing N N 40  
ASN N   H2   sing N N 41  
ASN CA  C    sing N N 42  
ASN CA  CB   sing N N 43  
ASN CA  HA   sing N N 44  
ASN C   O    doub N N 45  
ASN C   OXT  sing N N 46  
ASN CB  CG   sing N N 47  
ASN CB  HB2  sing N N 48  
ASN CB  HB3  sing N N 49  
ASN CG  OD1  doub N N 50  
ASN CG  ND2  sing N N 51  
ASN ND2 HD21 sing N N 52  
ASN ND2 HD22 sing N N 53  
ASN OXT HXT  sing N N 54  
ASP N   CA   sing N N 55  
ASP N   H    sing N N 56  
ASP N   H2   sing N N 57  
ASP CA  C    sing N N 58  
ASP CA  CB   sing N N 59  
ASP CA  HA   sing N N 60  
ASP C   O    doub N N 61  
ASP C   OXT  sing N N 62  
ASP CB  CG   sing N N 63  
ASP CB  HB2  sing N N 64  
ASP CB  HB3  sing N N 65  
ASP CG  OD1  doub N N 66  
ASP CG  OD2  sing N N 67  
ASP OD2 HD2  sing N N 68  
ASP OXT HXT  sing N N 69  
CME N   CA   sing N N 70  
CME N   H    sing N N 71  
CME N   H2   sing N N 72  
CME CA  CB   sing N N 73  
CME CA  C    sing N N 74  
CME CA  HA   sing N N 75  
CME CB  SG   sing N N 76  
CME CB  HB2  sing N N 77  
CME CB  HB3  sing N N 78  
CME SG  SD   sing N N 79  
CME SD  CE   sing N N 80  
CME CE  CZ   sing N N 81  
CME CE  HE2  sing N N 82  
CME CE  HE3  sing N N 83  
CME CZ  OH   sing N N 84  
CME CZ  HZ2  sing N N 85  
CME CZ  HZ3  sing N N 86  
CME OH  HH   sing N N 87  
CME C   O    doub N N 88  
CME C   OXT  sing N N 89  
CME OXT HXT  sing N N 90  
CYS N   CA   sing N N 91  
CYS N   H    sing N N 92  
CYS N   H2   sing N N 93  
CYS CA  C    sing N N 94  
CYS CA  CB   sing N N 95  
CYS CA  HA   sing N N 96  
CYS C   O    doub N N 97  
CYS C   OXT  sing N N 98  
CYS CB  SG   sing N N 99  
CYS CB  HB2  sing N N 100 
CYS CB  HB3  sing N N 101 
CYS SG  HG   sing N N 102 
CYS OXT HXT  sing N N 103 
GLN N   CA   sing N N 104 
GLN N   H    sing N N 105 
GLN N   H2   sing N N 106 
GLN CA  C    sing N N 107 
GLN CA  CB   sing N N 108 
GLN CA  HA   sing N N 109 
GLN C   O    doub N N 110 
GLN C   OXT  sing N N 111 
GLN CB  CG   sing N N 112 
GLN CB  HB2  sing N N 113 
GLN CB  HB3  sing N N 114 
GLN CG  CD   sing N N 115 
GLN CG  HG2  sing N N 116 
GLN CG  HG3  sing N N 117 
GLN CD  OE1  doub N N 118 
GLN CD  NE2  sing N N 119 
GLN NE2 HE21 sing N N 120 
GLN NE2 HE22 sing N N 121 
GLN OXT HXT  sing N N 122 
GLU N   CA   sing N N 123 
GLU N   H    sing N N 124 
GLU N   H2   sing N N 125 
GLU CA  C    sing N N 126 
GLU CA  CB   sing N N 127 
GLU CA  HA   sing N N 128 
GLU C   O    doub N N 129 
GLU C   OXT  sing N N 130 
GLU CB  CG   sing N N 131 
GLU CB  HB2  sing N N 132 
GLU CB  HB3  sing N N 133 
GLU CG  CD   sing N N 134 
GLU CG  HG2  sing N N 135 
GLU CG  HG3  sing N N 136 
GLU CD  OE1  doub N N 137 
GLU CD  OE2  sing N N 138 
GLU OE2 HE2  sing N N 139 
GLU OXT HXT  sing N N 140 
GLY N   CA   sing N N 141 
GLY N   H    sing N N 142 
GLY N   H2   sing N N 143 
GLY CA  C    sing N N 144 
GLY CA  HA2  sing N N 145 
GLY CA  HA3  sing N N 146 
GLY C   O    doub N N 147 
GLY C   OXT  sing N N 148 
GLY OXT HXT  sing N N 149 
HIS N   CA   sing N N 150 
HIS N   H    sing N N 151 
HIS N   H2   sing N N 152 
HIS CA  C    sing N N 153 
HIS CA  CB   sing N N 154 
HIS CA  HA   sing N N 155 
HIS C   O    doub N N 156 
HIS C   OXT  sing N N 157 
HIS CB  CG   sing N N 158 
HIS CB  HB2  sing N N 159 
HIS CB  HB3  sing N N 160 
HIS CG  ND1  sing Y N 161 
HIS CG  CD2  doub Y N 162 
HIS ND1 CE1  doub Y N 163 
HIS ND1 HD1  sing N N 164 
HIS CD2 NE2  sing Y N 165 
HIS CD2 HD2  sing N N 166 
HIS CE1 NE2  sing Y N 167 
HIS CE1 HE1  sing N N 168 
HIS NE2 HE2  sing N N 169 
HIS OXT HXT  sing N N 170 
HOH O   H1   sing N N 171 
HOH O   H2   sing N N 172 
ILE N   CA   sing N N 173 
ILE N   H    sing N N 174 
ILE N   H2   sing N N 175 
ILE CA  C    sing N N 176 
ILE CA  CB   sing N N 177 
ILE CA  HA   sing N N 178 
ILE C   O    doub N N 179 
ILE C   OXT  sing N N 180 
ILE CB  CG1  sing N N 181 
ILE CB  CG2  sing N N 182 
ILE CB  HB   sing N N 183 
ILE CG1 CD1  sing N N 184 
ILE CG1 HG12 sing N N 185 
ILE CG1 HG13 sing N N 186 
ILE CG2 HG21 sing N N 187 
ILE CG2 HG22 sing N N 188 
ILE CG2 HG23 sing N N 189 
ILE CD1 HD11 sing N N 190 
ILE CD1 HD12 sing N N 191 
ILE CD1 HD13 sing N N 192 
ILE OXT HXT  sing N N 193 
LEU N   CA   sing N N 194 
LEU N   H    sing N N 195 
LEU N   H2   sing N N 196 
LEU CA  C    sing N N 197 
LEU CA  CB   sing N N 198 
LEU CA  HA   sing N N 199 
LEU C   O    doub N N 200 
LEU C   OXT  sing N N 201 
LEU CB  CG   sing N N 202 
LEU CB  HB2  sing N N 203 
LEU CB  HB3  sing N N 204 
LEU CG  CD1  sing N N 205 
LEU CG  CD2  sing N N 206 
LEU CG  HG   sing N N 207 
LEU CD1 HD11 sing N N 208 
LEU CD1 HD12 sing N N 209 
LEU CD1 HD13 sing N N 210 
LEU CD2 HD21 sing N N 211 
LEU CD2 HD22 sing N N 212 
LEU CD2 HD23 sing N N 213 
LEU OXT HXT  sing N N 214 
LYS N   CA   sing N N 215 
LYS N   H    sing N N 216 
LYS N   H2   sing N N 217 
LYS CA  C    sing N N 218 
LYS CA  CB   sing N N 219 
LYS CA  HA   sing N N 220 
LYS C   O    doub N N 221 
LYS C   OXT  sing N N 222 
LYS CB  CG   sing N N 223 
LYS CB  HB2  sing N N 224 
LYS CB  HB3  sing N N 225 
LYS CG  CD   sing N N 226 
LYS CG  HG2  sing N N 227 
LYS CG  HG3  sing N N 228 
LYS CD  CE   sing N N 229 
LYS CD  HD2  sing N N 230 
LYS CD  HD3  sing N N 231 
LYS CE  NZ   sing N N 232 
LYS CE  HE2  sing N N 233 
LYS CE  HE3  sing N N 234 
LYS NZ  HZ1  sing N N 235 
LYS NZ  HZ2  sing N N 236 
LYS NZ  HZ3  sing N N 237 
LYS OXT HXT  sing N N 238 
MET N   CA   sing N N 239 
MET N   H    sing N N 240 
MET N   H2   sing N N 241 
MET CA  C    sing N N 242 
MET CA  CB   sing N N 243 
MET CA  HA   sing N N 244 
MET C   O    doub N N 245 
MET C   OXT  sing N N 246 
MET CB  CG   sing N N 247 
MET CB  HB2  sing N N 248 
MET CB  HB3  sing N N 249 
MET CG  SD   sing N N 250 
MET CG  HG2  sing N N 251 
MET CG  HG3  sing N N 252 
MET SD  CE   sing N N 253 
MET CE  HE1  sing N N 254 
MET CE  HE2  sing N N 255 
MET CE  HE3  sing N N 256 
MET OXT HXT  sing N N 257 
PHE N   CA   sing N N 258 
PHE N   H    sing N N 259 
PHE N   H2   sing N N 260 
PHE CA  C    sing N N 261 
PHE CA  CB   sing N N 262 
PHE CA  HA   sing N N 263 
PHE C   O    doub N N 264 
PHE C   OXT  sing N N 265 
PHE CB  CG   sing N N 266 
PHE CB  HB2  sing N N 267 
PHE CB  HB3  sing N N 268 
PHE CG  CD1  doub Y N 269 
PHE CG  CD2  sing Y N 270 
PHE CD1 CE1  sing Y N 271 
PHE CD1 HD1  sing N N 272 
PHE CD2 CE2  doub Y N 273 
PHE CD2 HD2  sing N N 274 
PHE CE1 CZ   doub Y N 275 
PHE CE1 HE1  sing N N 276 
PHE CE2 CZ   sing Y N 277 
PHE CE2 HE2  sing N N 278 
PHE CZ  HZ   sing N N 279 
PHE OXT HXT  sing N N 280 
PRO N   CA   sing N N 281 
PRO N   CD   sing N N 282 
PRO N   H    sing N N 283 
PRO CA  C    sing N N 284 
PRO CA  CB   sing N N 285 
PRO CA  HA   sing N N 286 
PRO C   O    doub N N 287 
PRO C   OXT  sing N N 288 
PRO CB  CG   sing N N 289 
PRO CB  HB2  sing N N 290 
PRO CB  HB3  sing N N 291 
PRO CG  CD   sing N N 292 
PRO CG  HG2  sing N N 293 
PRO CG  HG3  sing N N 294 
PRO CD  HD2  sing N N 295 
PRO CD  HD3  sing N N 296 
PRO OXT HXT  sing N N 297 
SER N   CA   sing N N 298 
SER N   H    sing N N 299 
SER N   H2   sing N N 300 
SER CA  C    sing N N 301 
SER CA  CB   sing N N 302 
SER CA  HA   sing N N 303 
SER C   O    doub N N 304 
SER C   OXT  sing N N 305 
SER CB  OG   sing N N 306 
SER CB  HB2  sing N N 307 
SER CB  HB3  sing N N 308 
SER OG  HG   sing N N 309 
SER OXT HXT  sing N N 310 
THR N   CA   sing N N 311 
THR N   H    sing N N 312 
THR N   H2   sing N N 313 
THR CA  C    sing N N 314 
THR CA  CB   sing N N 315 
THR CA  HA   sing N N 316 
THR C   O    doub N N 317 
THR C   OXT  sing N N 318 
THR CB  OG1  sing N N 319 
THR CB  CG2  sing N N 320 
THR CB  HB   sing N N 321 
THR OG1 HG1  sing N N 322 
THR CG2 HG21 sing N N 323 
THR CG2 HG22 sing N N 324 
THR CG2 HG23 sing N N 325 
THR OXT HXT  sing N N 326 
TRP N   CA   sing N N 327 
TRP N   H    sing N N 328 
TRP N   H2   sing N N 329 
TRP CA  C    sing N N 330 
TRP CA  CB   sing N N 331 
TRP CA  HA   sing N N 332 
TRP C   O    doub N N 333 
TRP C   OXT  sing N N 334 
TRP CB  CG   sing N N 335 
TRP CB  HB2  sing N N 336 
TRP CB  HB3  sing N N 337 
TRP CG  CD1  doub Y N 338 
TRP CG  CD2  sing Y N 339 
TRP CD1 NE1  sing Y N 340 
TRP CD1 HD1  sing N N 341 
TRP CD2 CE2  doub Y N 342 
TRP CD2 CE3  sing Y N 343 
TRP NE1 CE2  sing Y N 344 
TRP NE1 HE1  sing N N 345 
TRP CE2 CZ2  sing Y N 346 
TRP CE3 CZ3  doub Y N 347 
TRP CE3 HE3  sing N N 348 
TRP CZ2 CH2  doub Y N 349 
TRP CZ2 HZ2  sing N N 350 
TRP CZ3 CH2  sing Y N 351 
TRP CZ3 HZ3  sing N N 352 
TRP CH2 HH2  sing N N 353 
TRP OXT HXT  sing N N 354 
TYR N   CA   sing N N 355 
TYR N   H    sing N N 356 
TYR N   H2   sing N N 357 
TYR CA  C    sing N N 358 
TYR CA  CB   sing N N 359 
TYR CA  HA   sing N N 360 
TYR C   O    doub N N 361 
TYR C   OXT  sing N N 362 
TYR CB  CG   sing N N 363 
TYR CB  HB2  sing N N 364 
TYR CB  HB3  sing N N 365 
TYR CG  CD1  doub Y N 366 
TYR CG  CD2  sing Y N 367 
TYR CD1 CE1  sing Y N 368 
TYR CD1 HD1  sing N N 369 
TYR CD2 CE2  doub Y N 370 
TYR CD2 HD2  sing N N 371 
TYR CE1 CZ   doub Y N 372 
TYR CE1 HE1  sing N N 373 
TYR CE2 CZ   sing Y N 374 
TYR CE2 HE2  sing N N 375 
TYR CZ  OH   sing N N 376 
TYR OH  HH   sing N N 377 
TYR OXT HXT  sing N N 378 
VAL N   CA   sing N N 379 
VAL N   H    sing N N 380 
VAL N   H2   sing N N 381 
VAL CA  C    sing N N 382 
VAL CA  CB   sing N N 383 
VAL CA  HA   sing N N 384 
VAL C   O    doub N N 385 
VAL C   OXT  sing N N 386 
VAL CB  CG1  sing N N 387 
VAL CB  CG2  sing N N 388 
VAL CB  HB   sing N N 389 
VAL CG1 HG11 sing N N 390 
VAL CG1 HG12 sing N N 391 
VAL CG1 HG13 sing N N 392 
VAL CG2 HG21 sing N N 393 
VAL CG2 HG22 sing N N 394 
VAL CG2 HG23 sing N N 395 
VAL OXT HXT  sing N N 396 
# 
_atom_sites.entry_id                    3FS5 
_atom_sites.fract_transf_matrix[1][1]   0.00927798 
_atom_sites.fract_transf_matrix[1][2]   0.02230389 
_atom_sites.fract_transf_matrix[1][3]   0.00516182 
_atom_sites.fract_transf_matrix[2][1]   -0.00539984 
_atom_sites.fract_transf_matrix[2][2]   -0.00209358 
_atom_sites.fract_transf_matrix[2][3]   0.01875203 
_atom_sites.fract_transf_matrix[3][1]   0.00962439 
_atom_sites.fract_transf_matrix[3][2]   -0.00452796 
_atom_sites.fract_transf_matrix[3][3]   0.00226591 
_atom_sites.fract_transf_vector[1]      0.859696 
_atom_sites.fract_transf_vector[2]      0.813104 
_atom_sites.fract_transf_vector[3]      0.111009 
# 
loop_
_atom_type.symbol 
C 
N 
O 
S 
# 
loop_
_atom_site.group_PDB 
_atom_site.id 
_atom_site.type_symbol 
_atom_site.label_atom_id 
_atom_site.label_alt_id 
_atom_site.label_comp_id 
_atom_site.label_asym_id 
_atom_site.label_entity_id 
_atom_site.label_seq_id 
_atom_site.pdbx_PDB_ins_code 
_atom_site.Cartn_x 
_atom_site.Cartn_y 
_atom_site.Cartn_z 
_atom_site.occupancy 
_atom_site.B_iso_or_equiv 
_atom_site.pdbx_formal_charge 
_atom_site.auth_seq_id 
_atom_site.auth_comp_id 
_atom_site.auth_asym_id 
_atom_site.auth_atom_id 
_atom_site.pdbx_PDB_model_num 
ATOM   1    N N   . MET A 1 1   ? 2.533   9.012   14.164  1.00 53.56 ? 1   MET A N   1 
ATOM   2    C CA  . MET A 1 1   ? 1.372   9.929   13.974  1.00 53.65 ? 1   MET A CA  1 
ATOM   3    C C   . MET A 1 1   ? 0.913   10.474  15.324  1.00 53.41 ? 1   MET A C   1 
ATOM   4    O O   . MET A 1 1   ? 1.195   9.883   16.368  1.00 53.43 ? 1   MET A O   1 
ATOM   5    C CB  . MET A 1 1   ? 0.236   9.182   13.271  1.00 53.44 ? 1   MET A CB  1 
ATOM   6    C CG  . MET A 1 1   ? 0.656   8.599   11.929  1.00 53.14 ? 1   MET A CG  1 
ATOM   7    S SD  . MET A 1 1   ? -0.609  7.594   11.138  1.00 53.48 ? 1   MET A SD  1 
ATOM   8    C CE  . MET A 1 1   ? -0.437  6.050   12.043  1.00 52.85 ? 1   MET A CE  1 
ATOM   9    N N   . ASP A 1 2   ? 0.202   11.596  15.300  1.00 52.77 ? 2   ASP A N   1 
ATOM   10   C CA  . ASP A 1 2   ? -0.255  12.237  16.530  1.00 51.95 ? 2   ASP A CA  1 
ATOM   11   C C   . ASP A 1 2   ? -1.751  12.154  16.836  1.00 49.20 ? 2   ASP A C   1 
ATOM   12   O O   . ASP A 1 2   ? -2.159  12.346  17.982  1.00 49.63 ? 2   ASP A O   1 
ATOM   13   C CB  . ASP A 1 2   ? 0.176   13.706  16.522  1.00 54.79 ? 2   ASP A CB  1 
ATOM   14   C CG  . ASP A 1 2   ? -0.135  14.395  15.206  1.00 57.41 ? 2   ASP A CG  1 
ATOM   15   O OD1 . ASP A 1 2   ? -1.324  14.452  14.825  1.00 59.29 ? 2   ASP A OD1 1 
ATOM   16   O OD2 . ASP A 1 2   ? 0.813   14.877  14.549  1.00 59.51 ? 2   ASP A OD2 1 
ATOM   17   N N   . SER A 1 3   ? -2.566  11.876  15.824  1.00 45.12 ? 3   SER A N   1 
ATOM   18   C CA  . SER A 1 3   ? -4.005  11.794  16.037  1.00 40.52 ? 3   SER A CA  1 
ATOM   19   C C   . SER A 1 3   ? -4.681  10.810  15.093  1.00 37.73 ? 3   SER A C   1 
ATOM   20   O O   . SER A 1 3   ? -4.019  10.030  14.407  1.00 37.24 ? 3   SER A O   1 
ATOM   21   C CB  . SER A 1 3   ? -4.638  13.180  15.871  1.00 40.90 ? 3   SER A CB  1 
ATOM   22   O OG  . SER A 1 3   ? -4.454  13.669  14.555  1.00 41.59 ? 3   SER A OG  1 
ATOM   23   N N   . TYR A 1 4   ? -6.009  10.852  15.067  1.00 32.93 ? 4   TYR A N   1 
ATOM   24   C CA  . TYR A 1 4   ? -6.781  9.969   14.214  1.00 29.88 ? 4   TYR A CA  1 
ATOM   25   C C   . TYR A 1 4   ? -7.437  10.729  13.070  1.00 27.58 ? 4   TYR A C   1 
ATOM   26   O O   . TYR A 1 4   ? -8.372  10.234  12.449  1.00 26.22 ? 4   TYR A O   1 
ATOM   27   C CB  . TYR A 1 4   ? -7.846  9.240   15.039  1.00 30.91 ? 4   TYR A CB  1 
ATOM   28   C CG  . TYR A 1 4   ? -7.265  8.284   16.054  1.00 31.58 ? 4   TYR A CG  1 
ATOM   29   C CD1 . TYR A 1 4   ? -6.941  8.709   17.342  1.00 32.82 ? 4   TYR A CD1 1 
ATOM   30   C CD2 . TYR A 1 4   ? -6.992  6.961   15.708  1.00 31.88 ? 4   TYR A CD2 1 
ATOM   31   C CE1 . TYR A 1 4   ? -6.356  7.838   18.261  1.00 32.19 ? 4   TYR A CE1 1 
ATOM   32   C CE2 . TYR A 1 4   ? -6.411  6.084   16.615  1.00 33.42 ? 4   TYR A CE2 1 
ATOM   33   C CZ  . TYR A 1 4   ? -6.095  6.529   17.890  1.00 34.03 ? 4   TYR A CZ  1 
ATOM   34   O OH  . TYR A 1 4   ? -5.506  5.663   18.780  1.00 33.49 ? 4   TYR A OH  1 
ATOM   35   N N   . SER A 1 5   ? -6.927  11.928  12.793  1.00 24.19 ? 5   SER A N   1 
ATOM   36   C CA  . SER A 1 5   ? -7.458  12.773  11.732  1.00 23.57 ? 5   SER A CA  1 
ATOM   37   C C   . SER A 1 5   ? -6.955  12.351  10.355  1.00 22.65 ? 5   SER A C   1 
ATOM   38   O O   . SER A 1 5   ? -5.859  11.818  10.219  1.00 22.07 ? 5   SER A O   1 
ATOM   39   C CB  . SER A 1 5   ? -7.075  14.235  11.986  1.00 26.06 ? 5   SER A CB  1 
ATOM   40   O OG  . SER A 1 5   ? -7.444  15.053  10.889  1.00 29.48 ? 5   SER A OG  1 
ATOM   41   N N   . ILE A 1 6   ? -7.773  12.604  9.339   1.00 22.47 ? 6   ILE A N   1 
ATOM   42   C CA  . ILE A 1 6   ? -7.451  12.265  7.959   1.00 20.57 ? 6   ILE A CA  1 
ATOM   43   C C   . ILE A 1 6   ? -6.158  12.939  7.483   1.00 20.59 ? 6   ILE A C   1 
ATOM   44   O O   . ILE A 1 6   ? -5.514  12.465  6.552   1.00 19.34 ? 6   ILE A O   1 
ATOM   45   C CB  . ILE A 1 6   ? -8.620  12.672  7.027   1.00 21.74 ? 6   ILE A CB  1 
ATOM   46   C CG1 . ILE A 1 6   ? -8.323  12.270  5.577   1.00 22.41 ? 6   ILE A CG1 1 
ATOM   47   C CG2 . ILE A 1 6   ? -8.858  14.177  7.121   1.00 20.37 ? 6   ILE A CG2 1 
ATOM   48   C CD1 . ILE A 1 6   ? -8.230  10.780  5.362   1.00 28.16 ? 6   ILE A CD1 1 
ATOM   49   N N   . THR A 1 7   ? -5.774  14.037  8.128   1.00 21.48 ? 7   THR A N   1 
ATOM   50   C CA  . THR A 1 7   ? -4.559  14.757  7.743   1.00 23.60 ? 7   THR A CA  1 
ATOM   51   C C   . THR A 1 7   ? -3.291  13.942  8.010   1.00 24.37 ? 7   THR A C   1 
ATOM   52   O O   . THR A 1 7   ? -2.208  14.295  7.538   1.00 24.22 ? 7   THR A O   1 
ATOM   53   C CB  . THR A 1 7   ? -4.443  16.116  8.479   1.00 23.76 ? 7   THR A CB  1 
ATOM   54   O OG1 . THR A 1 7   ? -4.457  15.899  9.894   1.00 26.05 ? 7   THR A OG1 1 
ATOM   55   C CG2 . THR A 1 7   ? -5.598  17.022  8.108   1.00 23.52 ? 7   THR A CG2 1 
ATOM   56   N N   . ASN A 1 8   ? -3.430  12.855  8.764   1.00 24.25 ? 8   ASN A N   1 
ATOM   57   C CA  . ASN A 1 8   ? -2.293  11.989  9.073   1.00 25.96 ? 8   ASN A CA  1 
ATOM   58   C C   . ASN A 1 8   ? -1.935  11.089  7.895   1.00 25.48 ? 8   ASN A C   1 
ATOM   59   O O   . ASN A 1 8   ? -0.850  10.517  7.853   1.00 27.40 ? 8   ASN A O   1 
ATOM   60   C CB  . ASN A 1 8   ? -2.601  11.116  10.292  1.00 27.36 ? 8   ASN A CB  1 
ATOM   61   C CG  . ASN A 1 8   ? -2.539  11.890  11.584  1.00 30.32 ? 8   ASN A CG  1 
ATOM   62   O OD1 . ASN A 1 8   ? -1.482  12.385  11.965  1.00 33.40 ? 8   ASN A OD1 1 
ATOM   63   N ND2 . ASN A 1 8   ? -3.673  12.002  12.265  1.00 30.52 ? 8   ASN A ND2 1 
ATOM   64   N N   . VAL A 1 9   ? -2.855  10.962  6.946   1.00 23.22 ? 9   VAL A N   1 
ATOM   65   C CA  . VAL A 1 9   ? -2.631  10.135  5.770   1.00 22.46 ? 9   VAL A CA  1 
ATOM   66   C C   . VAL A 1 9   ? -1.866  10.935  4.721   1.00 23.31 ? 9   VAL A C   1 
ATOM   67   O O   . VAL A 1 9   ? -2.337  11.982  4.258   1.00 23.18 ? 9   VAL A O   1 
ATOM   68   C CB  . VAL A 1 9   ? -3.970  9.654   5.174   1.00 22.59 ? 9   VAL A CB  1 
ATOM   69   C CG1 . VAL A 1 9   ? -3.722  8.815   3.922   1.00 22.35 ? 9   VAL A CG1 1 
ATOM   70   C CG2 . VAL A 1 9   ? -4.739  8.854   6.219   1.00 21.07 ? 9   VAL A CG2 1 
ATOM   71   N N   . LYS A 1 10  ? -0.684  10.436  4.362   1.00 21.45 ? 10  LYS A N   1 
ATOM   72   C CA  . LYS A 1 10  ? 0.177   11.081  3.373   1.00 23.43 ? 10  LYS A CA  1 
ATOM   73   C C   . LYS A 1 10  ? 0.049   10.418  2.004   1.00 22.06 ? 10  LYS A C   1 
ATOM   74   O O   . LYS A 1 10  ? -0.440  9.294   1.897   1.00 21.26 ? 10  LYS A O   1 
ATOM   75   C CB  . LYS A 1 10  ? 1.638   11.012  3.825   1.00 26.34 ? 10  LYS A CB  1 
ATOM   76   C CG  . LYS A 1 10  ? 1.940   11.775  5.103   1.00 32.17 ? 10  LYS A CG  1 
ATOM   77   C CD  . LYS A 1 10  ? 1.796   13.266  4.897   1.00 37.18 ? 10  LYS A CD  1 
ATOM   78   C CE  . LYS A 1 10  ? 2.958   14.006  5.540   1.00 41.14 ? 10  LYS A CE  1 
ATOM   79   N NZ  . LYS A 1 10  ? 4.259   13.556  4.956   1.00 43.80 ? 10  LYS A NZ  1 
ATOM   80   N N   . TYR A 1 11  ? 0.504   11.117  0.967   1.00 19.27 ? 11  TYR A N   1 
ATOM   81   C CA  . TYR A 1 11  ? 0.433   10.611  -0.399  1.00 21.07 ? 11  TYR A CA  1 
ATOM   82   C C   . TYR A 1 11  ? 1.801   10.504  -1.046  1.00 21.30 ? 11  TYR A C   1 
ATOM   83   O O   . TYR A 1 11  ? 2.651   11.378  -0.886  1.00 21.40 ? 11  TYR A O   1 
ATOM   84   C CB  . TYR A 1 11  ? -0.491  11.490  -1.247  1.00 20.12 ? 11  TYR A CB  1 
ATOM   85   C CG  . TYR A 1 11  ? -1.932  11.335  -0.847  1.00 22.02 ? 11  TYR A CG  1 
ATOM   86   C CD1 . TYR A 1 11  ? -2.395  11.835  0.371   1.00 23.80 ? 11  TYR A CD1 1 
ATOM   87   C CD2 . TYR A 1 11  ? -2.822  10.623  -1.647  1.00 24.08 ? 11  TYR A CD2 1 
ATOM   88   C CE1 . TYR A 1 11  ? -3.711  11.621  0.787   1.00 23.91 ? 11  TYR A CE1 1 
ATOM   89   C CE2 . TYR A 1 11  ? -4.135  10.404  -1.243  1.00 24.42 ? 11  TYR A CE2 1 
ATOM   90   C CZ  . TYR A 1 11  ? -4.570  10.904  -0.027  1.00 26.15 ? 11  TYR A CZ  1 
ATOM   91   O OH  . TYR A 1 11  ? -5.868  10.681  0.373   1.00 29.03 ? 11  TYR A OH  1 
ATOM   92   N N   . LEU A 1 12  ? 1.991   9.418   -1.783  1.00 21.72 ? 12  LEU A N   1 
ATOM   93   C CA  . LEU A 1 12  ? 3.256   9.122   -2.430  1.00 23.93 ? 12  LEU A CA  1 
ATOM   94   C C   . LEU A 1 12  ? 3.106   8.953   -3.944  1.00 23.76 ? 12  LEU A C   1 
ATOM   95   O O   . LEU A 1 12  ? 2.105   8.411   -4.418  1.00 22.04 ? 12  LEU A O   1 
ATOM   96   C CB  . LEU A 1 12  ? 3.806   7.825   -1.819  1.00 25.69 ? 12  LEU A CB  1 
ATOM   97   C CG  . LEU A 1 12  ? 5.239   7.368   -2.079  1.00 29.66 ? 12  LEU A CG  1 
ATOM   98   C CD1 . LEU A 1 12  ? 6.207   8.335   -1.418  1.00 29.32 ? 12  LEU A CD1 1 
ATOM   99   C CD2 . LEU A 1 12  ? 5.433   5.973   -1.514  1.00 29.27 ? 12  LEU A CD2 1 
ATOM   100  N N   . ASP A 1 13  ? 4.103   9.415   -4.695  1.00 22.50 ? 13  ASP A N   1 
ATOM   101  C CA  . ASP A 1 13  ? 4.099   9.272   -6.149  1.00 24.39 ? 13  ASP A CA  1 
ATOM   102  C C   . ASP A 1 13  ? 4.815   7.968   -6.488  1.00 21.65 ? 13  ASP A C   1 
ATOM   103  O O   . ASP A 1 13  ? 5.683   7.522   -5.738  1.00 20.22 ? 13  ASP A O   1 
ATOM   104  C CB  . ASP A 1 13  ? 4.837   10.440  -6.817  1.00 30.33 ? 13  ASP A CB  1 
ATOM   105  C CG  . ASP A 1 13  ? 3.953   11.664  -7.019  1.00 34.43 ? 13  ASP A CG  1 
ATOM   106  O OD1 . ASP A 1 13  ? 4.510   12.763  -7.215  1.00 38.53 ? 13  ASP A OD1 1 
ATOM   107  O OD2 . ASP A 1 13  ? 2.709   11.531  -6.999  1.00 36.19 ? 13  ASP A OD2 1 
ATOM   108  N N   . PRO A 1 14  ? 4.467   7.346   -7.626  1.00 21.17 ? 14  PRO A N   1 
ATOM   109  C CA  . PRO A 1 14  ? 5.068   6.089   -8.083  1.00 21.54 ? 14  PRO A CA  1 
ATOM   110  C C   . PRO A 1 14  ? 6.596   6.145   -8.143  1.00 21.95 ? 14  PRO A C   1 
ATOM   111  O O   . PRO A 1 14  ? 7.272   5.176   -7.792  1.00 20.05 ? 14  PRO A O   1 
ATOM   112  C CB  . PRO A 1 14  ? 4.456   5.898   -9.474  1.00 23.15 ? 14  PRO A CB  1 
ATOM   113  C CG  . PRO A 1 14  ? 3.135   6.577   -9.361  1.00 25.49 ? 14  PRO A CG  1 
ATOM   114  C CD  . PRO A 1 14  ? 3.456   7.823   -8.586  1.00 23.25 ? 14  PRO A CD  1 
ATOM   115  N N   . THR A 1 15  ? 7.133   7.275   -8.601  1.00 21.93 ? 15  THR A N   1 
ATOM   116  C CA  . THR A 1 15  ? 8.580   7.444   -8.711  1.00 21.80 ? 15  THR A CA  1 
ATOM   117  C C   . THR A 1 15  ? 9.278   7.345   -7.356  1.00 20.54 ? 15  THR A C   1 
ATOM   118  O O   . THR A 1 15  ? 10.390  6.830   -7.269  1.00 19.72 ? 15  THR A O   1 
ATOM   119  C CB  . THR A 1 15  ? 8.953   8.801   -9.375  1.00 24.34 ? 15  THR A CB  1 
ATOM   120  O OG1 . THR A 1 15  ? 8.359   9.881   -8.645  1.00 26.01 ? 15  THR A OG1 1 
ATOM   121  C CG2 . THR A 1 15  ? 8.457   8.844   -10.812 1.00 24.97 ? 15  THR A CG2 1 
ATOM   122  N N   . GLU A 1 16  ? 8.637   7.833   -6.296  1.00 20.81 ? 16  GLU A N   1 
ATOM   123  C CA  . GLU A 1 16  ? 9.251   7.756   -4.974  1.00 20.73 ? 16  GLU A CA  1 
ATOM   124  C C   . GLU A 1 16  ? 9.176   6.338   -4.404  1.00 20.88 ? 16  GLU A C   1 
ATOM   125  O O   . GLU A 1 16  ? 10.114  5.882   -3.757  1.00 20.71 ? 16  GLU A O   1 
ATOM   126  C CB  . GLU A 1 16  ? 8.608   8.751   -4.000  1.00 25.52 ? 16  GLU A CB  1 
ATOM   127  C CG  . GLU A 1 16  ? 9.331   8.790   -2.654  1.00 34.37 ? 16  GLU A CG  1 
ATOM   128  C CD  . GLU A 1 16  ? 9.071   10.058  -1.854  1.00 39.49 ? 16  GLU A CD  1 
ATOM   129  O OE1 . GLU A 1 16  ? 9.703   10.214  -0.784  1.00 42.21 ? 16  GLU A OE1 1 
ATOM   130  O OE2 . GLU A 1 16  ? 8.244   10.893  -2.286  1.00 41.52 ? 16  GLU A OE2 1 
ATOM   131  N N   . LEU A 1 17  ? 8.069   5.637   -4.636  1.00 18.32 ? 17  LEU A N   1 
ATOM   132  C CA  . LEU A 1 17  ? 7.959   4.267   -4.141  1.00 17.80 ? 17  LEU A CA  1 
ATOM   133  C C   . LEU A 1 17  ? 8.997   3.409   -4.855  1.00 17.75 ? 17  LEU A C   1 
ATOM   134  O O   . LEU A 1 17  ? 9.654   2.571   -4.242  1.00 16.87 ? 17  LEU A O   1 
ATOM   135  C CB  . LEU A 1 17  ? 6.562   3.688   -4.403  1.00 16.37 ? 17  LEU A CB  1 
ATOM   136  C CG  . LEU A 1 17  ? 6.401   2.196   -4.079  1.00 16.35 ? 17  LEU A CG  1 
ATOM   137  C CD1 . LEU A 1 17  ? 6.784   1.931   -2.624  1.00 15.57 ? 17  LEU A CD1 1 
ATOM   138  C CD2 . LEU A 1 17  ? 4.960   1.763   -4.344  1.00 16.97 ? 17  LEU A CD2 1 
ATOM   139  N N   . HIS A 1 18  ? 9.145   3.627   -6.155  1.00 16.83 ? 18  HIS A N   1 
ATOM   140  C CA  . HIS A 1 18  ? 10.104  2.863   -6.935  1.00 18.51 ? 18  HIS A CA  1 
ATOM   141  C C   . HIS A 1 18  ? 11.510  3.056   -6.375  1.00 17.32 ? 18  HIS A C   1 
ATOM   142  O O   . HIS A 1 18  ? 12.295  2.115   -6.313  1.00 17.87 ? 18  HIS A O   1 
ATOM   143  C CB  . HIS A 1 18  ? 10.047  3.293   -8.408  1.00 19.08 ? 18  HIS A CB  1 
ATOM   144  C CG  . HIS A 1 18  ? 11.098  2.657   -9.259  1.00 21.96 ? 18  HIS A CG  1 
ATOM   145  N ND1 . HIS A 1 18  ? 12.341  3.219   -9.448  1.00 23.55 ? 18  HIS A ND1 1 
ATOM   146  C CD2 . HIS A 1 18  ? 11.109  1.482   -9.932  1.00 24.14 ? 18  HIS A CD2 1 
ATOM   147  C CE1 . HIS A 1 18  ? 13.074  2.417   -10.198 1.00 24.73 ? 18  HIS A CE1 1 
ATOM   148  N NE2 . HIS A 1 18  ? 12.351  1.356   -10.505 1.00 25.38 ? 18  HIS A NE2 1 
ATOM   149  N N   . ARG A 1 19  ? 11.821  4.277   -5.959  1.00 17.61 ? 19  ARG A N   1 
ATOM   150  C CA  . ARG A 1 19  ? 13.132  4.566   -5.395  1.00 19.55 ? 19  ARG A CA  1 
ATOM   151  C C   . ARG A 1 19  ? 13.297  3.787   -4.089  1.00 19.82 ? 19  ARG A C   1 
ATOM   152  O O   . ARG A 1 19  ? 14.343  3.185   -3.847  1.00 20.65 ? 19  ARG A O   1 
ATOM   153  C CB  . ARG A 1 19  ? 13.282  6.069   -5.144  1.00 22.09 ? 19  ARG A CB  1 
ATOM   154  C CG  . ARG A 1 19  ? 14.673  6.479   -4.688  1.00 28.19 ? 19  ARG A CG  1 
ATOM   155  C CD  . ARG A 1 19  ? 14.793  7.992   -4.532  1.00 32.93 ? 19  ARG A CD  1 
ATOM   156  N NE  . ARG A 1 19  ? 16.069  8.367   -3.922  1.00 40.95 ? 19  ARG A NE  1 
ATOM   157  C CZ  . ARG A 1 19  ? 17.242  8.371   -4.553  1.00 44.00 ? 19  ARG A CZ  1 
ATOM   158  N NH1 . ARG A 1 19  ? 18.343  8.724   -3.898  1.00 44.59 ? 19  ARG A NH1 1 
ATOM   159  N NH2 . ARG A 1 19  ? 17.317  8.039   -5.838  1.00 45.78 ? 19  ARG A NH2 1 
ATOM   160  N N   . TRP A 1 20  ? 12.258  3.789   -3.253  1.00 17.13 ? 20  TRP A N   1 
ATOM   161  C CA  . TRP A 1 20  ? 12.298  3.055   -1.987  1.00 18.54 ? 20  TRP A CA  1 
ATOM   162  C C   . TRP A 1 20  ? 12.531  1.568   -2.232  1.00 17.72 ? 20  TRP A C   1 
ATOM   163  O O   . TRP A 1 20  ? 13.233  0.900   -1.468  1.00 16.46 ? 20  TRP A O   1 
ATOM   164  C CB  . TRP A 1 20  ? 10.973  3.199   -1.227  1.00 17.22 ? 20  TRP A CB  1 
ATOM   165  C CG  . TRP A 1 20  ? 10.697  4.555   -0.660  1.00 18.29 ? 20  TRP A CG  1 
ATOM   166  C CD1 . TRP A 1 20  ? 11.421  5.699   -0.851  1.00 17.77 ? 20  TRP A CD1 1 
ATOM   167  C CD2 . TRP A 1 20  ? 9.600   4.909   0.192   1.00 18.79 ? 20  TRP A CD2 1 
ATOM   168  N NE1 . TRP A 1 20  ? 10.840  6.742   -0.167  1.00 17.79 ? 20  TRP A NE1 1 
ATOM   169  C CE2 . TRP A 1 20  ? 9.722   6.285   0.481   1.00 17.96 ? 20  TRP A CE2 1 
ATOM   170  C CE3 . TRP A 1 20  ? 8.527   4.195   0.741   1.00 19.30 ? 20  TRP A CE3 1 
ATOM   171  C CZ2 . TRP A 1 20  ? 8.810   6.962   1.296   1.00 19.98 ? 20  TRP A CZ2 1 
ATOM   172  C CZ3 . TRP A 1 20  ? 7.619   4.873   1.555   1.00 21.31 ? 20  TRP A CZ3 1 
ATOM   173  C CH2 . TRP A 1 20  ? 7.770   6.242   1.822   1.00 17.98 ? 20  TRP A CH2 1 
ATOM   174  N N   . MET A 1 21  ? 11.913  1.041   -3.282  1.00 16.24 ? 21  MET A N   1 
ATOM   175  C CA  . MET A 1 21  ? 12.060  -0.374  -3.596  1.00 17.90 ? 21  MET A CA  1 
ATOM   176  C C   . MET A 1 21  ? 13.480  -0.700  -4.051  1.00 19.83 ? 21  MET A C   1 
ATOM   177  O O   . MET A 1 21  ? 14.030  -1.742  -3.688  1.00 19.96 ? 21  MET A O   1 
ATOM   178  C CB  . MET A 1 21  ? 11.032  -0.780  -4.655  1.00 17.99 ? 21  MET A CB  1 
ATOM   179  C CG  . MET A 1 21  ? 9.603   -0.798  -4.108  1.00 20.92 ? 21  MET A CG  1 
ATOM   180  S SD  . MET A 1 21  ? 8.329   -1.184  -5.321  1.00 23.05 ? 21  MET A SD  1 
ATOM   181  C CE  . MET A 1 21  ? 8.571   -2.949  -5.513  1.00 20.04 ? 21  MET A CE  1 
ATOM   182  N N   . GLN A 1 22  ? 14.073  0.199   -4.831  1.00 19.01 ? 22  GLN A N   1 
ATOM   183  C CA  . GLN A 1 22  ? 15.438  0.009   -5.313  1.00 22.58 ? 22  GLN A CA  1 
ATOM   184  C C   . GLN A 1 22  ? 16.430  -0.006  -4.145  1.00 23.15 ? 22  GLN A C   1 
ATOM   185  O O   . GLN A 1 22  ? 17.354  -0.817  -4.120  1.00 24.39 ? 22  GLN A O   1 
ATOM   186  C CB  . GLN A 1 22  ? 15.822  1.131   -6.288  1.00 22.98 ? 22  GLN A CB  1 
ATOM   187  C CG  . GLN A 1 22  ? 15.112  1.082   -7.642  1.00 25.89 ? 22  GLN A CG  1 
ATOM   188  C CD  . GLN A 1 22  ? 15.613  -0.046  -8.530  1.00 29.31 ? 22  GLN A CD  1 
ATOM   189  O OE1 . GLN A 1 22  ? 15.464  -1.220  -8.203  1.00 33.30 ? 22  GLN A OE1 1 
ATOM   190  N NE2 . GLN A 1 22  ? 16.217  0.312   -9.658  1.00 27.40 ? 22  GLN A NE2 1 
ATOM   191  N N   . GLU A 1 23  ? 16.230  0.887   -3.177  1.00 23.54 ? 23  GLU A N   1 
ATOM   192  C CA  . GLU A 1 23  ? 17.119  0.986   -2.017  1.00 25.05 ? 23  GLU A CA  1 
ATOM   193  C C   . GLU A 1 23  ? 16.812  0.005   -0.890  1.00 25.89 ? 23  GLU A C   1 
ATOM   194  O O   . GLU A 1 23  ? 17.690  -0.313  -0.086  1.00 23.89 ? 23  GLU A O   1 
ATOM   195  C CB  . GLU A 1 23  ? 17.090  2.409   -1.453  1.00 26.41 ? 23  GLU A CB  1 
ATOM   196  C CG  . GLU A 1 23  ? 17.585  3.460   -2.421  1.00 30.72 ? 23  GLU A CG  1 
ATOM   197  C CD  . GLU A 1 23  ? 17.701  4.826   -1.782  1.00 33.72 ? 23  GLU A CD  1 
ATOM   198  O OE1 . GLU A 1 23  ? 16.669  5.375   -1.347  1.00 38.65 ? 23  GLU A OE1 1 
ATOM   199  O OE2 . GLU A 1 23  ? 18.830  5.352   -1.713  1.00 38.04 ? 23  GLU A OE2 1 
ATOM   200  N N   . GLY A 1 24  ? 15.568  -0.456  -0.817  1.00 24.73 ? 24  GLY A N   1 
ATOM   201  C CA  . GLY A 1 24  ? 15.196  -1.396  0.225   1.00 24.75 ? 24  GLY A CA  1 
ATOM   202  C C   . GLY A 1 24  ? 14.676  -0.738  1.492   1.00 25.46 ? 24  GLY A C   1 
ATOM   203  O O   . GLY A 1 24  ? 14.401  -1.415  2.480   1.00 26.40 ? 24  GLY A O   1 
ATOM   204  N N   . HIS A 1 25  ? 14.535  0.582   1.459   1.00 25.08 ? 25  HIS A N   1 
ATOM   205  C CA  . HIS A 1 25  ? 14.042  1.345   2.601   1.00 25.81 ? 25  HIS A CA  1 
ATOM   206  C C   . HIS A 1 25  ? 13.693  2.754   2.145   1.00 25.84 ? 25  HIS A C   1 
ATOM   207  O O   . HIS A 1 25  ? 13.981  3.132   1.004   1.00 26.17 ? 25  HIS A O   1 
ATOM   208  C CB  . HIS A 1 25  ? 15.108  1.400   3.704   1.00 28.36 ? 25  HIS A CB  1 
ATOM   209  C CG  . HIS A 1 25  ? 16.459  1.822   3.216   1.00 28.25 ? 25  HIS A CG  1 
ATOM   210  N ND1 . HIS A 1 25  ? 16.712  3.085   2.727   1.00 29.60 ? 25  HIS A ND1 1 
ATOM   211  C CD2 . HIS A 1 25  ? 17.620  1.134   3.103   1.00 29.44 ? 25  HIS A CD2 1 
ATOM   212  C CE1 . HIS A 1 25  ? 17.971  3.156   2.330   1.00 30.51 ? 25  HIS A CE1 1 
ATOM   213  N NE2 . HIS A 1 25  ? 18.544  1.986   2.547   1.00 30.35 ? 25  HIS A NE2 1 
ATOM   214  N N   . THR A 1 26  ? 13.066  3.531   3.021   1.00 25.41 ? 26  THR A N   1 
ATOM   215  C CA  . THR A 1 26  ? 12.704  4.896   2.659   1.00 26.61 ? 26  THR A CA  1 
ATOM   216  C C   . THR A 1 26  ? 13.974  5.728   2.517   1.00 29.18 ? 26  THR A C   1 
ATOM   217  O O   . THR A 1 26  ? 14.994  5.449   3.149   1.00 28.58 ? 26  THR A O   1 
ATOM   218  C CB  . THR A 1 26  ? 11.791  5.557   3.708   1.00 24.20 ? 26  THR A CB  1 
ATOM   219  O OG1 . THR A 1 26  ? 12.517  5.729   4.930   1.00 23.24 ? 26  THR A OG1 1 
ATOM   220  C CG2 . THR A 1 26  ? 10.553  4.700   3.957   1.00 22.06 ? 26  THR A CG2 1 
ATOM   221  N N   . THR A 1 27  ? 13.896  6.756   1.686   1.00 33.25 ? 27  THR A N   1 
ATOM   222  C CA  . THR A 1 27  ? 15.035  7.622   1.421   1.00 38.87 ? 27  THR A CA  1 
ATOM   223  C C   . THR A 1 27  ? 15.446  8.506   2.596   1.00 39.63 ? 27  THR A C   1 
ATOM   224  O O   . THR A 1 27  ? 16.626  8.588   2.930   1.00 41.20 ? 27  THR A O   1 
ATOM   225  C CB  . THR A 1 27  ? 14.747  8.518   0.205   1.00 40.51 ? 27  THR A CB  1 
ATOM   226  O OG1 . THR A 1 27  ? 13.578  9.306   0.462   1.00 45.96 ? 27  THR A OG1 1 
ATOM   227  C CG2 . THR A 1 27  ? 14.501  7.667   -1.030  1.00 39.90 ? 27  THR A CG2 1 
ATOM   228  N N   . THR A 1 28  ? 14.472  9.154   3.225   1.00 41.44 ? 28  THR A N   1 
ATOM   229  C CA  . THR A 1 28  ? 14.735  10.052  4.347   1.00 43.41 ? 28  THR A CA  1 
ATOM   230  C C   . THR A 1 28  ? 15.247  9.417   5.641   1.00 42.64 ? 28  THR A C   1 
ATOM   231  O O   . THR A 1 28  ? 16.362  9.702   6.075   1.00 43.22 ? 28  THR A O   1 
ATOM   232  C CB  . THR A 1 28  ? 13.477  10.890  4.683   1.00 44.72 ? 28  THR A CB  1 
ATOM   233  O OG1 . THR A 1 28  ? 13.259  11.857  3.648   1.00 47.08 ? 28  THR A OG1 1 
ATOM   234  C CG2 . THR A 1 28  ? 13.644  11.613  6.015   1.00 46.98 ? 28  THR A CG2 1 
ATOM   235  N N   . LEU A 1 29  ? 14.437  8.563   6.257   1.00 41.66 ? 29  LEU A N   1 
ATOM   236  C CA  . LEU A 1 29  ? 14.814  7.939   7.523   1.00 38.69 ? 29  LEU A CA  1 
ATOM   237  C C   . LEU A 1 29  ? 15.330  6.508   7.426   1.00 37.29 ? 29  LEU A C   1 
ATOM   238  O O   . LEU A 1 29  ? 15.634  5.886   8.446   1.00 35.23 ? 29  LEU A O   1 
ATOM   239  C CB  . LEU A 1 29  ? 13.622  7.986   8.481   1.00 40.54 ? 29  LEU A CB  1 
ATOM   240  C CG  . LEU A 1 29  ? 13.027  9.379   8.723   1.00 42.59 ? 29  LEU A CG  1 
ATOM   241  C CD1 . LEU A 1 29  ? 11.711  9.260   9.481   1.00 42.29 ? 29  LEU A CD1 1 
ATOM   242  C CD2 . LEU A 1 29  ? 14.022  10.232  9.495   1.00 42.61 ? 29  LEU A CD2 1 
ATOM   243  N N   . ARG A 1 30  ? 15.429  5.984   6.208   1.00 35.35 ? 30  ARG A N   1 
ATOM   244  C CA  . ARG A 1 30  ? 15.906  4.622   6.004   1.00 33.55 ? 30  ARG A CA  1 
ATOM   245  C C   . ARG A 1 30  ? 15.043  3.619   6.762   1.00 31.14 ? 30  ARG A C   1 
ATOM   246  O O   . ARG A 1 30  ? 15.546  2.622   7.282   1.00 30.92 ? 30  ARG A O   1 
ATOM   247  C CB  . ARG A 1 30  ? 17.357  4.492   6.469   1.00 39.12 ? 30  ARG A CB  1 
ATOM   248  C CG  . ARG A 1 30  ? 18.379  5.231   5.615   1.00 44.81 ? 30  ARG A CG  1 
ATOM   249  C CD  . ARG A 1 30  ? 19.710  5.283   6.348   1.00 49.92 ? 30  ARG A CD  1 
ATOM   250  N NE  . ARG A 1 30  ? 20.019  3.990   6.954   1.00 56.06 ? 30  ARG A NE  1 
ATOM   251  C CZ  . ARG A 1 30  ? 20.893  3.810   7.940   1.00 58.14 ? 30  ARG A CZ  1 
ATOM   252  N NH1 . ARG A 1 30  ? 21.102  2.593   8.426   1.00 59.59 ? 30  ARG A NH1 1 
ATOM   253  N NH2 . ARG A 1 30  ? 21.552  4.845   8.446   1.00 59.37 ? 30  ARG A NH2 1 
ATOM   254  N N   . GLU A 1 31  ? 13.743  3.889   6.825   1.00 27.91 ? 31  GLU A N   1 
ATOM   255  C CA  . GLU A 1 31  ? 12.813  2.999   7.509   1.00 24.67 ? 31  GLU A CA  1 
ATOM   256  C C   . GLU A 1 31  ? 12.225  1.982   6.532   1.00 23.53 ? 31  GLU A C   1 
ATOM   257  O O   . GLU A 1 31  ? 12.258  2.173   5.314   1.00 23.36 ? 31  GLU A O   1 
ATOM   258  C CB  . GLU A 1 31  ? 11.671  3.802   8.138   1.00 24.64 ? 31  GLU A CB  1 
ATOM   259  C CG  . GLU A 1 31  ? 12.113  4.864   9.121   1.00 24.83 ? 31  GLU A CG  1 
ATOM   260  C CD  . GLU A 1 31  ? 10.942  5.626   9.709   1.00 24.74 ? 31  GLU A CD  1 
ATOM   261  O OE1 . GLU A 1 31  ? 10.118  6.141   8.927   1.00 22.48 ? 31  GLU A OE1 1 
ATOM   262  O OE2 . GLU A 1 31  ? 10.847  5.712   10.952  1.00 23.66 ? 31  GLU A OE2 1 
ATOM   263  N N   . PRO A 1 32  ? 11.679  0.879   7.058   1.00 21.97 ? 32  PRO A N   1 
ATOM   264  C CA  . PRO A 1 32  ? 11.089  -0.146  6.200   1.00 18.96 ? 32  PRO A CA  1 
ATOM   265  C C   . PRO A 1 32  ? 9.702   0.274   5.722   1.00 19.14 ? 32  PRO A C   1 
ATOM   266  O O   . PRO A 1 32  ? 9.091   1.202   6.267   1.00 15.83 ? 32  PRO A O   1 
ATOM   267  C CB  . PRO A 1 32  ? 11.047  -1.366  7.113   1.00 18.87 ? 32  PRO A CB  1 
ATOM   268  C CG  . PRO A 1 32  ? 10.759  -0.760  8.442   1.00 19.38 ? 32  PRO A CG  1 
ATOM   269  C CD  . PRO A 1 32  ? 11.674  0.452   8.471   1.00 22.08 ? 32  PRO A CD  1 
ATOM   270  N N   . PHE A 1 33  ? 9.203   -0.404  4.697   1.00 17.55 ? 33  PHE A N   1 
ATOM   271  C CA  . PHE A 1 33  ? 7.882   -0.086  4.170   1.00 17.06 ? 33  PHE A CA  1 
ATOM   272  C C   . PHE A 1 33  ? 7.174   -1.375  3.772   1.00 16.52 ? 33  PHE A C   1 
ATOM   273  O O   . PHE A 1 33  ? 7.804   -2.418  3.632   1.00 14.19 ? 33  PHE A O   1 
ATOM   274  C CB  . PHE A 1 33  ? 8.011   0.852   2.959   1.00 16.87 ? 33  PHE A CB  1 
ATOM   275  C CG  . PHE A 1 33  ? 8.744   0.241   1.791   1.00 19.36 ? 33  PHE A CG  1 
ATOM   276  C CD1 . PHE A 1 33  ? 8.069   -0.541  0.859   1.00 21.45 ? 33  PHE A CD1 1 
ATOM   277  C CD2 . PHE A 1 33  ? 10.117  0.417   1.646   1.00 19.54 ? 33  PHE A CD2 1 
ATOM   278  C CE1 . PHE A 1 33  ? 8.750   -1.140  -0.199  1.00 24.34 ? 33  PHE A CE1 1 
ATOM   279  C CE2 . PHE A 1 33  ? 10.811  -0.177  0.591   1.00 22.50 ? 33  PHE A CE2 1 
ATOM   280  C CZ  . PHE A 1 33  ? 10.126  -0.958  -0.333  1.00 22.05 ? 33  PHE A CZ  1 
ATOM   281  N N   . GLN A 1 34  ? 5.857   -1.301  3.619   1.00 16.65 ? 34  GLN A N   1 
ATOM   282  C CA  . GLN A 1 34  ? 5.072   -2.456  3.217   1.00 16.01 ? 34  GLN A CA  1 
ATOM   283  C C   . GLN A 1 34  ? 3.874   -2.002  2.397   1.00 15.94 ? 34  GLN A C   1 
ATOM   284  O O   . GLN A 1 34  ? 3.066   -1.192  2.854   1.00 14.63 ? 34  GLN A O   1 
ATOM   285  C CB  . GLN A 1 34  ? 4.576   -3.244  4.434   1.00 15.36 ? 34  GLN A CB  1 
ATOM   286  C CG  . GLN A 1 34  ? 3.695   -4.433  4.042   1.00 16.85 ? 34  GLN A CG  1 
ATOM   287  C CD  . GLN A 1 34  ? 4.432   -5.439  3.162   1.00 16.71 ? 34  GLN A CD  1 
ATOM   288  O OE1 . GLN A 1 34  ? 3.926   -5.869  2.122   1.00 20.30 ? 34  GLN A OE1 1 
ATOM   289  N NE2 . GLN A 1 34  ? 5.625   -5.826  3.586   1.00 14.47 ? 34  GLN A NE2 1 
ATOM   290  N N   . VAL A 1 35  ? 3.768   -2.532  1.185   1.00 15.66 ? 35  VAL A N   1 
ATOM   291  C CA  . VAL A 1 35  ? 2.676   -2.194  0.286   1.00 16.02 ? 35  VAL A CA  1 
ATOM   292  C C   . VAL A 1 35  ? 1.466   -3.081  0.551   1.00 15.38 ? 35  VAL A C   1 
ATOM   293  O O   . VAL A 1 35  ? 1.596   -4.302  0.665   1.00 16.60 ? 35  VAL A O   1 
ATOM   294  C CB  . VAL A 1 35  ? 3.103   -2.371  -1.197  1.00 15.25 ? 35  VAL A CB  1 
ATOM   295  C CG1 . VAL A 1 35  ? 1.903   -2.182  -2.124  1.00 15.56 ? 35  VAL A CG1 1 
ATOM   296  C CG2 . VAL A 1 35  ? 4.202   -1.381  -1.543  1.00 15.40 ? 35  VAL A CG2 1 
ATOM   297  N N   . VAL A 1 36  ? 0.295   -2.463  0.665   1.00 14.68 ? 36  VAL A N   1 
ATOM   298  C CA  . VAL A 1 36  ? -0.943  -3.208  0.876   1.00 15.21 ? 36  VAL A CA  1 
ATOM   299  C C   . VAL A 1 36  ? -1.897  -2.877  -0.272  1.00 15.52 ? 36  VAL A C   1 
ATOM   300  O O   . VAL A 1 36  ? -2.387  -1.750  -0.389  1.00 16.08 ? 36  VAL A O   1 
ATOM   301  C CB  . VAL A 1 36  ? -1.623  -2.843  2.216   1.00 15.38 ? 36  VAL A CB  1 
ATOM   302  C CG1 . VAL A 1 36  ? -2.881  -3.703  2.421   1.00 15.25 ? 36  VAL A CG1 1 
ATOM   303  C CG2 . VAL A 1 36  ? -0.649  -3.065  3.366   1.00 15.85 ? 36  VAL A CG2 1 
ATOM   304  N N   . ASP A 1 37  ? -2.137  -3.870  -1.118  1.00 15.74 ? 37  ASP A N   1 
ATOM   305  C CA  . ASP A 1 37  ? -3.016  -3.760  -2.281  1.00 15.88 ? 37  ASP A CA  1 
ATOM   306  C C   . ASP A 1 37  ? -4.431  -4.105  -1.807  1.00 16.27 ? 37  ASP A C   1 
ATOM   307  O O   . ASP A 1 37  ? -4.710  -5.255  -1.470  1.00 17.51 ? 37  ASP A O   1 
ATOM   308  C CB  . ASP A 1 37  ? -2.522  -4.756  -3.342  1.00 15.10 ? 37  ASP A CB  1 
ATOM   309  C CG  . ASP A 1 37  ? -3.233  -4.623  -4.672  1.00 15.73 ? 37  ASP A CG  1 
ATOM   310  O OD1 . ASP A 1 37  ? -2.642  -5.045  -5.685  1.00 17.38 ? 37  ASP A OD1 1 
ATOM   311  O OD2 . ASP A 1 37  ? -4.370  -4.120  -4.712  1.00 15.74 ? 37  ASP A OD2 1 
ATOM   312  N N   . VAL A 1 38  ? -5.326  -3.118  -1.783  1.00 15.71 ? 38  VAL A N   1 
ATOM   313  C CA  . VAL A 1 38  ? -6.683  -3.357  -1.299  1.00 15.07 ? 38  VAL A CA  1 
ATOM   314  C C   . VAL A 1 38  ? -7.754  -3.538  -2.372  1.00 16.07 ? 38  VAL A C   1 
ATOM   315  O O   . VAL A 1 38  ? -8.949  -3.374  -2.115  1.00 14.67 ? 38  VAL A O   1 
ATOM   316  C CB  . VAL A 1 38  ? -7.114  -2.244  -0.304  1.00 17.34 ? 38  VAL A CB  1 
ATOM   317  C CG1 . VAL A 1 38  ? -6.167  -2.250  0.908   1.00 15.34 ? 38  VAL A CG1 1 
ATOM   318  C CG2 . VAL A 1 38  ? -7.088  -0.878  -0.981  1.00 14.10 ? 38  VAL A CG2 1 
ATOM   319  N N   . ARG A 1 39  ? -7.319  -3.898  -3.573  1.00 16.27 ? 39  ARG A N   1 
ATOM   320  C CA  . ARG A 1 39  ? -8.237  -4.141  -4.676  1.00 16.17 ? 39  ARG A CA  1 
ATOM   321  C C   . ARG A 1 39  ? -8.950  -5.470  -4.443  1.00 17.88 ? 39  ARG A C   1 
ATOM   322  O O   . ARG A 1 39  ? -8.510  -6.286  -3.629  1.00 18.84 ? 39  ARG A O   1 
ATOM   323  C CB  . ARG A 1 39  ? -7.471  -4.212  -5.999  1.00 15.57 ? 39  ARG A CB  1 
ATOM   324  C CG  . ARG A 1 39  ? -6.908  -2.884  -6.474  1.00 14.65 ? 39  ARG A CG  1 
ATOM   325  C CD  . ARG A 1 39  ? -6.205  -3.057  -7.806  1.00 11.58 ? 39  ARG A CD  1 
ATOM   326  N NE  . ARG A 1 39  ? -4.951  -3.797  -7.654  1.00 13.57 ? 39  ARG A NE  1 
ATOM   327  C CZ  . ARG A 1 39  ? -4.187  -4.188  -8.670  1.00 15.39 ? 39  ARG A CZ  1 
ATOM   328  N NH1 . ARG A 1 39  ? -3.060  -4.846  -8.434  1.00 15.49 ? 39  ARG A NH1 1 
ATOM   329  N NH2 . ARG A 1 39  ? -4.558  -3.933  -9.923  1.00 12.20 ? 39  ARG A NH2 1 
ATOM   330  N N   . GLY A 1 40  ? -10.056 -5.675  -5.148  1.00 18.86 ? 40  GLY A N   1 
ATOM   331  C CA  . GLY A 1 40  ? -10.793 -6.920  -5.025  1.00 19.24 ? 40  GLY A CA  1 
ATOM   332  C C   . GLY A 1 40  ? -10.412 -7.804  -6.198  1.00 20.30 ? 40  GLY A C   1 
ATOM   333  O O   . GLY A 1 40  ? -9.238  -8.135  -6.382  1.00 18.69 ? 40  GLY A O   1 
ATOM   334  N N   . SER A 1 41  ? -11.390 -8.188  -7.011  1.00 20.57 ? 41  SER A N   1 
ATOM   335  C CA  . SER A 1 41  ? -11.077 -9.022  -8.160  1.00 21.82 ? 41  SER A CA  1 
ATOM   336  C C   . SER A 1 41  ? -10.288 -8.196  -9.180  1.00 20.53 ? 41  SER A C   1 
ATOM   337  O O   . SER A 1 41  ? -9.659  -8.750  -10.077 1.00 19.82 ? 41  SER A O   1 
ATOM   338  C CB  . SER A 1 41  ? -12.360 -9.603  -8.780  1.00 22.58 ? 41  SER A CB  1 
ATOM   339  O OG  . SER A 1 41  ? -13.320 -8.599  -9.028  1.00 28.19 ? 41  SER A OG  1 
ATOM   340  N N   . ASP A 1 42  ? -10.301 -6.869  -9.036  1.00 19.82 ? 42  ASP A N   1 
ATOM   341  C CA  . ASP A 1 42  ? -9.534  -6.039  -9.962  1.00 17.60 ? 42  ASP A CA  1 
ATOM   342  C C   . ASP A 1 42  ? -8.027  -6.087  -9.678  1.00 17.05 ? 42  ASP A C   1 
ATOM   343  O O   . ASP A 1 42  ? -7.241  -5.327  -10.238 1.00 18.54 ? 42  ASP A O   1 
ATOM   344  C CB  . ASP A 1 42  ? -10.062 -4.592  -9.999  1.00 17.97 ? 42  ASP A CB  1 
ATOM   345  C CG  . ASP A 1 42  ? -10.355 -4.009  -8.625  1.00 18.17 ? 42  ASP A CG  1 
ATOM   346  O OD1 . ASP A 1 42  ? -10.576 -4.759  -7.655  1.00 17.90 ? 42  ASP A OD1 1 
ATOM   347  O OD2 . ASP A 1 42  ? -10.390 -2.764  -8.531  1.00 21.44 ? 42  ASP A OD2 1 
ATOM   348  N N   . TYR A 1 43  ? -7.636  -7.019  -8.817  1.00 16.68 ? 43  TYR A N   1 
ATOM   349  C CA  . TYR A 1 43  ? -6.237  -7.233  -8.474  1.00 16.06 ? 43  TYR A CA  1 
ATOM   350  C C   . TYR A 1 43  ? -5.593  -7.918  -9.678  1.00 18.94 ? 43  TYR A C   1 
ATOM   351  O O   . TYR A 1 43  ? -4.377  -7.880  -9.861  1.00 20.10 ? 43  TYR A O   1 
ATOM   352  C CB  . TYR A 1 43  ? -6.165  -8.133  -7.236  1.00 18.74 ? 43  TYR A CB  1 
ATOM   353  C CG  . TYR A 1 43  ? -4.799  -8.644  -6.843  1.00 17.80 ? 43  TYR A CG  1 
ATOM   354  C CD1 . TYR A 1 43  ? -4.410  -9.953  -7.142  1.00 17.88 ? 43  TYR A CD1 1 
ATOM   355  C CD2 . TYR A 1 43  ? -3.921  -7.846  -6.109  1.00 17.73 ? 43  TYR A CD2 1 
ATOM   356  C CE1 . TYR A 1 43  ? -3.186  -10.457 -6.713  1.00 18.98 ? 43  TYR A CE1 1 
ATOM   357  C CE2 . TYR A 1 43  ? -2.694  -8.338  -5.676  1.00 18.45 ? 43  TYR A CE2 1 
ATOM   358  C CZ  . TYR A 1 43  ? -2.334  -9.641  -5.978  1.00 20.63 ? 43  TYR A CZ  1 
ATOM   359  O OH  . TYR A 1 43  ? -1.129  -10.132 -5.528  1.00 19.44 ? 43  TYR A OH  1 
ATOM   360  N N   . MET A 1 44  ? -6.439  -8.529  -10.505 1.00 20.33 ? 44  MET A N   1 
ATOM   361  C CA  . MET A 1 44  ? -6.021  -9.254  -11.703 1.00 22.91 ? 44  MET A CA  1 
ATOM   362  C C   . MET A 1 44  ? -5.242  -8.409  -12.706 1.00 21.10 ? 44  MET A C   1 
ATOM   363  O O   . MET A 1 44  ? -5.564  -7.247  -12.934 1.00 20.17 ? 44  MET A O   1 
ATOM   364  C CB  . MET A 1 44  ? -7.258  -9.842  -12.402 1.00 26.00 ? 44  MET A CB  1 
ATOM   365  C CG  . MET A 1 44  ? -6.978  -10.517 -13.748 1.00 31.96 ? 44  MET A CG  1 
ATOM   366  S SD  . MET A 1 44  ? -8.489  -11.022 -14.636 1.00 37.17 ? 44  MET A SD  1 
ATOM   367  C CE  . MET A 1 44  ? -8.817  -9.561  -15.607 1.00 37.39 ? 44  MET A CE  1 
ATOM   368  N N   . GLY A 1 45  ? -4.220  -9.009  -13.310 1.00 21.02 ? 45  GLY A N   1 
ATOM   369  C CA  . GLY A 1 45  ? -3.441  -8.308  -14.312 1.00 20.55 ? 45  GLY A CA  1 
ATOM   370  C C   . GLY A 1 45  ? -2.088  -7.770  -13.899 1.00 19.86 ? 45  GLY A C   1 
ATOM   371  O O   . GLY A 1 45  ? -1.392  -7.177  -14.721 1.00 19.03 ? 45  GLY A O   1 
ATOM   372  N N   . GLY A 1 46  ? -1.713  -7.968  -12.639 1.00 19.25 ? 46  GLY A N   1 
ATOM   373  C CA  . GLY A 1 46  ? -0.429  -7.481  -12.171 1.00 17.58 ? 46  GLY A CA  1 
ATOM   374  C C   . GLY A 1 46  ? -0.512  -6.776  -10.827 1.00 17.75 ? 46  GLY A C   1 
ATOM   375  O O   . GLY A 1 46  ? -1.549  -6.208  -10.473 1.00 17.31 ? 46  GLY A O   1 
ATOM   376  N N   . HIS A 1 47  ? 0.585   -6.811  -10.077 1.00 16.77 ? 47  HIS A N   1 
ATOM   377  C CA  . HIS A 1 47  ? 0.641   -6.172  -8.767  1.00 18.08 ? 47  HIS A CA  1 
ATOM   378  C C   . HIS A 1 47  ? 2.074   -5.817  -8.396  1.00 18.75 ? 47  HIS A C   1 
ATOM   379  O O   . HIS A 1 47  ? 3.025   -6.304  -9.007  1.00 18.35 ? 47  HIS A O   1 
ATOM   380  C CB  . HIS A 1 47  ? 0.024   -7.088  -7.704  1.00 18.48 ? 47  HIS A CB  1 
ATOM   381  C CG  . HIS A 1 47  ? 0.599   -8.470  -7.689  1.00 21.11 ? 47  HIS A CG  1 
ATOM   382  N ND1 . HIS A 1 47  ? 1.738   -8.799  -6.984  1.00 23.07 ? 47  HIS A ND1 1 
ATOM   383  C CD2 . HIS A 1 47  ? 0.206   -9.604  -8.317  1.00 20.42 ? 47  HIS A CD2 1 
ATOM   384  C CE1 . HIS A 1 47  ? 2.022   -10.075 -7.180  1.00 21.29 ? 47  HIS A CE1 1 
ATOM   385  N NE2 . HIS A 1 47  ? 1.109   -10.586 -7.985  1.00 22.56 ? 47  HIS A NE2 1 
ATOM   386  N N   . ILE A 1 48  ? 2.226   -4.961  -7.395  1.00 17.27 ? 48  ILE A N   1 
ATOM   387  C CA  . ILE A 1 48  ? 3.545   -4.539  -6.963  1.00 18.27 ? 48  ILE A CA  1 
ATOM   388  C C   . ILE A 1 48  ? 4.237   -5.676  -6.221  1.00 19.44 ? 48  ILE A C   1 
ATOM   389  O O   . ILE A 1 48  ? 3.643   -6.320  -5.356  1.00 20.76 ? 48  ILE A O   1 
ATOM   390  C CB  . ILE A 1 48  ? 3.433   -3.279  -6.084  1.00 18.72 ? 48  ILE A CB  1 
ATOM   391  C CG1 . ILE A 1 48  ? 2.809   -2.150  -6.920  1.00 17.26 ? 48  ILE A CG1 1 
ATOM   392  C CG2 . ILE A 1 48  ? 4.808   -2.884  -5.528  1.00 18.53 ? 48  ILE A CG2 1 
ATOM   393  C CD1 . ILE A 1 48  ? 2.603   -0.843  -6.168  1.00 17.79 ? 48  ILE A CD1 1 
ATOM   394  N N   . LYS A 1 49  ? 5.492   -5.928  -6.581  1.00 20.06 ? 49  LYS A N   1 
ATOM   395  C CA  . LYS A 1 49  ? 6.276   -7.001  -5.984  1.00 22.69 ? 49  LYS A CA  1 
ATOM   396  C C   . LYS A 1 49  ? 6.393   -6.895  -4.465  1.00 21.64 ? 49  LYS A C   1 
ATOM   397  O O   . LYS A 1 49  ? 6.638   -5.815  -3.919  1.00 21.73 ? 49  LYS A O   1 
ATOM   398  C CB  . LYS A 1 49  ? 7.675   -7.029  -6.613  1.00 25.70 ? 49  LYS A CB  1 
ATOM   399  C CG  . LYS A 1 49  ? 8.545   -8.208  -6.193  1.00 30.21 ? 49  LYS A CG  1 
ATOM   400  C CD  . LYS A 1 49  ? 9.912   -8.130  -6.869  1.00 35.63 ? 49  LYS A CD  1 
ATOM   401  C CE  . LYS A 1 49  ? 10.828  -9.271  -6.439  1.00 39.20 ? 49  LYS A CE  1 
ATOM   402  N NZ  . LYS A 1 49  ? 10.263  -10.603 -6.799  1.00 42.46 ? 49  LYS A NZ  1 
ATOM   403  N N   . ASP A 1 50  ? 6.217   -8.033  -3.799  1.00 21.21 ? 50  ASP A N   1 
ATOM   404  C CA  . ASP A 1 50  ? 6.299   -8.141  -2.346  1.00 21.70 ? 50  ASP A CA  1 
ATOM   405  C C   . ASP A 1 50  ? 5.185   -7.436  -1.565  1.00 21.38 ? 50  ASP A C   1 
ATOM   406  O O   . ASP A 1 50  ? 5.253   -7.336  -0.342  1.00 21.47 ? 50  ASP A O   1 
ATOM   407  C CB  . ASP A 1 50  ? 7.662   -7.647  -1.846  1.00 24.79 ? 50  ASP A CB  1 
ATOM   408  C CG  . ASP A 1 50  ? 8.826   -8.400  -2.476  1.00 30.33 ? 50  ASP A CG  1 
ATOM   409  O OD1 . ASP A 1 50  ? 8.694   -9.618  -2.726  1.00 28.87 ? 50  ASP A OD1 1 
ATOM   410  O OD2 . ASP A 1 50  ? 9.878   -7.770  -2.712  1.00 33.87 ? 50  ASP A OD2 1 
ATOM   411  N N   . GLY A 1 51  ? 4.160   -6.945  -2.259  1.00 20.15 ? 51  GLY A N   1 
ATOM   412  C CA  . GLY A 1 51  ? 3.064   -6.297  -1.556  1.00 19.07 ? 51  GLY A CA  1 
ATOM   413  C C   . GLY A 1 51  ? 2.091   -7.333  -1.007  1.00 19.55 ? 51  GLY A C   1 
ATOM   414  O O   . GLY A 1 51  ? 2.158   -8.496  -1.393  1.00 19.09 ? 51  GLY A O   1 
ATOM   415  N N   . TRP A 1 52  ? 1.204   -6.937  -0.095  1.00 18.09 ? 52  TRP A N   1 
ATOM   416  C CA  . TRP A 1 52  ? 0.225   -7.876  0.446   1.00 19.30 ? 52  TRP A CA  1 
ATOM   417  C C   . TRP A 1 52  ? -1.149  -7.528  -0.117  1.00 20.07 ? 52  TRP A C   1 
ATOM   418  O O   . TRP A 1 52  ? -1.473  -6.356  -0.305  1.00 19.92 ? 52  TRP A O   1 
ATOM   419  C CB  . TRP A 1 52  ? 0.162   -7.830  1.976   1.00 20.02 ? 52  TRP A CB  1 
ATOM   420  C CG  . TRP A 1 52  ? 1.436   -8.174  2.687   1.00 19.59 ? 52  TRP A CG  1 
ATOM   421  C CD1 . TRP A 1 52  ? 2.508   -8.859  2.185   1.00 20.46 ? 52  TRP A CD1 1 
ATOM   422  C CD2 . TRP A 1 52  ? 1.763   -7.852  4.042   1.00 20.05 ? 52  TRP A CD2 1 
ATOM   423  N NE1 . TRP A 1 52  ? 3.485   -8.977  3.149   1.00 22.05 ? 52  TRP A NE1 1 
ATOM   424  C CE2 . TRP A 1 52  ? 3.053   -8.368  4.298   1.00 20.32 ? 52  TRP A CE2 1 
ATOM   425  C CE3 . TRP A 1 52  ? 1.089   -7.173  5.068   1.00 20.29 ? 52  TRP A CE3 1 
ATOM   426  C CZ2 . TRP A 1 52  ? 3.687   -8.226  5.540   1.00 21.23 ? 52  TRP A CZ2 1 
ATOM   427  C CZ3 . TRP A 1 52  ? 1.720   -7.032  6.305   1.00 21.42 ? 52  TRP A CZ3 1 
ATOM   428  C CH2 . TRP A 1 52  ? 3.008   -7.556  6.526   1.00 20.84 ? 52  TRP A CH2 1 
ATOM   429  N N   . HIS A 1 53  ? -1.951  -8.552  -0.373  1.00 17.05 ? 53  HIS A N   1 
ATOM   430  C CA  . HIS A 1 53  ? -3.280  -8.373  -0.942  1.00 20.49 ? 53  HIS A CA  1 
ATOM   431  C C   . HIS A 1 53  ? -4.387  -8.554  0.099   1.00 20.98 ? 53  HIS A C   1 
ATOM   432  O O   . HIS A 1 53  ? -4.654  -9.670  0.537   1.00 20.69 ? 53  HIS A O   1 
ATOM   433  C CB  . HIS A 1 53  ? -3.445  -9.366  -2.101  1.00 18.78 ? 53  HIS A CB  1 
ATOM   434  C CG  . HIS A 1 53  ? -4.760  -9.279  -2.807  1.00 19.95 ? 53  HIS A CG  1 
ATOM   435  N ND1 . HIS A 1 53  ? -5.506  -8.122  -2.865  1.00 22.43 ? 53  HIS A ND1 1 
ATOM   436  C CD2 . HIS A 1 53  ? -5.438  -10.200 -3.532  1.00 19.07 ? 53  HIS A CD2 1 
ATOM   437  C CE1 . HIS A 1 53  ? -6.587  -8.334  -3.593  1.00 19.80 ? 53  HIS A CE1 1 
ATOM   438  N NE2 . HIS A 1 53  ? -6.569  -9.586  -4.010  1.00 20.99 ? 53  HIS A NE2 1 
ATOM   439  N N   . TYR A 1 54  ? -5.002  -7.439  0.501   1.00 19.35 ? 54  TYR A N   1 
ATOM   440  C CA  . TYR A 1 54  ? -6.102  -7.417  1.475   1.00 20.78 ? 54  TYR A CA  1 
ATOM   441  C C   . TYR A 1 54  ? -7.261  -6.601  0.904   1.00 19.73 ? 54  TYR A C   1 
ATOM   442  O O   . TYR A 1 54  ? -7.260  -5.370  0.985   1.00 19.69 ? 54  TYR A O   1 
ATOM   443  C CB  . TYR A 1 54  ? -5.657  -6.784  2.806   1.00 19.66 ? 54  TYR A CB  1 
ATOM   444  C CG  . TYR A 1 54  ? -4.839  -7.705  3.681   1.00 24.22 ? 54  TYR A CG  1 
ATOM   445  C CD1 . TYR A 1 54  ? -3.510  -7.985  3.378   1.00 23.04 ? 54  TYR A CD1 1 
ATOM   446  C CD2 . TYR A 1 54  ? -5.409  -8.331  4.791   1.00 22.51 ? 54  TYR A CD2 1 
ATOM   447  C CE1 . TYR A 1 54  ? -2.766  -8.864  4.151   1.00 26.03 ? 54  TYR A CE1 1 
ATOM   448  C CE2 . TYR A 1 54  ? -4.672  -9.214  5.573   1.00 24.51 ? 54  TYR A CE2 1 
ATOM   449  C CZ  . TYR A 1 54  ? -3.352  -9.477  5.245   1.00 26.03 ? 54  TYR A CZ  1 
ATOM   450  O OH  . TYR A 1 54  ? -2.612  -10.363 5.991   1.00 26.29 ? 54  TYR A OH  1 
ATOM   451  N N   . ALA A 1 55  ? -8.253  -7.285  0.339   1.00 20.63 ? 55  ALA A N   1 
ATOM   452  C CA  . ALA A 1 55  ? -9.400  -6.613  -0.270  1.00 21.16 ? 55  ALA A CA  1 
ATOM   453  C C   . ALA A 1 55  ? -10.120 -5.643  0.668   1.00 20.20 ? 55  ALA A C   1 
ATOM   454  O O   . ALA A 1 55  ? -10.466 -5.989  1.800   1.00 20.26 ? 55  ALA A O   1 
ATOM   455  C CB  . ALA A 1 55  ? -10.388 -7.652  -0.809  1.00 21.93 ? 55  ALA A CB  1 
ATOM   456  N N   . TYR A 1 56  ? -10.352 -4.430  0.180   1.00 19.44 ? 56  TYR A N   1 
ATOM   457  C CA  . TYR A 1 56  ? -11.032 -3.402  0.957   1.00 20.66 ? 56  TYR A CA  1 
ATOM   458  C C   . TYR A 1 56  ? -12.390 -3.861  1.496   1.00 21.26 ? 56  TYR A C   1 
ATOM   459  O O   . TYR A 1 56  ? -12.708 -3.644  2.666   1.00 18.41 ? 56  TYR A O   1 
ATOM   460  C CB  . TYR A 1 56  ? -11.244 -2.153  0.108   1.00 21.80 ? 56  TYR A CB  1 
ATOM   461  C CG  . TYR A 1 56  ? -12.008 -1.071  0.830   1.00 23.88 ? 56  TYR A CG  1 
ATOM   462  C CD1 . TYR A 1 56  ? -11.397 -0.301  1.813   1.00 25.66 ? 56  TYR A CD1 1 
ATOM   463  C CD2 . TYR A 1 56  ? -13.352 -0.834  0.549   1.00 25.05 ? 56  TYR A CD2 1 
ATOM   464  C CE1 . TYR A 1 56  ? -12.100 0.681   2.500   1.00 27.91 ? 56  TYR A CE1 1 
ATOM   465  C CE2 . TYR A 1 56  ? -14.066 0.146   1.229   1.00 26.52 ? 56  TYR A CE2 1 
ATOM   466  C CZ  . TYR A 1 56  ? -13.433 0.899   2.203   1.00 27.91 ? 56  TYR A CZ  1 
ATOM   467  O OH  . TYR A 1 56  ? -14.129 1.872   2.881   1.00 30.75 ? 56  TYR A OH  1 
ATOM   468  N N   . SER A 1 57  ? -13.191 -4.489  0.638   1.00 22.29 ? 57  SER A N   1 
ATOM   469  C CA  . SER A 1 57  ? -14.515 -4.954  1.044   1.00 24.81 ? 57  SER A CA  1 
ATOM   470  C C   . SER A 1 57  ? -14.469 -5.833  2.282   1.00 23.56 ? 57  SER A C   1 
ATOM   471  O O   . SER A 1 57  ? -15.288 -5.682  3.189   1.00 24.06 ? 57  SER A O   1 
ATOM   472  C CB  . SER A 1 57  ? -15.195 -5.722  -0.096  1.00 26.42 ? 57  SER A CB  1 
ATOM   473  O OG  . SER A 1 57  ? -15.466 -4.862  -1.189  1.00 31.84 ? 57  SER A OG  1 
ATOM   474  N N   . ARG A 1 58  ? -13.511 -6.751  2.326   1.00 24.56 ? 58  ARG A N   1 
ATOM   475  C CA  . ARG A 1 58  ? -13.395 -7.645  3.467   1.00 26.43 ? 58  ARG A CA  1 
ATOM   476  C C   . ARG A 1 58  ? -12.818 -6.950  4.701   1.00 26.40 ? 58  ARG A C   1 
ATOM   477  O O   . ARG A 1 58  ? -13.210 -7.252  5.829   1.00 27.42 ? 58  ARG A O   1 
ATOM   478  C CB  . ARG A 1 58  ? -12.546 -8.860  3.104   1.00 29.26 ? 58  ARG A CB  1 
ATOM   479  C CG  . ARG A 1 58  ? -12.605 -9.956  4.147   1.00 34.55 ? 58  ARG A CG  1 
ATOM   480  C CD  . ARG A 1 58  ? -11.874 -11.197 3.687   1.00 38.26 ? 58  ARG A CD  1 
ATOM   481  N NE  . ARG A 1 58  ? -11.787 -12.193 4.750   1.00 42.45 ? 58  ARG A NE  1 
ATOM   482  C CZ  . ARG A 1 58  ? -11.046 -13.291 4.679   1.00 44.57 ? 58  ARG A CZ  1 
ATOM   483  N NH1 . ARG A 1 58  ? -11.023 -14.145 5.695   1.00 45.92 ? 58  ARG A NH1 1 
ATOM   484  N NH2 . ARG A 1 58  ? -10.325 -13.537 3.591   1.00 44.99 ? 58  ARG A NH2 1 
ATOM   485  N N   . LEU A 1 59  ? -11.881 -6.029  4.497   1.00 25.10 ? 59  LEU A N   1 
ATOM   486  C CA  . LEU A 1 59  ? -11.307 -5.300  5.620   1.00 25.38 ? 59  LEU A CA  1 
ATOM   487  C C   . LEU A 1 59  ? -12.425 -4.532  6.319   1.00 26.83 ? 59  LEU A C   1 
ATOM   488  O O   . LEU A 1 59  ? -12.490 -4.477  7.547   1.00 29.27 ? 59  LEU A O   1 
ATOM   489  C CB  . LEU A 1 59  ? -10.237 -4.311  5.136   1.00 23.08 ? 59  LEU A CB  1 
ATOM   490  C CG  . LEU A 1 59  ? -8.886  -4.893  4.712   1.00 23.27 ? 59  LEU A CG  1 
ATOM   491  C CD1 . LEU A 1 59  ? -8.034  -3.793  4.101   1.00 22.77 ? 59  LEU A CD1 1 
ATOM   492  C CD2 . LEU A 1 59  ? -8.181  -5.512  5.919   1.00 22.05 ? 59  LEU A CD2 1 
ATOM   493  N N   . LYS A 1 60  ? -13.314 -3.954  5.520   1.00 27.87 ? 60  LYS A N   1 
ATOM   494  C CA  . LYS A 1 60  ? -14.423 -3.165  6.035   1.00 31.60 ? 60  LYS A CA  1 
ATOM   495  C C   . LYS A 1 60  ? -15.525 -3.987  6.699   1.00 33.29 ? 60  LYS A C   1 
ATOM   496  O O   . LYS A 1 60  ? -16.121 -3.544  7.678   1.00 33.22 ? 60  LYS A O   1 
ATOM   497  C CB  . LYS A 1 60  ? -15.035 -2.327  4.909   1.00 32.41 ? 60  LYS A CB  1 
ATOM   498  C CG  . LYS A 1 60  ? -16.144 -1.393  5.367   1.00 37.02 ? 60  LYS A CG  1 
ATOM   499  C CD  . LYS A 1 60  ? -16.791 -0.685  4.189   1.00 41.39 ? 60  LYS A CD  1 
ATOM   500  C CE  . LYS A 1 60  ? -17.806 0.350   4.649   1.00 44.25 ? 60  LYS A CE  1 
ATOM   501  N NZ  . LYS A 1 60  ? -17.164 1.461   5.413   1.00 46.20 ? 60  LYS A NZ  1 
ATOM   502  N N   . GLN A 1 61  ? -15.787 -5.179  6.169   1.00 34.15 ? 61  GLN A N   1 
ATOM   503  C CA  . GLN A 1 61  ? -16.839 -6.045  6.694   1.00 36.98 ? 61  GLN A CA  1 
ATOM   504  C C   . GLN A 1 61  ? -16.412 -7.031  7.778   1.00 37.29 ? 61  GLN A C   1 
ATOM   505  O O   . GLN A 1 61  ? -17.225 -7.426  8.614   1.00 36.71 ? 61  GLN A O   1 
ATOM   506  C CB  . GLN A 1 61  ? -17.480 -6.836  5.553   1.00 39.53 ? 61  GLN A CB  1 
ATOM   507  C CG  . GLN A 1 61  ? -18.267 -5.999  4.561   1.00 46.11 ? 61  GLN A CG  1 
ATOM   508  C CD  . GLN A 1 61  ? -18.681 -6.799  3.339   1.00 49.89 ? 61  GLN A CD  1 
ATOM   509  O OE1 . GLN A 1 61  ? -19.221 -7.901  3.455   1.00 53.05 ? 61  GLN A OE1 1 
ATOM   510  N NE2 . GLN A 1 61  ? -18.438 -6.242  2.156   1.00 51.02 ? 61  GLN A NE2 1 
ATOM   511  N N   . ASP A 1 62  ? -15.148 -7.433  7.760   1.00 35.96 ? 62  ASP A N   1 
ATOM   512  C CA  . ASP A 1 62  ? -14.652 -8.403  8.725   1.00 36.01 ? 62  ASP A CA  1 
ATOM   513  C C   . ASP A 1 62  ? -13.575 -7.843  9.653   1.00 35.99 ? 62  ASP A C   1 
ATOM   514  O O   . ASP A 1 62  ? -12.401 -7.758  9.284   1.00 33.29 ? 62  ASP A O   1 
ATOM   515  C CB  . ASP A 1 62  ? -14.119 -9.626  7.976   1.00 37.27 ? 62  ASP A CB  1 
ATOM   516  C CG  . ASP A 1 62  ? -13.700 -10.743 8.905   1.00 39.88 ? 62  ASP A CG  1 
ATOM   517  O OD1 . ASP A 1 62  ? -13.327 -11.823 8.399   1.00 40.25 ? 62  ASP A OD1 1 
ATOM   518  O OD2 . ASP A 1 62  ? -13.742 -10.542 10.138  1.00 41.81 ? 62  ASP A OD2 1 
ATOM   519  N N   . PRO A 1 63  ? -13.966 -7.459  10.881  1.00 35.66 ? 63  PRO A N   1 
ATOM   520  C CA  . PRO A 1 63  ? -13.054 -6.904  11.888  1.00 35.27 ? 63  PRO A CA  1 
ATOM   521  C C   . PRO A 1 63  ? -11.847 -7.799  12.169  1.00 34.33 ? 63  PRO A C   1 
ATOM   522  O O   . PRO A 1 63  ? -10.767 -7.308  12.501  1.00 33.73 ? 63  PRO A O   1 
ATOM   523  C CB  . PRO A 1 63  ? -13.954 -6.747  13.110  1.00 36.58 ? 63  PRO A CB  1 
ATOM   524  C CG  . PRO A 1 63  ? -15.284 -6.435  12.496  1.00 36.17 ? 63  PRO A CG  1 
ATOM   525  C CD  . PRO A 1 63  ? -15.353 -7.452  11.380  1.00 35.58 ? 63  PRO A CD  1 
ATOM   526  N N   . GLU A 1 64  ? -12.038 -9.109  12.047  1.00 33.30 ? 64  GLU A N   1 
ATOM   527  C CA  . GLU A 1 64  ? -10.960 -10.064 12.281  1.00 34.42 ? 64  GLU A CA  1 
ATOM   528  C C   . GLU A 1 64  ? -9.925  -9.978  11.169  1.00 32.70 ? 64  GLU A C   1 
ATOM   529  O O   . GLU A 1 64  ? -8.730  -10.181 11.398  1.00 31.58 ? 64  GLU A O   1 
ATOM   530  C CB  . GLU A 1 64  ? -11.509 -11.493 12.345  1.00 38.52 ? 64  GLU A CB  1 
ATOM   531  C CG  . GLU A 1 64  ? -12.396 -11.768 13.547  1.00 44.10 ? 64  GLU A CG  1 
ATOM   532  C CD  . GLU A 1 64  ? -11.703 -11.453 14.860  1.00 48.07 ? 64  GLU A CD  1 
ATOM   533  O OE1 . GLU A 1 64  ? -10.615 -12.020 15.113  1.00 50.74 ? 64  GLU A OE1 1 
ATOM   534  O OE2 . GLU A 1 64  ? -12.244 -10.637 15.639  1.00 50.03 ? 64  GLU A OE2 1 
ATOM   535  N N   . TYR A 1 65  ? -10.395 -9.681  9.963   1.00 29.88 ? 65  TYR A N   1 
ATOM   536  C CA  . TYR A 1 65  ? -9.514  -9.566  8.814   1.00 28.45 ? 65  TYR A CA  1 
ATOM   537  C C   . TYR A 1 65  ? -8.644  -8.329  8.988   1.00 26.20 ? 65  TYR A C   1 
ATOM   538  O O   . TYR A 1 65  ? -7.442  -8.369  8.736   1.00 26.83 ? 65  TYR A O   1 
ATOM   539  C CB  . TYR A 1 65  ? -10.335 -9.463  7.526   1.00 27.33 ? 65  TYR A CB  1 
ATOM   540  C CG  . TYR A 1 65  ? -9.535  -9.746  6.273   1.00 28.72 ? 65  TYR A CG  1 
ATOM   541  C CD1 . TYR A 1 65  ? -8.765  -10.902 6.165   1.00 28.16 ? 65  TYR A CD1 1 
ATOM   542  C CD2 . TYR A 1 65  ? -9.573  -8.876  5.184   1.00 26.70 ? 65  TYR A CD2 1 
ATOM   543  C CE1 . TYR A 1 65  ? -8.052  -11.188 5.004   1.00 29.89 ? 65  TYR A CE1 1 
ATOM   544  C CE2 . TYR A 1 65  ? -8.865  -9.154  4.016   1.00 29.27 ? 65  TYR A CE2 1 
ATOM   545  C CZ  . TYR A 1 65  ? -8.109  -10.312 3.933   1.00 30.29 ? 65  TYR A CZ  1 
ATOM   546  O OH  . TYR A 1 65  ? -7.426  -10.604 2.776   1.00 31.62 ? 65  TYR A OH  1 
ATOM   547  N N   . LEU A 1 66  ? -9.255  -7.232  9.426   1.00 25.90 ? 66  LEU A N   1 
ATOM   548  C CA  . LEU A 1 66  ? -8.520  -5.992  9.650   1.00 27.19 ? 66  LEU A CA  1 
ATOM   549  C C   . LEU A 1 66  ? -7.525  -6.211  10.781  1.00 28.60 ? 66  LEU A C   1 
ATOM   550  O O   . LEU A 1 66  ? -6.390  -5.732  10.732  1.00 27.56 ? 66  LEU A O   1 
ATOM   551  C CB  . LEU A 1 66  ? -9.480  -4.859  10.026  1.00 26.41 ? 66  LEU A CB  1 
ATOM   552  C CG  . LEU A 1 66  ? -8.841  -3.523  10.431  1.00 26.96 ? 66  LEU A CG  1 
ATOM   553  C CD1 . LEU A 1 66  ? -7.951  -3.007  9.316   1.00 27.28 ? 66  LEU A CD1 1 
ATOM   554  C CD2 . LEU A 1 66  ? -9.936  -2.513  10.747  1.00 29.06 ? 66  LEU A CD2 1 
ATOM   555  N N   . ARG A 1 67  ? -7.961  -6.939  11.804  1.00 28.87 ? 67  ARG A N   1 
ATOM   556  C CA  . ARG A 1 67  ? -7.112  -7.240  12.948  1.00 31.32 ? 67  ARG A CA  1 
ATOM   557  C C   . ARG A 1 67  ? -5.894  -8.041  12.491  1.00 29.35 ? 67  ARG A C   1 
ATOM   558  O O   . ARG A 1 67  ? -4.776  -7.809  12.960  1.00 29.19 ? 67  ARG A O   1 
ATOM   559  C CB  . ARG A 1 67  ? -7.908  -8.033  13.986  1.00 36.10 ? 67  ARG A CB  1 
ATOM   560  C CG  . ARG A 1 67  ? -7.118  -8.417  15.222  1.00 44.29 ? 67  ARG A CG  1 
ATOM   561  C CD  . ARG A 1 67  ? -7.958  -9.278  16.153  1.00 51.08 ? 67  ARG A CD  1 
ATOM   562  N NE  . ARG A 1 67  ? -7.196  -9.736  17.310  1.00 57.43 ? 67  ARG A NE  1 
ATOM   563  C CZ  . ARG A 1 67  ? -7.656  -10.595 18.216  1.00 60.50 ? 67  ARG A CZ  1 
ATOM   564  N NH1 . ARG A 1 67  ? -8.880  -11.092 18.099  1.00 61.97 ? 67  ARG A NH1 1 
ATOM   565  N NH2 . ARG A 1 67  ? -6.892  -10.957 19.240  1.00 62.48 ? 67  ARG A NH2 1 
ATOM   566  N N   . GLU A 1 68  ? -6.114  -8.982  11.575  1.00 28.02 ? 68  GLU A N   1 
ATOM   567  C CA  . GLU A 1 68  ? -5.025  -9.800  11.045  1.00 27.51 ? 68  GLU A CA  1 
ATOM   568  C C   . GLU A 1 68  ? -3.984  -8.929  10.344  1.00 24.35 ? 68  GLU A C   1 
ATOM   569  O O   . GLU A 1 68  ? -2.783  -9.123  10.524  1.00 22.57 ? 68  GLU A O   1 
ATOM   570  C CB  . GLU A 1 68  ? -5.556  -10.841 10.052  1.00 30.61 ? 68  GLU A CB  1 
ATOM   571  C CG  . GLU A 1 68  ? -4.466  -11.423 9.153   1.00 35.63 ? 68  GLU A CG  1 
ATOM   572  C CD  . GLU A 1 68  ? -4.999  -12.381 8.104   1.00 40.33 ? 68  GLU A CD  1 
ATOM   573  O OE1 . GLU A 1 68  ? -4.293  -12.604 7.096   1.00 40.77 ? 68  GLU A OE1 1 
ATOM   574  O OE2 . GLU A 1 68  ? -6.112  -12.921 8.286   1.00 41.91 ? 68  GLU A OE2 1 
ATOM   575  N N   . LEU A 1 69  ? -4.448  -7.982  9.534   1.00 23.41 ? 69  LEU A N   1 
ATOM   576  C CA  . LEU A 1 69  ? -3.545  -7.084  8.822   1.00 21.71 ? 69  LEU A CA  1 
ATOM   577  C C   . LEU A 1 69  ? -2.749  -6.249  9.820   1.00 19.78 ? 69  LEU A C   1 
ATOM   578  O O   . LEU A 1 69  ? -1.532  -6.152  9.718   1.00 18.59 ? 69  LEU A O   1 
ATOM   579  C CB  . LEU A 1 69  ? -4.328  -6.162  7.880   1.00 21.30 ? 69  LEU A CB  1 
ATOM   580  C CG  . LEU A 1 69  ? -3.496  -5.074  7.188   1.00 22.21 ? 69  LEU A CG  1 
ATOM   581  C CD1 . LEU A 1 69  ? -2.367  -5.715  6.380   1.00 18.50 ? 69  LEU A CD1 1 
ATOM   582  C CD2 . LEU A 1 69  ? -4.396  -4.230  6.299   1.00 21.44 ? 69  LEU A CD2 1 
ATOM   583  N N   . LYS A 1 70  ? -3.444  -5.652  10.784  1.00 21.93 ? 70  LYS A N   1 
ATOM   584  C CA  . LYS A 1 70  ? -2.798  -4.836  11.808  1.00 23.00 ? 70  LYS A CA  1 
ATOM   585  C C   . LYS A 1 70  ? -1.702  -5.630  12.518  1.00 22.61 ? 70  LYS A C   1 
ATOM   586  O O   . LYS A 1 70  ? -0.578  -5.154  12.677  1.00 21.63 ? 70  LYS A O   1 
ATOM   587  C CB  . LYS A 1 70  ? -3.832  -4.364  12.836  1.00 23.51 ? 70  LYS A CB  1 
ATOM   588  C CG  . LYS A 1 70  ? -3.233  -3.670  14.054  1.00 26.37 ? 70  LYS A CG  1 
ATOM   589  C CD  . LYS A 1 70  ? -4.310  -3.323  15.072  1.00 28.46 ? 70  LYS A CD  1 
ATOM   590  C CE  . LYS A 1 70  ? -3.715  -2.778  16.358  1.00 28.85 ? 70  LYS A CE  1 
ATOM   591  N NZ  . LYS A 1 70  ? -4.773  -2.470  17.357  1.00 30.39 ? 70  LYS A NZ  1 
ATOM   592  N N   . HIS A 1 71  ? -2.042  -6.839  12.950  1.00 23.27 ? 71  HIS A N   1 
ATOM   593  C CA  . HIS A 1 71  ? -1.091  -7.697  13.640  1.00 23.08 ? 71  HIS A CA  1 
ATOM   594  C C   . HIS A 1 71  ? 0.140   -7.965  12.779  1.00 22.96 ? 71  HIS A C   1 
ATOM   595  O O   . HIS A 1 71  ? 1.271   -7.846  13.254  1.00 20.68 ? 71  HIS A O   1 
ATOM   596  C CB  . HIS A 1 71  ? -1.750  -9.027  14.015  1.00 26.75 ? 71  HIS A CB  1 
ATOM   597  C CG  . HIS A 1 71  ? -0.820  -9.989  14.689  1.00 31.92 ? 71  HIS A CG  1 
ATOM   598  N ND1 . HIS A 1 71  ? -0.400  -9.832  15.992  1.00 34.00 ? 71  HIS A ND1 1 
ATOM   599  C CD2 . HIS A 1 71  ? -0.193  -11.098 14.224  1.00 34.28 ? 71  HIS A CD2 1 
ATOM   600  C CE1 . HIS A 1 71  ? 0.445   -10.798 16.303  1.00 33.61 ? 71  HIS A CE1 1 
ATOM   601  N NE2 . HIS A 1 71  ? 0.588   -11.580 15.248  1.00 35.66 ? 71  HIS A NE2 1 
ATOM   602  N N   . ARG A 1 72  ? -0.073  -8.326  11.515  1.00 21.44 ? 72  ARG A N   1 
ATOM   603  C CA  . ARG A 1 72  ? 1.045   -8.610  10.623  1.00 23.53 ? 72  ARG A CA  1 
ATOM   604  C C   . ARG A 1 72  ? 1.945   -7.401  10.455  1.00 23.31 ? 72  ARG A C   1 
ATOM   605  O O   . ARG A 1 72  ? 3.170   -7.523  10.489  1.00 24.10 ? 72  ARG A O   1 
ATOM   606  C CB  . ARG A 1 72  ? 0.558   -9.050  9.241   1.00 26.24 ? 72  ARG A CB  1 
ATOM   607  C CG  . ARG A 1 72  ? 0.078   -10.478 9.161   1.00 32.60 ? 72  ARG A CG  1 
ATOM   608  C CD  . ARG A 1 72  ? -0.129  -10.890 7.710   1.00 34.33 ? 72  ARG A CD  1 
ATOM   609  N NE  . ARG A 1 72  ? 1.135   -11.032 6.991   1.00 34.84 ? 72  ARG A NE  1 
ATOM   610  C CZ  . ARG A 1 72  ? 1.226   -11.325 5.697   1.00 35.68 ? 72  ARG A CZ  1 
ATOM   611  N NH1 . ARG A 1 72  ? 2.415   -11.440 5.121   1.00 36.69 ? 72  ARG A NH1 1 
ATOM   612  N NH2 . ARG A 1 72  ? 0.128   -11.493 4.972   1.00 36.06 ? 72  ARG A NH2 1 
ATOM   613  N N   . LEU A 1 73  ? 1.333   -6.238  10.256  1.00 21.79 ? 73  LEU A N   1 
ATOM   614  C CA  . LEU A 1 73  ? 2.089   -5.008  10.076  1.00 19.86 ? 73  LEU A CA  1 
ATOM   615  C C   . LEU A 1 73  ? 2.939   -4.684  11.301  1.00 19.34 ? 73  LEU A C   1 
ATOM   616  O O   . LEU A 1 73  ? 4.137   -4.433  11.178  1.00 18.22 ? 73  LEU A O   1 
ATOM   617  C CB  . LEU A 1 73  ? 1.140   -3.839  9.775   1.00 16.14 ? 73  LEU A CB  1 
ATOM   618  C CG  . LEU A 1 73  ? 0.473   -3.874  8.391   1.00 16.47 ? 73  LEU A CG  1 
ATOM   619  C CD1 . LEU A 1 73  ? -0.493  -2.709  8.253   1.00 13.23 ? 73  LEU A CD1 1 
ATOM   620  C CD2 . LEU A 1 73  ? 1.544   -3.814  7.298   1.00 13.97 ? 73  LEU A CD2 1 
ATOM   621  N N   . LEU A 1 74  ? 2.322   -4.699  12.481  1.00 19.99 ? 74  LEU A N   1 
ATOM   622  C CA  . LEU A 1 74  ? 3.039   -4.380  13.713  1.00 22.78 ? 74  LEU A CA  1 
ATOM   623  C C   . LEU A 1 74  ? 4.131   -5.391  14.027  1.00 23.05 ? 74  LEU A C   1 
ATOM   624  O O   . LEU A 1 74  ? 5.158   -5.046  14.613  1.00 22.19 ? 74  LEU A O   1 
ATOM   625  C CB  . LEU A 1 74  ? 2.059   -4.272  14.886  1.00 22.31 ? 74  LEU A CB  1 
ATOM   626  C CG  . LEU A 1 74  ? 1.131   -3.054  14.819  1.00 24.26 ? 74  LEU A CG  1 
ATOM   627  C CD1 . LEU A 1 74  ? 0.131   -3.077  15.968  1.00 22.90 ? 74  LEU A CD1 1 
ATOM   628  C CD2 . LEU A 1 74  ? 1.977   -1.780  14.870  1.00 26.31 ? 74  LEU A CD2 1 
ATOM   629  N N   . GLU A 1 75  ? 3.911   -6.637  13.628  1.00 24.13 ? 75  GLU A N   1 
ATOM   630  C CA  . GLU A 1 75  ? 4.891   -7.686  13.863  1.00 26.39 ? 75  GLU A CA  1 
ATOM   631  C C   . GLU A 1 75  ? 6.132   -7.399  13.018  1.00 25.25 ? 75  GLU A C   1 
ATOM   632  O O   . GLU A 1 75  ? 7.265   -7.589  13.467  1.00 23.74 ? 75  GLU A O   1 
ATOM   633  C CB  . GLU A 1 75  ? 4.286   -9.043  13.507  1.00 31.49 ? 75  GLU A CB  1 
ATOM   634  C CG  . GLU A 1 75  ? 5.130   -10.228 13.918  1.00 42.18 ? 75  GLU A CG  1 
ATOM   635  C CD  . GLU A 1 75  ? 4.315   -11.503 14.005  1.00 47.31 ? 75  GLU A CD  1 
ATOM   636  O OE1 . GLU A 1 75  ? 3.403   -11.563 14.860  1.00 50.08 ? 75  GLU A OE1 1 
ATOM   637  O OE2 . GLU A 1 75  ? 4.581   -12.438 13.219  1.00 50.47 ? 75  GLU A OE2 1 
ATOM   638  N N   . LYS A 1 76  ? 5.913   -6.927  11.795  1.00 22.79 ? 76  LYS A N   1 
ATOM   639  C CA  . LYS A 1 76  ? 7.011   -6.587  10.894  1.00 22.27 ? 76  LYS A CA  1 
ATOM   640  C C   . LYS A 1 76  ? 7.736   -5.339  11.408  1.00 20.54 ? 76  LYS A C   1 
ATOM   641  O O   . LYS A 1 76  ? 8.963   -5.236  11.326  1.00 21.49 ? 76  LYS A O   1 
ATOM   642  C CB  . LYS A 1 76  ? 6.465   -6.322  9.483   1.00 25.05 ? 76  LYS A CB  1 
ATOM   643  C CG  . LYS A 1 76  ? 7.514   -5.968  8.427   1.00 28.22 ? 76  LYS A CG  1 
ATOM   644  C CD  . LYS A 1 76  ? 6.858   -5.835  7.047   1.00 31.54 ? 76  LYS A CD  1 
ATOM   645  C CE  . LYS A 1 76  ? 7.873   -5.764  5.902   1.00 32.66 ? 76  LYS A CE  1 
ATOM   646  N NZ  . LYS A 1 76  ? 8.636   -4.490  5.873   1.00 36.09 ? 76  LYS A NZ  1 
ATOM   647  N N   . GLN A 1 77  ? 6.970   -4.394  11.943  1.00 19.67 ? 77  GLN A N   1 
ATOM   648  C CA  . GLN A 1 77  ? 7.542   -3.152  12.455  1.00 19.91 ? 77  GLN A CA  1 
ATOM   649  C C   . GLN A 1 77  ? 8.451   -3.407  13.656  1.00 22.04 ? 77  GLN A C   1 
ATOM   650  O O   . GLN A 1 77  ? 9.531   -2.823  13.766  1.00 21.38 ? 77  GLN A O   1 
ATOM   651  C CB  . GLN A 1 77  ? 6.416   -2.176  12.832  1.00 19.09 ? 77  GLN A CB  1 
ATOM   652  C CG  . GLN A 1 77  ? 6.890   -0.778  13.227  1.00 16.01 ? 77  GLN A CG  1 
ATOM   653  C CD  . GLN A 1 77  ? 7.294   -0.669  14.691  1.00 21.23 ? 77  GLN A CD  1 
ATOM   654  O OE1 . GLN A 1 77  ? 7.998   0.264   15.083  1.00 22.14 ? 77  GLN A OE1 1 
ATOM   655  N NE2 . GLN A 1 77  ? 6.840   -1.614  15.506  1.00 16.22 ? 77  GLN A NE2 1 
ATOM   656  N N   . ALA A 1 78  ? 8.011   -4.291  14.547  1.00 24.22 ? 78  ALA A N   1 
ATOM   657  C CA  . ALA A 1 78  ? 8.766   -4.627  15.752  1.00 24.63 ? 78  ALA A CA  1 
ATOM   658  C C   . ALA A 1 78  ? 10.211  -5.059  15.481  1.00 27.33 ? 78  ALA A C   1 
ATOM   659  O O   . ALA A 1 78  ? 11.115  -4.709  16.238  1.00 27.65 ? 78  ALA A O   1 
ATOM   660  C CB  . ALA A 1 78  ? 8.032   -5.711  16.528  1.00 24.31 ? 78  ALA A CB  1 
ATOM   661  N N   . ASP A 1 79  ? 10.435  -5.811  14.407  1.00 27.91 ? 79  ASP A N   1 
ATOM   662  C CA  . ASP A 1 79  ? 11.782  -6.267  14.082  1.00 31.94 ? 79  ASP A CA  1 
ATOM   663  C C   . ASP A 1 79  ? 12.549  -5.339  13.153  1.00 32.15 ? 79  ASP A C   1 
ATOM   664  O O   . ASP A 1 79  ? 13.663  -5.659  12.735  1.00 33.38 ? 79  ASP A O   1 
ATOM   665  C CB  . ASP A 1 79  ? 11.738  -7.665  13.467  1.00 34.94 ? 79  ASP A CB  1 
ATOM   666  C CG  . ASP A 1 79  ? 11.326  -8.722  14.466  1.00 38.55 ? 79  ASP A CG  1 
ATOM   667  O OD1 . ASP A 1 79  ? 11.904  -8.748  15.575  1.00 40.37 ? 79  ASP A OD1 1 
ATOM   668  O OD2 . ASP A 1 79  ? 10.430  -9.531  14.142  1.00 43.07 ? 79  ASP A OD2 1 
ATOM   669  N N   . GLY A 1 80  ? 11.962  -4.189  12.842  1.00 30.77 ? 80  GLY A N   1 
ATOM   670  C CA  . GLY A 1 80  ? 12.618  -3.249  11.957  1.00 30.00 ? 80  GLY A CA  1 
ATOM   671  C C   . GLY A 1 80  ? 13.131  -1.985  12.623  1.00 30.09 ? 80  GLY A C   1 
ATOM   672  O O   . GLY A 1 80  ? 13.047  -1.819  13.838  1.00 30.93 ? 80  GLY A O   1 
ATOM   673  N N   . ARG A 1 81  ? 13.660  -1.089  11.802  1.00 29.55 ? 81  ARG A N   1 
ATOM   674  C CA  . ARG A 1 81  ? 14.206  0.180   12.251  1.00 30.50 ? 81  ARG A CA  1 
ATOM   675  C C   . ARG A 1 81  ? 13.140  1.274   12.210  1.00 29.74 ? 81  ARG A C   1 
ATOM   676  O O   . ARG A 1 81  ? 12.546  1.532   11.162  1.00 30.83 ? 81  ARG A O   1 
ATOM   677  C CB  . ARG A 1 81  ? 15.373  0.564   11.341  1.00 32.36 ? 81  ARG A CB  1 
ATOM   678  C CG  . ARG A 1 81  ? 16.016  1.905   11.635  1.00 35.63 ? 81  ARG A CG  1 
ATOM   679  C CD  . ARG A 1 81  ? 16.720  2.428   10.389  1.00 39.31 ? 81  ARG A CD  1 
ATOM   680  N NE  . ARG A 1 81  ? 17.489  3.643   10.639  1.00 43.35 ? 81  ARG A NE  1 
ATOM   681  C CZ  . ARG A 1 81  ? 18.706  3.661   11.177  1.00 45.18 ? 81  ARG A CZ  1 
ATOM   682  N NH1 . ARG A 1 81  ? 19.326  4.818   11.372  1.00 46.13 ? 81  ARG A NH1 1 
ATOM   683  N NH2 . ARG A 1 81  ? 19.309  2.525   11.509  1.00 45.49 ? 81  ARG A NH2 1 
ATOM   684  N N   . GLY A 1 82  ? 12.892  1.910   13.351  1.00 26.77 ? 82  GLY A N   1 
ATOM   685  C CA  . GLY A 1 82  ? 11.910  2.979   13.409  1.00 25.21 ? 82  GLY A CA  1 
ATOM   686  C C   . GLY A 1 82  ? 10.472  2.595   13.109  1.00 24.11 ? 82  GLY A C   1 
ATOM   687  O O   . GLY A 1 82  ? 10.023  1.497   13.433  1.00 24.37 ? 82  GLY A O   1 
ATOM   688  N N   . ALA A 1 83  ? 9.742   3.517   12.488  1.00 21.94 ? 83  ALA A N   1 
ATOM   689  C CA  . ALA A 1 83  ? 8.344   3.289   12.150  1.00 21.13 ? 83  ALA A CA  1 
ATOM   690  C C   . ALA A 1 83  ? 8.203   2.602   10.797  1.00 20.31 ? 83  ALA A C   1 
ATOM   691  O O   . ALA A 1 83  ? 9.036   2.780   9.908   1.00 19.84 ? 83  ALA A O   1 
ATOM   692  C CB  . ALA A 1 83  ? 7.596   4.612   12.140  1.00 19.96 ? 83  ALA A CB  1 
ATOM   693  N N   . LEU A 1 84  ? 7.150   1.809   10.649  1.00 18.30 ? 84  LEU A N   1 
ATOM   694  C CA  . LEU A 1 84  ? 6.906   1.115   9.391   1.00 17.72 ? 84  LEU A CA  1 
ATOM   695  C C   . LEU A 1 84  ? 6.028   2.001   8.513   1.00 17.28 ? 84  LEU A C   1 
ATOM   696  O O   . LEU A 1 84  ? 5.005   2.529   8.960   1.00 15.09 ? 84  LEU A O   1 
ATOM   697  C CB  . LEU A 1 84  ? 6.199   -0.226  9.641   1.00 17.40 ? 84  LEU A CB  1 
ATOM   698  C CG  . LEU A 1 84  ? 5.740   -1.016  8.407   1.00 17.93 ? 84  LEU A CG  1 
ATOM   699  C CD1 . LEU A 1 84  ? 6.948   -1.605  7.667   1.00 17.29 ? 84  LEU A CD1 1 
ATOM   700  C CD2 . LEU A 1 84  ? 4.787   -2.131  8.838   1.00 14.48 ? 84  LEU A CD2 1 
ATOM   701  N N   . ASN A 1 85  ? 6.440   2.177   7.267   1.00 14.61 ? 85  ASN A N   1 
ATOM   702  C CA  . ASN A 1 85  ? 5.673   2.987   6.340   1.00 16.11 ? 85  ASN A CA  1 
ATOM   703  C C   . ASN A 1 85  ? 4.741   2.083   5.541   1.00 15.14 ? 85  ASN A C   1 
ATOM   704  O O   . ASN A 1 85  ? 5.183   1.317   4.687   1.00 16.08 ? 85  ASN A O   1 
ATOM   705  C CB  . ASN A 1 85  ? 6.619   3.749   5.422   1.00 14.09 ? 85  ASN A CB  1 
ATOM   706  C CG  . ASN A 1 85  ? 7.481   4.727   6.184   1.00 17.23 ? 85  ASN A CG  1 
ATOM   707  O OD1 . ASN A 1 85  ? 8.435   4.338   6.866   1.00 19.73 ? 85  ASN A OD1 1 
ATOM   708  N ND2 . ASN A 1 85  ? 7.140   6.005   6.096   1.00 15.11 ? 85  ASN A ND2 1 
ATOM   709  N N   . VAL A 1 86  ? 3.450   2.179   5.839   1.00 15.62 ? 86  VAL A N   1 
ATOM   710  C CA  . VAL A 1 86  ? 2.435   1.363   5.177   1.00 13.66 ? 86  VAL A CA  1 
ATOM   711  C C   . VAL A 1 86  ? 1.835   2.105   3.988   1.00 14.67 ? 86  VAL A C   1 
ATOM   712  O O   . VAL A 1 86  ? 1.334   3.219   4.135   1.00 15.41 ? 86  VAL A O   1 
ATOM   713  C CB  . VAL A 1 86  ? 1.314   0.997   6.165   1.00 15.42 ? 86  VAL A CB  1 
ATOM   714  C CG1 . VAL A 1 86  ? 0.355   0.005   5.516   1.00 15.87 ? 86  VAL A CG1 1 
ATOM   715  C CG2 . VAL A 1 86  ? 1.920   0.421   7.445   1.00 15.35 ? 86  VAL A CG2 1 
ATOM   716  N N   . ILE A 1 87  ? 1.878   1.480   2.817   1.00 12.72 ? 87  ILE A N   1 
ATOM   717  C CA  . ILE A 1 87  ? 1.360   2.099   1.594   1.00 14.01 ? 87  ILE A CA  1 
ATOM   718  C C   . ILE A 1 87  ? 0.136   1.376   1.030   1.00 14.00 ? 87  ILE A C   1 
ATOM   719  O O   . ILE A 1 87  ? 0.216   0.210   0.634   1.00 16.72 ? 87  ILE A O   1 
ATOM   720  C CB  . ILE A 1 87  ? 2.451   2.122   0.511   1.00 15.48 ? 87  ILE A CB  1 
ATOM   721  C CG1 . ILE A 1 87  ? 3.728   2.746   1.082   1.00 16.43 ? 87  ILE A CG1 1 
ATOM   722  C CG2 . ILE A 1 87  ? 1.966   2.892   -0.702  1.00 16.93 ? 87  ILE A CG2 1 
ATOM   723  C CD1 . ILE A 1 87  ? 4.985   2.167   0.505   1.00 21.49 ? 87  ILE A CD1 1 
ATOM   724  N N   . PHE A 1 88  ? -0.988  2.083   0.978   1.00 13.66 ? 88  PHE A N   1 
ATOM   725  C CA  . PHE A 1 88  ? -2.233  1.527   0.454   1.00 13.98 ? 88  PHE A CA  1 
ATOM   726  C C   . PHE A 1 88  ? -2.469  2.006   -0.970  1.00 15.52 ? 88  PHE A C   1 
ATOM   727  O O   . PHE A 1 88  ? -2.145  3.143   -1.304  1.00 16.41 ? 88  PHE A O   1 
ATOM   728  C CB  . PHE A 1 88  ? -3.427  1.988   1.298   1.00 14.40 ? 88  PHE A CB  1 
ATOM   729  C CG  . PHE A 1 88  ? -3.418  1.471   2.706   1.00 16.75 ? 88  PHE A CG  1 
ATOM   730  C CD1 . PHE A 1 88  ? -3.968  0.230   3.008   1.00 17.80 ? 88  PHE A CD1 1 
ATOM   731  C CD2 . PHE A 1 88  ? -2.854  2.221   3.731   1.00 18.75 ? 88  PHE A CD2 1 
ATOM   732  C CE1 . PHE A 1 88  ? -3.956  -0.257  4.310   1.00 20.37 ? 88  PHE A CE1 1 
ATOM   733  C CE2 . PHE A 1 88  ? -2.836  1.742   5.038   1.00 19.46 ? 88  PHE A CE2 1 
ATOM   734  C CZ  . PHE A 1 88  ? -3.388  0.502   5.326   1.00 19.82 ? 88  PHE A CZ  1 
ATOM   735  N N   . HIS A 1 89  ? -3.031  1.149   -1.816  1.00 14.94 ? 89  HIS A N   1 
ATOM   736  C CA  . HIS A 1 89  ? -3.345  1.581   -3.171  1.00 14.99 ? 89  HIS A CA  1 
ATOM   737  C C   . HIS A 1 89  ? -4.478  0.783   -3.770  1.00 15.45 ? 89  HIS A C   1 
ATOM   738  O O   . HIS A 1 89  ? -4.717  -0.369  -3.401  1.00 14.89 ? 89  HIS A O   1 
ATOM   739  C CB  . HIS A 1 89  ? -2.107  1.531   -4.090  1.00 14.95 ? 89  HIS A CB  1 
ATOM   740  C CG  . HIS A 1 89  ? -1.778  0.167   -4.611  1.00 15.37 ? 89  HIS A CG  1 
ATOM   741  N ND1 . HIS A 1 89  ? -2.523  -0.460  -5.587  1.00 16.93 ? 89  HIS A ND1 1 
ATOM   742  C CD2 . HIS A 1 89  ? -0.766  -0.681  -4.306  1.00 16.37 ? 89  HIS A CD2 1 
ATOM   743  C CE1 . HIS A 1 89  ? -1.984  -1.634  -5.863  1.00 17.83 ? 89  HIS A CE1 1 
ATOM   744  N NE2 . HIS A 1 89  ? -0.917  -1.793  -5.101  1.00 18.74 ? 89  HIS A NE2 1 
HETATM 745  N N   . CME A 1 90  ? -5.175  1.431   -4.695  1.00 14.73 ? 90  CME A N   1 
HETATM 746  C CA  . CME A 1 90  ? -6.298  0.856   -5.407  1.00 17.43 ? 90  CME A CA  1 
HETATM 747  C CB  . CME A 1 90  ? -7.505  1.788   -5.298  1.00 21.05 ? 90  CME A CB  1 
HETATM 748  S SG  . CME A 1 90  ? -8.378  1.618   -3.722  1.00 29.27 ? 90  CME A SG  1 
HETATM 749  S SD  . CME A 1 90  ? -9.197  -0.226  -3.906  1.00 33.75 ? 90  CME A SD  1 
HETATM 750  C CE  . CME A 1 90  ? -10.690 0.090   -4.871  1.00 37.78 ? 90  CME A CE  1 
HETATM 751  C CZ  . CME A 1 90  ? -10.373 -0.542  -6.231  1.00 38.71 ? 90  CME A CZ  1 
HETATM 752  O OH  . CME A 1 90  ? -10.673 -1.916  -6.173  1.00 41.76 ? 90  CME A OH  1 
HETATM 753  C C   . CME A 1 90  ? -5.930  0.676   -6.874  1.00 16.14 ? 90  CME A C   1 
HETATM 754  O O   . CME A 1 90  ? -4.752  0.624   -7.224  1.00 16.49 ? 90  CME A O   1 
ATOM   755  N N   . MET A 1 91  ? -6.946  0.591   -7.726  1.00 16.51 ? 91  MET A N   1 
ATOM   756  C CA  . MET A 1 91  ? -6.728  0.422   -9.156  1.00 18.94 ? 91  MET A CA  1 
ATOM   757  C C   . MET A 1 91  ? -6.412  1.777   -9.776  1.00 18.97 ? 91  MET A C   1 
ATOM   758  O O   . MET A 1 91  ? -5.456  1.918   -10.533 1.00 19.17 ? 91  MET A O   1 
ATOM   759  C CB  . MET A 1 91  ? -7.979  -0.172  -9.817  1.00 19.41 ? 91  MET A CB  1 
ATOM   760  C CG  . MET A 1 91  ? -7.863  -0.338  -11.330 1.00 22.00 ? 91  MET A CG  1 
ATOM   761  S SD  . MET A 1 91  ? -6.555  -1.482  -11.823 1.00 25.95 ? 91  MET A SD  1 
ATOM   762  C CE  . MET A 1 91  ? -7.494  -2.890  -12.286 1.00 29.30 ? 91  MET A CE  1 
ATOM   763  N N   . LEU A 1 92  ? -7.232  2.769   -9.442  1.00 21.52 ? 92  LEU A N   1 
ATOM   764  C CA  . LEU A 1 92  ? -7.079  4.131   -9.944  1.00 24.76 ? 92  LEU A CA  1 
ATOM   765  C C   . LEU A 1 92  ? -6.993  5.077   -8.748  1.00 26.22 ? 92  LEU A C   1 
ATOM   766  O O   . LEU A 1 92  ? -6.792  4.634   -7.619  1.00 26.06 ? 92  LEU A O   1 
ATOM   767  C CB  . LEU A 1 92  ? -8.288  4.504   -10.806 1.00 27.16 ? 92  LEU A CB  1 
ATOM   768  C CG  . LEU A 1 92  ? -8.513  3.685   -12.082 1.00 30.48 ? 92  LEU A CG  1 
ATOM   769  C CD1 . LEU A 1 92  ? -9.946  3.852   -12.554 1.00 32.69 ? 92  LEU A CD1 1 
ATOM   770  C CD2 . LEU A 1 92  ? -7.532  4.127   -13.156 1.00 30.51 ? 92  LEU A CD2 1 
ATOM   771  N N   . SER A 1 93  ? -7.136  6.377   -8.998  1.00 28.42 ? 93  SER A N   1 
ATOM   772  C CA  . SER A 1 93  ? -7.107  7.363   -7.922  1.00 30.64 ? 93  SER A CA  1 
ATOM   773  C C   . SER A 1 93  ? -8.496  7.335   -7.302  1.00 32.41 ? 93  SER A C   1 
ATOM   774  O O   . SER A 1 93  ? -9.326  8.198   -7.578  1.00 33.86 ? 93  SER A O   1 
ATOM   775  C CB  . SER A 1 93  ? -6.814  8.759   -8.476  1.00 32.16 ? 93  SER A CB  1 
ATOM   776  O OG  . SER A 1 93  ? -5.502  8.834   -9.000  1.00 34.07 ? 93  SER A OG  1 
ATOM   777  N N   . GLN A 1 94  ? -8.741  6.335   -6.461  1.00 32.81 ? 94  GLN A N   1 
ATOM   778  C CA  . GLN A 1 94  ? -10.051 6.161   -5.850  1.00 31.54 ? 94  GLN A CA  1 
ATOM   779  C C   . GLN A 1 94  ? -10.108 6.440   -4.357  1.00 30.47 ? 94  GLN A C   1 
ATOM   780  O O   . GLN A 1 94  ? -9.103  6.360   -3.650  1.00 28.50 ? 94  GLN A O   1 
ATOM   781  C CB  . GLN A 1 94  ? -10.543 4.740   -6.135  1.00 33.62 ? 94  GLN A CB  1 
ATOM   782  C CG  . GLN A 1 94  ? -10.344 4.359   -7.589  1.00 34.54 ? 94  GLN A CG  1 
ATOM   783  C CD  . GLN A 1 94  ? -10.602 2.898   -7.875  1.00 36.84 ? 94  GLN A CD  1 
ATOM   784  O OE1 . GLN A 1 94  ? -11.748 2.472   -8.036  1.00 40.50 ? 94  GLN A OE1 1 
ATOM   785  N NE2 . GLN A 1 94  ? -9.534  2.118   -7.936  1.00 29.84 ? 94  GLN A NE2 1 
ATOM   786  N N   . GLN A 1 95  ? -11.313 6.761   -3.900  1.00 28.72 ? 95  GLN A N   1 
ATOM   787  C CA  . GLN A 1 95  ? -11.594 7.074   -2.509  1.00 29.30 ? 95  GLN A CA  1 
ATOM   788  C C   . GLN A 1 95  ? -11.333 5.896   -1.570  1.00 27.26 ? 95  GLN A C   1 
ATOM   789  O O   . GLN A 1 95  ? -11.147 6.086   -0.367  1.00 27.27 ? 95  GLN A O   1 
ATOM   790  C CB  . GLN A 1 95  ? -13.053 7.528   -2.390  1.00 32.47 ? 95  GLN A CB  1 
ATOM   791  C CG  . GLN A 1 95  ? -13.488 7.931   -0.996  1.00 38.25 ? 95  GLN A CG  1 
ATOM   792  C CD  . GLN A 1 95  ? -14.914 8.459   -0.958  1.00 40.06 ? 95  GLN A CD  1 
ATOM   793  O OE1 . GLN A 1 95  ? -15.227 9.489   -1.564  1.00 41.18 ? 95  GLN A OE1 1 
ATOM   794  N NE2 . GLN A 1 95  ? -15.786 7.756   -0.242  1.00 40.97 ? 95  GLN A NE2 1 
ATOM   795  N N   . ARG A 1 96  ? -11.313 4.682   -2.111  1.00 26.22 ? 96  ARG A N   1 
ATOM   796  C CA  . ARG A 1 96  ? -11.077 3.510   -1.281  1.00 24.92 ? 96  ARG A CA  1 
ATOM   797  C C   . ARG A 1 96  ? -9.659  3.443   -0.727  1.00 22.99 ? 96  ARG A C   1 
ATOM   798  O O   . ARG A 1 96  ? -9.421  2.811   0.303   1.00 23.65 ? 96  ARG A O   1 
ATOM   799  C CB  . ARG A 1 96  ? -11.401 2.234   -2.056  1.00 28.21 ? 96  ARG A CB  1 
ATOM   800  C CG  . ARG A 1 96  ? -12.894 1.997   -2.209  1.00 35.32 ? 96  ARG A CG  1 
ATOM   801  C CD  . ARG A 1 96  ? -13.191 0.556   -2.587  1.00 39.99 ? 96  ARG A CD  1 
ATOM   802  N NE  . ARG A 1 96  ? -14.609 0.236   -2.448  1.00 43.27 ? 96  ARG A NE  1 
ATOM   803  C CZ  . ARG A 1 96  ? -15.101 -0.998  -2.494  1.00 45.73 ? 96  ARG A CZ  1 
ATOM   804  N NH1 . ARG A 1 96  ? -16.405 -1.199  -2.357  1.00 46.88 ? 96  ARG A NH1 1 
ATOM   805  N NH2 . ARG A 1 96  ? -14.289 -2.035  -2.673  1.00 45.37 ? 96  ARG A NH2 1 
ATOM   806  N N   . GLY A 1 97  ? -8.725  4.099   -1.409  1.00 20.14 ? 97  GLY A N   1 
ATOM   807  C CA  . GLY A 1 97  ? -7.345  4.119   -0.953  1.00 18.33 ? 97  GLY A CA  1 
ATOM   808  C C   . GLY A 1 97  ? -7.246  4.789   0.409   1.00 17.34 ? 97  GLY A C   1 
ATOM   809  O O   . GLY A 1 97  ? -6.820  4.162   1.379   1.00 16.83 ? 97  GLY A O   1 
ATOM   810  N N   . PRO A 1 98  ? -7.607  6.076   0.513   1.00 16.72 ? 98  PRO A N   1 
ATOM   811  C CA  . PRO A 1 98  ? -7.526  6.727   1.821   1.00 16.88 ? 98  PRO A CA  1 
ATOM   812  C C   . PRO A 1 98  ? -8.502  6.135   2.848   1.00 16.37 ? 98  PRO A C   1 
ATOM   813  O O   . PRO A 1 98  ? -8.228  6.161   4.046   1.00 16.02 ? 98  PRO A O   1 
ATOM   814  C CB  . PRO A 1 98  ? -7.795  8.206   1.501   1.00 17.45 ? 98  PRO A CB  1 
ATOM   815  C CG  . PRO A 1 98  ? -8.509  8.173   0.184   1.00 19.22 ? 98  PRO A CG  1 
ATOM   816  C CD  . PRO A 1 98  ? -7.815  7.068   -0.557  1.00 14.68 ? 98  PRO A CD  1 
ATOM   817  N N   . SER A 1 99  ? -9.627  5.593   2.385   1.00 16.34 ? 99  SER A N   1 
ATOM   818  C CA  . SER A 1 99  ? -10.593 4.974   3.297   1.00 18.21 ? 99  SER A CA  1 
ATOM   819  C C   . SER A 1 99  ? -9.979  3.737   3.950   1.00 17.40 ? 99  SER A C   1 
ATOM   820  O O   . SER A 1 99  ? -10.216 3.469   5.121   1.00 18.59 ? 99  SER A O   1 
ATOM   821  C CB  . SER A 1 99  ? -11.878 4.574   2.563   1.00 18.77 ? 99  SER A CB  1 
ATOM   822  O OG  . SER A 1 99  ? -12.556 5.718   2.092   1.00 23.05 ? 99  SER A OG  1 
ATOM   823  N N   . ALA A 1 100 ? -9.182  2.982   3.197   1.00 17.40 ? 100 ALA A N   1 
ATOM   824  C CA  . ALA A 1 100 ? -8.543  1.796   3.765   1.00 16.87 ? 100 ALA A CA  1 
ATOM   825  C C   . ALA A 1 100 ? -7.535  2.245   4.818   1.00 18.32 ? 100 ALA A C   1 
ATOM   826  O O   . ALA A 1 100 ? -7.433  1.646   5.886   1.00 18.78 ? 100 ALA A O   1 
ATOM   827  C CB  . ALA A 1 100 ? -7.837  0.992   2.676   1.00 16.69 ? 100 ALA A CB  1 
ATOM   828  N N   . ALA A 1 101 ? -6.798  3.307   4.514   1.00 18.40 ? 101 ALA A N   1 
ATOM   829  C CA  . ALA A 1 101 ? -5.809  3.832   5.448   1.00 17.11 ? 101 ALA A CA  1 
ATOM   830  C C   . ALA A 1 101 ? -6.489  4.298   6.736   1.00 17.17 ? 101 ALA A C   1 
ATOM   831  O O   . ALA A 1 101 ? -5.950  4.113   7.820   1.00 17.77 ? 101 ALA A O   1 
ATOM   832  C CB  . ALA A 1 101 ? -5.045  4.984   4.812   1.00 16.65 ? 101 ALA A CB  1 
ATOM   833  N N   . MET A 1 102 ? -7.668  4.903   6.617   1.00 17.22 ? 102 MET A N   1 
ATOM   834  C CA  . MET A 1 102 ? -8.397  5.374   7.795   1.00 19.39 ? 102 MET A CA  1 
ATOM   835  C C   . MET A 1 102 ? -8.880  4.208   8.658   1.00 19.08 ? 102 MET A C   1 
ATOM   836  O O   . MET A 1 102 ? -8.947  4.319   9.886   1.00 18.75 ? 102 MET A O   1 
ATOM   837  C CB  . MET A 1 102 ? -9.592  6.243   7.386   1.00 21.23 ? 102 MET A CB  1 
ATOM   838  C CG  . MET A 1 102 ? -9.215  7.643   6.914   1.00 23.07 ? 102 MET A CG  1 
ATOM   839  S SD  . MET A 1 102 ? -8.224  8.555   8.133   1.00 27.71 ? 102 MET A SD  1 
ATOM   840  C CE  . MET A 1 102 ? -9.483  9.103   9.284   1.00 26.56 ? 102 MET A CE  1 
ATOM   841  N N   . LEU A 1 103 ? -9.219  3.095   8.014   1.00 19.37 ? 103 LEU A N   1 
ATOM   842  C CA  . LEU A 1 103 ? -9.677  1.910   8.733   1.00 21.66 ? 103 LEU A CA  1 
ATOM   843  C C   . LEU A 1 103 ? -8.569  1.396   9.640   1.00 21.74 ? 103 LEU A C   1 
ATOM   844  O O   . LEU A 1 103 ? -8.815  1.055   10.795  1.00 22.07 ? 103 LEU A O   1 
ATOM   845  C CB  . LEU A 1 103 ? -10.084 0.801   7.757   1.00 24.50 ? 103 LEU A CB  1 
ATOM   846  C CG  . LEU A 1 103 ? -11.448 0.913   7.073   1.00 27.90 ? 103 LEU A CG  1 
ATOM   847  C CD1 . LEU A 1 103 ? -11.608 -0.226  6.069   1.00 29.28 ? 103 LEU A CD1 1 
ATOM   848  C CD2 . LEU A 1 103 ? -12.554 0.857   8.124   1.00 29.23 ? 103 LEU A CD2 1 
ATOM   849  N N   . LEU A 1 104 ? -7.350  1.340   9.109   1.00 21.00 ? 104 LEU A N   1 
ATOM   850  C CA  . LEU A 1 104 ? -6.212  0.880   9.891   1.00 20.76 ? 104 LEU A CA  1 
ATOM   851  C C   . LEU A 1 104 ? -5.887  1.883   10.991  1.00 20.81 ? 104 LEU A C   1 
ATOM   852  O O   . LEU A 1 104 ? -5.657  1.505   12.138  1.00 19.28 ? 104 LEU A O   1 
ATOM   853  C CB  . LEU A 1 104 ? -4.981  0.694   9.010   1.00 20.15 ? 104 LEU A CB  1 
ATOM   854  C CG  . LEU A 1 104 ? -3.721  0.275   9.780   1.00 22.32 ? 104 LEU A CG  1 
ATOM   855  C CD1 . LEU A 1 104 ? -3.923  -1.120  10.361  1.00 25.76 ? 104 LEU A CD1 1 
ATOM   856  C CD2 . LEU A 1 104 ? -2.511  0.297   8.868   1.00 23.33 ? 104 LEU A CD2 1 
ATOM   857  N N   . LEU A 1 105 ? -5.861  3.161   10.629  1.00 19.45 ? 105 LEU A N   1 
ATOM   858  C CA  . LEU A 1 105 ? -5.558  4.220   11.579  1.00 21.38 ? 105 LEU A CA  1 
ATOM   859  C C   . LEU A 1 105 ? -6.481  4.182   12.785  1.00 22.93 ? 105 LEU A C   1 
ATOM   860  O O   . LEU A 1 105 ? -6.025  4.262   13.926  1.00 23.16 ? 105 LEU A O   1 
ATOM   861  C CB  . LEU A 1 105 ? -5.667  5.588   10.898  1.00 21.35 ? 105 LEU A CB  1 
ATOM   862  C CG  . LEU A 1 105 ? -5.378  6.821   11.761  1.00 23.15 ? 105 LEU A CG  1 
ATOM   863  C CD1 . LEU A 1 105 ? -3.978  6.736   12.355  1.00 22.10 ? 105 LEU A CD1 1 
ATOM   864  C CD2 . LEU A 1 105 ? -5.515  8.073   10.908  1.00 23.02 ? 105 LEU A CD2 1 
ATOM   865  N N   . ARG A 1 106 ? -7.779  4.051   12.532  1.00 22.98 ? 106 ARG A N   1 
ATOM   866  C CA  . ARG A 1 106 ? -8.751  4.019   13.611  1.00 25.62 ? 106 ARG A CA  1 
ATOM   867  C C   . ARG A 1 106 ? -8.655  2.766   14.480  1.00 25.05 ? 106 ARG A C   1 
ATOM   868  O O   . ARG A 1 106 ? -9.180  2.746   15.593  1.00 25.19 ? 106 ARG A O   1 
ATOM   869  C CB  . ARG A 1 106 ? -10.171 4.170   13.048  1.00 26.12 ? 106 ARG A CB  1 
ATOM   870  C CG  . ARG A 1 106 ? -10.448 5.541   12.426  1.00 31.59 ? 106 ARG A CG  1 
ATOM   871  C CD  . ARG A 1 106 ? -10.291 6.642   13.459  1.00 35.34 ? 106 ARG A CD  1 
ATOM   872  N NE  . ARG A 1 106 ? -10.382 7.993   12.903  1.00 37.97 ? 106 ARG A NE  1 
ATOM   873  C CZ  . ARG A 1 106 ? -11.475 8.518   12.356  1.00 39.29 ? 106 ARG A CZ  1 
ATOM   874  N NH1 . ARG A 1 106 ? -11.448 9.758   11.887  1.00 39.65 ? 106 ARG A NH1 1 
ATOM   875  N NH2 . ARG A 1 106 ? -12.590 7.806   12.269  1.00 41.49 ? 106 ARG A NH2 1 
ATOM   876  N N   . SER A 1 107 ? -7.976  1.732   13.989  1.00 24.76 ? 107 SER A N   1 
ATOM   877  C CA  . SER A 1 107 ? -7.841  0.498   14.758  1.00 25.63 ? 107 SER A CA  1 
ATOM   878  C C   . SER A 1 107 ? -6.588  0.482   15.626  1.00 25.24 ? 107 SER A C   1 
ATOM   879  O O   . SER A 1 107 ? -6.374  -0.459  16.387  1.00 23.97 ? 107 SER A O   1 
ATOM   880  C CB  . SER A 1 107 ? -7.831  -0.726  13.830  1.00 27.09 ? 107 SER A CB  1 
ATOM   881  O OG  . SER A 1 107 ? -6.580  -0.873  13.178  1.00 32.02 ? 107 SER A OG  1 
ATOM   882  N N   . LEU A 1 108 ? -5.769  1.527   15.518  1.00 25.84 ? 108 LEU A N   1 
ATOM   883  C CA  . LEU A 1 108 ? -4.530  1.625   16.292  1.00 27.44 ? 108 LEU A CA  1 
ATOM   884  C C   . LEU A 1 108 ? -4.728  2.284   17.654  1.00 29.32 ? 108 LEU A C   1 
ATOM   885  O O   . LEU A 1 108 ? -5.506  3.225   17.784  1.00 29.14 ? 108 LEU A O   1 
ATOM   886  C CB  . LEU A 1 108 ? -3.482  2.434   15.518  1.00 26.50 ? 108 LEU A CB  1 
ATOM   887  C CG  . LEU A 1 108 ? -2.979  1.920   14.167  1.00 25.44 ? 108 LEU A CG  1 
ATOM   888  C CD1 . LEU A 1 108 ? -1.957  2.899   13.601  1.00 25.80 ? 108 LEU A CD1 1 
ATOM   889  C CD2 . LEU A 1 108 ? -2.361  0.550   14.336  1.00 25.61 ? 108 LEU A CD2 1 
ATOM   890  N N   . ASP A 1 109 ? -4.019  1.785   18.665  1.00 32.96 ? 109 ASP A N   1 
ATOM   891  C CA  . ASP A 1 109 ? -4.084  2.356   20.010  1.00 36.03 ? 109 ASP A CA  1 
ATOM   892  C C   . ASP A 1 109 ? -3.188  3.584   20.019  1.00 36.47 ? 109 ASP A C   1 
ATOM   893  O O   . ASP A 1 109 ? -2.354  3.753   19.132  1.00 34.15 ? 109 ASP A O   1 
ATOM   894  C CB  . ASP A 1 109 ? -3.557  1.373   21.058  1.00 40.58 ? 109 ASP A CB  1 
ATOM   895  C CG  . ASP A 1 109 ? -4.452  0.177   21.241  1.00 45.86 ? 109 ASP A CG  1 
ATOM   896  O OD1 . ASP A 1 109 ? -5.637  0.376   21.582  1.00 49.02 ? 109 ASP A OD1 1 
ATOM   897  O OD2 . ASP A 1 109 ? -3.968  -0.961  21.049  1.00 48.71 ? 109 ASP A OD2 1 
ATOM   898  N N   . THR A 1 110 ? -3.348  4.432   21.028  1.00 36.27 ? 110 THR A N   1 
ATOM   899  C CA  . THR A 1 110 ? -2.532  5.634   21.126  1.00 38.52 ? 110 THR A CA  1 
ATOM   900  C C   . THR A 1 110 ? -1.048  5.268   21.184  1.00 38.89 ? 110 THR A C   1 
ATOM   901  O O   . THR A 1 110 ? -0.190  6.034   20.742  1.00 40.27 ? 110 THR A O   1 
ATOM   902  C CB  . THR A 1 110 ? -2.905  6.462   22.379  1.00 38.98 ? 110 THR A CB  1 
ATOM   903  O OG1 . THR A 1 110 ? -2.696  5.673   23.557  1.00 41.62 ? 110 THR A OG1 1 
ATOM   904  C CG2 . THR A 1 110 ? -4.365  6.885   22.319  1.00 38.97 ? 110 THR A CG2 1 
ATOM   905  N N   . ALA A 1 111 ? -0.751  4.086   21.716  1.00 38.84 ? 111 ALA A N   1 
ATOM   906  C CA  . ALA A 1 111 ? 0.629   3.623   21.830  1.00 38.90 ? 111 ALA A CA  1 
ATOM   907  C C   . ALA A 1 111 ? 1.168   3.105   20.497  1.00 38.54 ? 111 ALA A C   1 
ATOM   908  O O   . ALA A 1 111 ? 2.375   3.123   20.255  1.00 40.04 ? 111 ALA A O   1 
ATOM   909  C CB  . ALA A 1 111 ? 0.725   2.530   22.891  1.00 40.14 ? 111 ALA A CB  1 
ATOM   910  N N   . GLU A 1 112 ? 0.267   2.651   19.635  1.00 35.01 ? 112 GLU A N   1 
ATOM   911  C CA  . GLU A 1 112 ? 0.653   2.120   18.334  1.00 33.01 ? 112 GLU A CA  1 
ATOM   912  C C   . GLU A 1 112 ? 0.668   3.202   17.251  1.00 32.12 ? 112 GLU A C   1 
ATOM   913  O O   . GLU A 1 112 ? 1.167   2.978   16.147  1.00 31.50 ? 112 GLU A O   1 
ATOM   914  C CB  . GLU A 1 112 ? -0.307  0.991   17.942  1.00 30.70 ? 112 GLU A CB  1 
ATOM   915  C CG  . GLU A 1 112 ? -0.473  -0.054  19.039  1.00 31.18 ? 112 GLU A CG  1 
ATOM   916  C CD  . GLU A 1 112 ? -1.576  -1.057  18.755  1.00 31.00 ? 112 GLU A CD  1 
ATOM   917  O OE1 . GLU A 1 112 ? -2.700  -0.628  18.416  1.00 29.50 ? 112 GLU A OE1 1 
ATOM   918  O OE2 . GLU A 1 112 ? -1.322  -2.272  18.887  1.00 27.96 ? 112 GLU A OE2 1 
ATOM   919  N N   . LEU A 1 113 ? 0.125   4.373   17.567  1.00 31.01 ? 113 LEU A N   1 
ATOM   920  C CA  . LEU A 1 113 ? 0.084   5.466   16.606  1.00 31.34 ? 113 LEU A CA  1 
ATOM   921  C C   . LEU A 1 113 ? 1.467   5.875   16.120  1.00 31.11 ? 113 LEU A C   1 
ATOM   922  O O   . LEU A 1 113 ? 1.628   6.273   14.968  1.00 32.56 ? 113 LEU A O   1 
ATOM   923  C CB  . LEU A 1 113 ? -0.614  6.689   17.205  1.00 32.01 ? 113 LEU A CB  1 
ATOM   924  C CG  . LEU A 1 113 ? -2.144  6.719   17.195  1.00 32.33 ? 113 LEU A CG  1 
ATOM   925  C CD1 . LEU A 1 113 ? -2.624  8.043   17.776  1.00 31.80 ? 113 LEU A CD1 1 
ATOM   926  C CD2 . LEU A 1 113 ? -2.657  6.552   15.766  1.00 30.15 ? 113 LEU A CD2 1 
ATOM   927  N N   . SER A 1 114 ? 2.464   5.773   16.995  1.00 28.60 ? 114 SER A N   1 
ATOM   928  C CA  . SER A 1 114 ? 3.827   6.160   16.640  1.00 28.18 ? 114 SER A CA  1 
ATOM   929  C C   . SER A 1 114 ? 4.611   5.080   15.897  1.00 26.64 ? 114 SER A C   1 
ATOM   930  O O   . SER A 1 114 ? 5.703   5.335   15.389  1.00 25.57 ? 114 SER A O   1 
ATOM   931  C CB  . SER A 1 114 ? 4.598   6.552   17.903  1.00 31.13 ? 114 SER A CB  1 
ATOM   932  O OG  . SER A 1 114 ? 4.666   5.460   18.807  1.00 35.74 ? 114 SER A OG  1 
ATOM   933  N N   . ARG A 1 115 ? 4.061   3.873   15.825  1.00 23.69 ? 115 ARG A N   1 
ATOM   934  C CA  . ARG A 1 115 ? 4.757   2.784   15.152  1.00 23.74 ? 115 ARG A CA  1 
ATOM   935  C C   . ARG A 1 115 ? 4.579   2.706   13.638  1.00 22.97 ? 115 ARG A C   1 
ATOM   936  O O   . ARG A 1 115 ? 5.296   1.961   12.966  1.00 22.38 ? 115 ARG A O   1 
ATOM   937  C CB  . ARG A 1 115 ? 4.350   1.448   15.772  1.00 21.89 ? 115 ARG A CB  1 
ATOM   938  C CG  . ARG A 1 115 ? 4.915   1.234   17.164  1.00 24.70 ? 115 ARG A CG  1 
ATOM   939  C CD  . ARG A 1 115 ? 5.265   -0.228  17.356  1.00 25.88 ? 115 ARG A CD  1 
ATOM   940  N NE  . ARG A 1 115 ? 4.222   -0.965  18.042  1.00 28.27 ? 115 ARG A NE  1 
ATOM   941  C CZ  . ARG A 1 115 ? 4.089   -2.285  18.011  1.00 26.61 ? 115 ARG A CZ  1 
ATOM   942  N NH1 . ARG A 1 115 ? 3.106   -2.855  18.688  1.00 29.59 ? 115 ARG A NH1 1 
ATOM   943  N NH2 . ARG A 1 115 ? 4.913   -3.032  17.285  1.00 25.78 ? 115 ARG A NH2 1 
ATOM   944  N N   . CYS A 1 116 ? 3.629   3.467   13.104  1.00 23.80 ? 116 CYS A N   1 
ATOM   945  C CA  . CYS A 1 116 ? 3.358   3.452   11.667  1.00 23.77 ? 116 CYS A CA  1 
ATOM   946  C C   . CYS A 1 116 ? 3.200   4.842   11.069  1.00 22.10 ? 116 CYS A C   1 
ATOM   947  O O   . CYS A 1 116 ? 2.900   5.806   11.774  1.00 22.42 ? 116 CYS A O   1 
ATOM   948  C CB  . CYS A 1 116 ? 2.060   2.684   11.370  1.00 26.19 ? 116 CYS A CB  1 
ATOM   949  S SG  . CYS A 1 116 ? 2.010   0.955   11.859  1.00 34.02 ? 116 CYS A SG  1 
ATOM   950  N N   . ARG A 1 117 ? 3.411   4.922   9.757   1.00 20.63 ? 117 ARG A N   1 
ATOM   951  C CA  . ARG A 1 117 ? 3.226   6.147   8.982   1.00 20.26 ? 117 ARG A CA  1 
ATOM   952  C C   . ARG A 1 117 ? 2.350   5.616   7.857   1.00 18.01 ? 117 ARG A C   1 
ATOM   953  O O   . ARG A 1 117 ? 2.666   4.592   7.269   1.00 16.58 ? 117 ARG A O   1 
ATOM   954  C CB  . ARG A 1 117 ? 4.544   6.675   8.406   1.00 20.63 ? 117 ARG A CB  1 
ATOM   955  C CG  . ARG A 1 117 ? 5.598   7.049   9.435   1.00 26.69 ? 117 ARG A CG  1 
ATOM   956  C CD  . ARG A 1 117 ? 6.839   7.624   8.753   1.00 28.44 ? 117 ARG A CD  1 
ATOM   957  N NE  . ARG A 1 117 ? 8.015   7.549   9.613   1.00 32.10 ? 117 ARG A NE  1 
ATOM   958  C CZ  . ARG A 1 117 ? 8.170   8.247   10.733  1.00 33.40 ? 117 ARG A CZ  1 
ATOM   959  N NH1 . ARG A 1 117 ? 9.275   8.105   11.458  1.00 33.11 ? 117 ARG A NH1 1 
ATOM   960  N NH2 . ARG A 1 117 ? 7.229   9.095   11.118  1.00 33.29 ? 117 ARG A NH2 1 
ATOM   961  N N   . LEU A 1 118 ? 1.246   6.292   7.563   1.00 16.13 ? 118 LEU A N   1 
ATOM   962  C CA  . LEU A 1 118 ? 0.346   5.805   6.526   1.00 18.17 ? 118 LEU A CA  1 
ATOM   963  C C   . LEU A 1 118 ? 0.409   6.601   5.233   1.00 17.12 ? 118 LEU A C   1 
ATOM   964  O O   . LEU A 1 118 ? 0.348   7.830   5.249   1.00 16.85 ? 118 LEU A O   1 
ATOM   965  C CB  . LEU A 1 118 ? -1.091  5.797   7.055   1.00 18.42 ? 118 LEU A CB  1 
ATOM   966  C CG  . LEU A 1 118 ? -1.311  4.992   8.337   1.00 23.80 ? 118 LEU A CG  1 
ATOM   967  C CD1 . LEU A 1 118 ? -2.773  5.098   8.761   1.00 24.94 ? 118 LEU A CD1 1 
ATOM   968  C CD2 . LEU A 1 118 ? -0.923  3.535   8.109   1.00 21.04 ? 118 LEU A CD2 1 
ATOM   969  N N   . TRP A 1 119 ? 0.526   5.883   4.118   1.00 15.35 ? 119 TRP A N   1 
ATOM   970  C CA  . TRP A 1 119 ? 0.582   6.502   2.799   1.00 14.25 ? 119 TRP A CA  1 
ATOM   971  C C   . TRP A 1 119 ? -0.408  5.884   1.819   1.00 15.35 ? 119 TRP A C   1 
ATOM   972  O O   . TRP A 1 119 ? -0.837  4.735   1.978   1.00 17.65 ? 119 TRP A O   1 
ATOM   973  C CB  . TRP A 1 119 ? 1.966   6.340   2.160   1.00 14.71 ? 119 TRP A CB  1 
ATOM   974  C CG  . TRP A 1 119 ? 3.129   6.810   2.963   1.00 15.89 ? 119 TRP A CG  1 
ATOM   975  C CD1 . TRP A 1 119 ? 3.730   6.158   4.002   1.00 15.94 ? 119 TRP A CD1 1 
ATOM   976  C CD2 . TRP A 1 119 ? 3.865   8.017   2.764   1.00 19.05 ? 119 TRP A CD2 1 
ATOM   977  N NE1 . TRP A 1 119 ? 4.803   6.886   4.460   1.00 18.09 ? 119 TRP A NE1 1 
ATOM   978  C CE2 . TRP A 1 119 ? 4.907   8.034   3.718   1.00 19.16 ? 119 TRP A CE2 1 
ATOM   979  C CE3 . TRP A 1 119 ? 3.747   9.088   1.868   1.00 18.01 ? 119 TRP A CE3 1 
ATOM   980  C CZ2 . TRP A 1 119 ? 5.829   9.082   3.802   1.00 19.66 ? 119 TRP A CZ2 1 
ATOM   981  C CZ3 . TRP A 1 119 ? 4.664   10.130  1.949   1.00 21.87 ? 119 TRP A CZ3 1 
ATOM   982  C CH2 . TRP A 1 119 ? 5.693   10.118  2.911   1.00 23.23 ? 119 TRP A CH2 1 
ATOM   983  N N   . VAL A 1 120 ? -0.748  6.659   0.797   1.00 14.14 ? 120 VAL A N   1 
ATOM   984  C CA  . VAL A 1 120 ? -1.608  6.206   -0.288  1.00 14.82 ? 120 VAL A CA  1 
ATOM   985  C C   . VAL A 1 120 ? -0.805  6.495   -1.558  1.00 15.92 ? 120 VAL A C   1 
ATOM   986  O O   . VAL A 1 120 ? -0.248  7.585   -1.715  1.00 15.95 ? 120 VAL A O   1 
ATOM   987  C CB  . VAL A 1 120 ? -2.935  6.987   -0.365  1.00 15.82 ? 120 VAL A CB  1 
ATOM   988  C CG1 . VAL A 1 120 ? -3.696  6.589   -1.634  1.00 13.07 ? 120 VAL A CG1 1 
ATOM   989  C CG2 . VAL A 1 120 ? -3.787  6.699   0.866   1.00 14.90 ? 120 VAL A CG2 1 
ATOM   990  N N   . LEU A 1 121 ? -0.728  5.515   -2.449  1.00 14.64 ? 121 LEU A N   1 
ATOM   991  C CA  . LEU A 1 121 ? 0.001   5.680   -3.698  1.00 15.37 ? 121 LEU A CA  1 
ATOM   992  C C   . LEU A 1 121 ? -0.888  6.393   -4.717  1.00 16.70 ? 121 LEU A C   1 
ATOM   993  O O   . LEU A 1 121 ? -1.888  5.835   -5.176  1.00 13.68 ? 121 LEU A O   1 
ATOM   994  C CB  . LEU A 1 121 ? 0.416   4.309   -4.241  1.00 16.64 ? 121 LEU A CB  1 
ATOM   995  C CG  . LEU A 1 121 ? 1.122   4.273   -5.598  1.00 17.29 ? 121 LEU A CG  1 
ATOM   996  C CD1 . LEU A 1 121 ? 2.468   4.998   -5.506  1.00 18.60 ? 121 LEU A CD1 1 
ATOM   997  C CD2 . LEU A 1 121 ? 1.321   2.827   -6.022  1.00 18.69 ? 121 LEU A CD2 1 
ATOM   998  N N   . ARG A 1 122 ? -0.525  7.625   -5.069  1.00 15.87 ? 122 ARG A N   1 
ATOM   999  C CA  . ARG A 1 122 ? -1.314  8.393   -6.031  1.00 18.54 ? 122 ARG A CA  1 
ATOM   1000 C C   . ARG A 1 122 ? -1.397  7.697   -7.384  1.00 18.36 ? 122 ARG A C   1 
ATOM   1001 O O   . ARG A 1 122 ? -0.378  7.303   -7.953  1.00 17.75 ? 122 ARG A O   1 
ATOM   1002 C CB  . ARG A 1 122 ? -0.722  9.798   -6.233  1.00 19.16 ? 122 ARG A CB  1 
ATOM   1003 C CG  . ARG A 1 122 ? -0.891  10.758  -5.055  1.00 21.59 ? 122 ARG A CG  1 
ATOM   1004 C CD  . ARG A 1 122 ? -0.579  12.195  -5.486  1.00 24.67 ? 122 ARG A CD  1 
ATOM   1005 N NE  . ARG A 1 122 ? -0.637  13.160  -4.387  1.00 26.60 ? 122 ARG A NE  1 
ATOM   1006 C CZ  . ARG A 1 122 ? -1.755  13.544  -3.771  1.00 27.70 ? 122 ARG A CZ  1 
ATOM   1007 N NH1 . ARG A 1 122 ? -1.691  14.428  -2.785  1.00 26.41 ? 122 ARG A NH1 1 
ATOM   1008 N NH2 . ARG A 1 122 ? -2.933  13.054  -4.137  1.00 24.74 ? 122 ARG A NH2 1 
ATOM   1009 N N   . GLY A 1 123 ? -2.616  7.539   -7.890  1.00 18.85 ? 123 GLY A N   1 
ATOM   1010 C CA  . GLY A 1 123 ? -2.791  6.927   -9.194  1.00 18.48 ? 123 GLY A CA  1 
ATOM   1011 C C   . GLY A 1 123 ? -3.081  5.438   -9.220  1.00 18.07 ? 123 GLY A C   1 
ATOM   1012 O O   . GLY A 1 123 ? -3.481  4.914   -10.255 1.00 18.31 ? 123 GLY A O   1 
ATOM   1013 N N   . GLY A 1 124 ? -2.865  4.757   -8.097  1.00 16.15 ? 124 GLY A N   1 
ATOM   1014 C CA  . GLY A 1 124 ? -3.133  3.332   -8.028  1.00 17.88 ? 124 GLY A CA  1 
ATOM   1015 C C   . GLY A 1 124 ? -2.246  2.499   -8.930  1.00 19.16 ? 124 GLY A C   1 
ATOM   1016 O O   . GLY A 1 124 ? -1.257  2.995   -9.489  1.00 16.88 ? 124 GLY A O   1 
ATOM   1017 N N   . PHE A 1 125 ? -2.602  1.227   -9.089  1.00 18.50 ? 125 PHE A N   1 
ATOM   1018 C CA  . PHE A 1 125 ? -1.806  0.343   -9.919  1.00 19.06 ? 125 PHE A CA  1 
ATOM   1019 C C   . PHE A 1 125 ? -1.825  0.771   -11.376 1.00 19.30 ? 125 PHE A C   1 
ATOM   1020 O O   . PHE A 1 125 ? -0.870  0.531   -12.102 1.00 20.30 ? 125 PHE A O   1 
ATOM   1021 C CB  . PHE A 1 125 ? -2.290  -1.104  -9.814  1.00 16.43 ? 125 PHE A CB  1 
ATOM   1022 C CG  . PHE A 1 125 ? -1.349  -2.088  -10.446 1.00 17.59 ? 125 PHE A CG  1 
ATOM   1023 C CD1 . PHE A 1 125 ? -0.109  -2.342  -9.868  1.00 14.61 ? 125 PHE A CD1 1 
ATOM   1024 C CD2 . PHE A 1 125 ? -1.668  -2.703  -11.656 1.00 14.75 ? 125 PHE A CD2 1 
ATOM   1025 C CE1 . PHE A 1 125 ? 0.804   -3.187  -10.487 1.00 16.85 ? 125 PHE A CE1 1 
ATOM   1026 C CE2 . PHE A 1 125 ? -0.760  -3.552  -12.288 1.00 15.97 ? 125 PHE A CE2 1 
ATOM   1027 C CZ  . PHE A 1 125 ? 0.481   -3.794  -11.701 1.00 18.79 ? 125 PHE A CZ  1 
ATOM   1028 N N   . SER A 1 126 ? -2.916  1.397   -11.801 1.00 19.04 ? 126 SER A N   1 
ATOM   1029 C CA  . SER A 1 126 ? -3.033  1.856   -13.174 1.00 21.47 ? 126 SER A CA  1 
ATOM   1030 C C   . SER A 1 126 ? -1.903  2.816   -13.549 1.00 20.79 ? 126 SER A C   1 
ATOM   1031 O O   . SER A 1 126 ? -1.299  2.677   -14.612 1.00 22.32 ? 126 SER A O   1 
ATOM   1032 C CB  . SER A 1 126 ? -4.383  2.536   -13.396 1.00 23.64 ? 126 SER A CB  1 
ATOM   1033 O OG  . SER A 1 126 ? -4.521  2.934   -14.747 1.00 29.23 ? 126 SER A OG  1 
ATOM   1034 N N   . ARG A 1 127 ? -1.604  3.786   -12.689 1.00 21.75 ? 127 ARG A N   1 
ATOM   1035 C CA  . ARG A 1 127 ? -0.524  4.710   -13.014 1.00 22.37 ? 127 ARG A CA  1 
ATOM   1036 C C   . ARG A 1 127 ? 0.801   3.979   -12.878 1.00 22.11 ? 127 ARG A C   1 
ATOM   1037 O O   . ARG A 1 127 ? 1.714   4.171   -13.680 1.00 19.86 ? 127 ARG A O   1 
ATOM   1038 C CB  . ARG A 1 127 ? -0.519  5.943   -12.106 1.00 24.17 ? 127 ARG A CB  1 
ATOM   1039 C CG  . ARG A 1 127 ? 0.097   7.142   -12.819 1.00 32.58 ? 127 ARG A CG  1 
ATOM   1040 C CD  . ARG A 1 127 ? 1.093   7.936   -11.991 1.00 36.72 ? 127 ARG A CD  1 
ATOM   1041 N NE  . ARG A 1 127 ? 0.462   8.782   -10.985 1.00 42.11 ? 127 ARG A NE  1 
ATOM   1042 C CZ  . ARG A 1 127 ? 1.059   9.822   -10.406 1.00 43.24 ? 127 ARG A CZ  1 
ATOM   1043 N NH1 . ARG A 1 127 ? 0.413   10.537  -9.494  1.00 42.79 ? 127 ARG A NH1 1 
ATOM   1044 N NH2 . ARG A 1 127 ? 2.296   10.160  -10.751 1.00 44.16 ? 127 ARG A NH2 1 
ATOM   1045 N N   . TRP A 1 128 ? 0.901   3.131   -11.857 1.00 20.00 ? 128 TRP A N   1 
ATOM   1046 C CA  . TRP A 1 128 ? 2.119   2.365   -11.634 1.00 21.02 ? 128 TRP A CA  1 
ATOM   1047 C C   . TRP A 1 128 ? 2.542   1.580   -12.875 1.00 20.18 ? 128 TRP A C   1 
ATOM   1048 O O   . TRP A 1 128 ? 3.677   1.706   -13.335 1.00 18.42 ? 128 TRP A O   1 
ATOM   1049 C CB  . TRP A 1 128 ? 1.932   1.399   -10.459 1.00 19.70 ? 128 TRP A CB  1 
ATOM   1050 C CG  . TRP A 1 128 ? 3.126   0.522   -10.203 1.00 19.57 ? 128 TRP A CG  1 
ATOM   1051 C CD1 . TRP A 1 128 ? 3.343   -0.733  -10.689 1.00 18.81 ? 128 TRP A CD1 1 
ATOM   1052 C CD2 . TRP A 1 128 ? 4.283   0.858   -9.427  1.00 19.42 ? 128 TRP A CD2 1 
ATOM   1053 N NE1 . TRP A 1 128 ? 4.564   -1.202  -10.267 1.00 18.12 ? 128 TRP A NE1 1 
ATOM   1054 C CE2 . TRP A 1 128 ? 5.162   -0.246  -9.490  1.00 19.53 ? 128 TRP A CE2 1 
ATOM   1055 C CE3 . TRP A 1 128 ? 4.664   1.986   -8.685  1.00 20.45 ? 128 TRP A CE3 1 
ATOM   1056 C CZ2 . TRP A 1 128 ? 6.402   -0.257  -8.838  1.00 20.81 ? 128 TRP A CZ2 1 
ATOM   1057 C CZ3 . TRP A 1 128 ? 5.899   1.976   -8.038  1.00 20.26 ? 128 TRP A CZ3 1 
ATOM   1058 C CH2 . TRP A 1 128 ? 6.752   0.858   -8.120  1.00 19.36 ? 128 TRP A CH2 1 
ATOM   1059 N N   . GLN A 1 129 ? 1.633   0.776   -13.424 1.00 19.17 ? 129 GLN A N   1 
ATOM   1060 C CA  . GLN A 1 129 ? 1.972   -0.028  -14.594 1.00 20.43 ? 129 GLN A CA  1 
ATOM   1061 C C   . GLN A 1 129 ? 2.313   0.779   -15.846 1.00 20.91 ? 129 GLN A C   1 
ATOM   1062 O O   . GLN A 1 129 ? 3.084   0.320   -16.685 1.00 20.59 ? 129 GLN A O   1 
ATOM   1063 C CB  . GLN A 1 129 ? 0.851   -1.040  -14.906 1.00 21.07 ? 129 GLN A CB  1 
ATOM   1064 C CG  . GLN A 1 129 ? -0.468  -0.468  -15.417 1.00 21.00 ? 129 GLN A CG  1 
ATOM   1065 C CD  . GLN A 1 129 ? -0.432  -0.083  -16.891 1.00 23.85 ? 129 GLN A CD  1 
ATOM   1066 O OE1 . GLN A 1 129 ? 0.071   -0.832  -17.733 1.00 24.61 ? 129 GLN A OE1 1 
ATOM   1067 N NE2 . GLN A 1 129 ? -0.981  1.083   -17.209 1.00 23.39 ? 129 GLN A NE2 1 
ATOM   1068 N N   . SER A 1 130 ? 1.764   1.981   -15.975 1.00 22.53 ? 130 SER A N   1 
ATOM   1069 C CA  . SER A 1 130 ? 2.045   2.790   -17.156 1.00 25.94 ? 130 SER A CA  1 
ATOM   1070 C C   . SER A 1 130 ? 3.520   3.180   -17.180 1.00 28.15 ? 130 SER A C   1 
ATOM   1071 O O   . SER A 1 130 ? 4.053   3.555   -18.221 1.00 27.81 ? 130 SER A O   1 
ATOM   1072 C CB  . SER A 1 130 ? 1.178   4.053   -17.171 1.00 26.92 ? 130 SER A CB  1 
ATOM   1073 O OG  . SER A 1 130 ? 1.601   4.984   -16.186 1.00 30.41 ? 130 SER A OG  1 
ATOM   1074 N N   . VAL A 1 131 ? 4.179   3.073   -16.031 1.00 28.14 ? 131 VAL A N   1 
ATOM   1075 C CA  . VAL A 1 131 ? 5.588   3.433   -15.927 1.00 28.65 ? 131 VAL A CA  1 
ATOM   1076 C C   . VAL A 1 131 ? 6.501   2.248   -15.634 1.00 26.90 ? 131 VAL A C   1 
ATOM   1077 O O   . VAL A 1 131 ? 7.562   2.116   -16.241 1.00 28.03 ? 131 VAL A O   1 
ATOM   1078 C CB  . VAL A 1 131 ? 5.812   4.486   -14.810 1.00 30.25 ? 131 VAL A CB  1 
ATOM   1079 C CG1 . VAL A 1 131 ? 7.280   4.877   -14.747 1.00 32.68 ? 131 VAL A CG1 1 
ATOM   1080 C CG2 . VAL A 1 131 ? 4.950   5.705   -15.062 1.00 33.11 ? 131 VAL A CG2 1 
ATOM   1081 N N   . TYR A 1 132 ? 6.086   1.386   -14.710 1.00 24.47 ? 132 TYR A N   1 
ATOM   1082 C CA  . TYR A 1 132 ? 6.900   0.238   -14.312 1.00 24.11 ? 132 TYR A CA  1 
ATOM   1083 C C   . TYR A 1 132 ? 6.277   -1.127  -14.591 1.00 23.43 ? 132 TYR A C   1 
ATOM   1084 O O   . TYR A 1 132 ? 6.800   -2.152  -14.147 1.00 21.84 ? 132 TYR A O   1 
ATOM   1085 C CB  . TYR A 1 132 ? 7.221   0.335   -12.818 1.00 22.89 ? 132 TYR A CB  1 
ATOM   1086 C CG  . TYR A 1 132 ? 7.850   1.648   -12.404 1.00 26.56 ? 132 TYR A CG  1 
ATOM   1087 C CD1 . TYR A 1 132 ? 7.173   2.533   -11.567 1.00 24.82 ? 132 TYR A CD1 1 
ATOM   1088 C CD2 . TYR A 1 132 ? 9.121   2.009   -12.858 1.00 26.51 ? 132 TYR A CD2 1 
ATOM   1089 C CE1 . TYR A 1 132 ? 7.742   3.747   -11.190 1.00 25.64 ? 132 TYR A CE1 1 
ATOM   1090 C CE2 . TYR A 1 132 ? 9.701   3.223   -12.489 1.00 27.07 ? 132 TYR A CE2 1 
ATOM   1091 C CZ  . TYR A 1 132 ? 9.007   4.087   -11.655 1.00 27.88 ? 132 TYR A CZ  1 
ATOM   1092 O OH  . TYR A 1 132 ? 9.575   5.287   -11.286 1.00 30.11 ? 132 TYR A OH  1 
ATOM   1093 N N   . GLY A 1 133 ? 5.169   -1.139  -15.321 1.00 24.80 ? 133 GLY A N   1 
ATOM   1094 C CA  . GLY A 1 133 ? 4.494   -2.390  -15.627 1.00 26.48 ? 133 GLY A CA  1 
ATOM   1095 C C   . GLY A 1 133 ? 5.381   -3.517  -16.131 1.00 28.61 ? 133 GLY A C   1 
ATOM   1096 O O   . GLY A 1 133 ? 5.284   -4.648  -15.652 1.00 27.90 ? 133 GLY A O   1 
ATOM   1097 N N   . ASP A 1 134 ? 6.254   -3.217  -17.087 1.00 30.17 ? 134 ASP A N   1 
ATOM   1098 C CA  . ASP A 1 134 ? 7.125   -4.245  -17.649 1.00 32.93 ? 134 ASP A CA  1 
ATOM   1099 C C   . ASP A 1 134 ? 8.455   -4.417  -16.915 1.00 32.65 ? 134 ASP A C   1 
ATOM   1100 O O   . ASP A 1 134 ? 9.332   -5.147  -17.376 1.00 32.26 ? 134 ASP A O   1 
ATOM   1101 C CB  . ASP A 1 134 ? 7.380   -3.954  -19.133 1.00 35.88 ? 134 ASP A CB  1 
ATOM   1102 C CG  . ASP A 1 134 ? 8.316   -2.788  -19.349 1.00 40.31 ? 134 ASP A CG  1 
ATOM   1103 O OD1 . ASP A 1 134 ? 8.193   -1.775  -18.628 1.00 44.00 ? 134 ASP A OD1 1 
ATOM   1104 O OD2 . ASP A 1 134 ? 9.175   -2.882  -20.252 1.00 44.09 ? 134 ASP A OD2 1 
ATOM   1105 N N   . ASP A 1 135 ? 8.603   -3.756  -15.770 1.00 30.37 ? 135 ASP A N   1 
ATOM   1106 C CA  . ASP A 1 135 ? 9.829   -3.866  -14.983 1.00 28.46 ? 135 ASP A CA  1 
ATOM   1107 C C   . ASP A 1 135 ? 9.684   -5.020  -13.990 1.00 29.22 ? 135 ASP A C   1 
ATOM   1108 O O   . ASP A 1 135 ? 9.070   -4.878  -12.928 1.00 25.25 ? 135 ASP A O   1 
ATOM   1109 C CB  . ASP A 1 135 ? 10.099  -2.547  -14.251 1.00 29.74 ? 135 ASP A CB  1 
ATOM   1110 C CG  . ASP A 1 135 ? 11.425  -2.541  -13.512 1.00 29.58 ? 135 ASP A CG  1 
ATOM   1111 O OD1 . ASP A 1 135 ? 11.843  -1.449  -13.076 1.00 34.23 ? 135 ASP A OD1 1 
ATOM   1112 O OD2 . ASP A 1 135 ? 12.045  -3.614  -13.359 1.00 30.32 ? 135 ASP A OD2 1 
ATOM   1113 N N   . GLU A 1 136 ? 10.260  -6.160  -14.364 1.00 29.70 ? 136 GLU A N   1 
ATOM   1114 C CA  . GLU A 1 136 ? 10.220  -7.392  -13.585 1.00 31.58 ? 136 GLU A CA  1 
ATOM   1115 C C   . GLU A 1 136 ? 10.732  -7.278  -12.155 1.00 30.45 ? 136 GLU A C   1 
ATOM   1116 O O   . GLU A 1 136 ? 10.354  -8.076  -11.295 1.00 29.03 ? 136 GLU A O   1 
ATOM   1117 C CB  . GLU A 1 136 ? 11.033  -8.475  -14.302 1.00 38.41 ? 136 GLU A CB  1 
ATOM   1118 C CG  . GLU A 1 136 ? 10.742  -8.602  -15.790 1.00 47.06 ? 136 GLU A CG  1 
ATOM   1119 C CD  . GLU A 1 136 ? 11.782  -9.445  -16.513 1.00 52.27 ? 136 GLU A CD  1 
ATOM   1120 O OE1 . GLU A 1 136 ? 11.945  -10.634 -16.155 1.00 54.78 ? 136 GLU A OE1 1 
ATOM   1121 O OE2 . GLU A 1 136 ? 12.439  -8.918  -17.440 1.00 55.23 ? 136 GLU A OE2 1 
ATOM   1122 N N   . SER A 1 137 ? 11.596  -6.301  -11.900 1.00 29.09 ? 137 SER A N   1 
ATOM   1123 C CA  . SER A 1 137 ? 12.156  -6.133  -10.566 1.00 28.51 ? 137 SER A CA  1 
ATOM   1124 C C   . SER A 1 137 ? 11.212  -5.479  -9.562  1.00 27.77 ? 137 SER A C   1 
ATOM   1125 O O   . SER A 1 137 ? 11.424  -5.593  -8.355  1.00 28.73 ? 137 SER A O   1 
ATOM   1126 C CB  . SER A 1 137 ? 13.470  -5.339  -10.633 1.00 28.74 ? 137 SER A CB  1 
ATOM   1127 O OG  . SER A 1 137 ? 13.261  -3.994  -11.024 1.00 33.01 ? 137 SER A OG  1 
ATOM   1128 N N   . VAL A 1 138 ? 10.169  -4.805  -10.046 1.00 25.69 ? 138 VAL A N   1 
ATOM   1129 C CA  . VAL A 1 138 ? 9.227   -4.141  -9.145  1.00 24.62 ? 138 VAL A CA  1 
ATOM   1130 C C   . VAL A 1 138 ? 7.756   -4.504  -9.376  1.00 23.89 ? 138 VAL A C   1 
ATOM   1131 O O   . VAL A 1 138 ? 6.901   -4.193  -8.547  1.00 23.77 ? 138 VAL A O   1 
ATOM   1132 C CB  . VAL A 1 138 ? 9.365   -2.597  -9.219  1.00 23.50 ? 138 VAL A CB  1 
ATOM   1133 C CG1 . VAL A 1 138 ? 10.759  -2.179  -8.767  1.00 24.76 ? 138 VAL A CG1 1 
ATOM   1134 C CG2 . VAL A 1 138 ? 9.093   -2.106  -10.633 1.00 23.30 ? 138 VAL A CG2 1 
ATOM   1135 N N   . THR A 1 139 ? 7.465   -5.158  -10.495 1.00 23.61 ? 139 THR A N   1 
ATOM   1136 C CA  . THR A 1 139 ? 6.094   -5.552  -10.818 1.00 23.17 ? 139 THR A CA  1 
ATOM   1137 C C   . THR A 1 139 ? 6.005   -7.057  -11.037 1.00 22.78 ? 139 THR A C   1 
ATOM   1138 O O   . THR A 1 139 ? 6.815   -7.629  -11.765 1.00 24.72 ? 139 THR A O   1 
ATOM   1139 C CB  . THR A 1 139 ? 5.602   -4.839  -12.089 1.00 21.70 ? 139 THR A CB  1 
ATOM   1140 O OG1 . THR A 1 139 ? 5.648   -3.427  -11.884 1.00 21.06 ? 139 THR A OG1 1 
ATOM   1141 C CG2 . THR A 1 139 ? 4.166   -5.251  -12.421 1.00 22.13 ? 139 THR A CG2 1 
ATOM   1142 N N   . ALA A 1 140 ? 5.014   -7.689  -10.416 1.00 21.96 ? 140 ALA A N   1 
ATOM   1143 C CA  . ALA A 1 140 ? 4.828   -9.133  -10.531 1.00 22.85 ? 140 ALA A CA  1 
ATOM   1144 C C   . ALA A 1 140 ? 3.493   -9.522  -11.163 1.00 22.87 ? 140 ALA A C   1 
ATOM   1145 O O   . ALA A 1 140 ? 2.489   -8.831  -10.991 1.00 22.35 ? 140 ALA A O   1 
ATOM   1146 C CB  . ALA A 1 140 ? 4.950   -9.775  -9.154  1.00 22.94 ? 140 ALA A CB  1 
ATOM   1147 N N   . GLY A 1 141 ? 3.500   -10.637 -11.890 1.00 23.08 ? 141 GLY A N   1 
ATOM   1148 C CA  . GLY A 1 141 ? 2.297   -11.142 -12.535 1.00 22.84 ? 141 GLY A CA  1 
ATOM   1149 C C   . GLY A 1 141 ? 1.645   -10.217 -13.547 1.00 22.86 ? 141 GLY A C   1 
ATOM   1150 O O   . GLY A 1 141 ? 0.436   -10.282 -13.765 1.00 23.93 ? 141 GLY A O   1 
ATOM   1151 N N   . TYR A 1 142 ? 2.442   -9.371  -14.187 1.00 21.61 ? 142 TYR A N   1 
ATOM   1152 C CA  . TYR A 1 142 ? 1.919   -8.422  -15.159 1.00 23.19 ? 142 TYR A CA  1 
ATOM   1153 C C   . TYR A 1 142 ? 1.462   -9.092  -16.454 1.00 24.96 ? 142 TYR A C   1 
ATOM   1154 O O   . TYR A 1 142 ? 2.168   -9.935  -17.014 1.00 24.49 ? 142 TYR A O   1 
ATOM   1155 C CB  . TYR A 1 142 ? 2.980   -7.372  -15.470 1.00 21.55 ? 142 TYR A CB  1 
ATOM   1156 C CG  . TYR A 1 142 ? 2.499   -6.238  -16.341 1.00 23.93 ? 142 TYR A CG  1 
ATOM   1157 C CD1 . TYR A 1 142 ? 1.419   -5.443  -15.952 1.00 22.74 ? 142 TYR A CD1 1 
ATOM   1158 C CD2 . TYR A 1 142 ? 3.154   -5.925  -17.532 1.00 22.95 ? 142 TYR A CD2 1 
ATOM   1159 C CE1 . TYR A 1 142 ? 1.009   -4.359  -16.725 1.00 23.17 ? 142 TYR A CE1 1 
ATOM   1160 C CE2 . TYR A 1 142 ? 2.751   -4.845  -18.310 1.00 23.96 ? 142 TYR A CE2 1 
ATOM   1161 C CZ  . TYR A 1 142 ? 1.682   -4.067  -17.900 1.00 25.06 ? 142 TYR A CZ  1 
ATOM   1162 O OH  . TYR A 1 142 ? 1.294   -2.988  -18.660 1.00 26.56 ? 142 TYR A OH  1 
ATOM   1163 N N   . LEU A 1 143 ? 0.274   -8.712  -16.917 1.00 26.60 ? 143 LEU A N   1 
ATOM   1164 C CA  . LEU A 1 143 ? -0.291  -9.251  -18.151 1.00 28.76 ? 143 LEU A CA  1 
ATOM   1165 C C   . LEU A 1 143 ? -0.498  -8.100  -19.128 1.00 29.37 ? 143 LEU A C   1 
ATOM   1166 O O   . LEU A 1 143 ? -1.551  -7.460  -19.139 1.00 28.75 ? 143 LEU A O   1 
ATOM   1167 C CB  . LEU A 1 143 ? -1.619  -9.946  -17.861 1.00 30.53 ? 143 LEU A CB  1 
ATOM   1168 C CG  . LEU A 1 143 ? -1.535  -11.139 -16.904 1.00 31.08 ? 143 LEU A CG  1 
ATOM   1169 C CD1 . LEU A 1 143 ? -2.929  -11.644 -16.588 1.00 31.50 ? 143 LEU A CD1 1 
ATOM   1170 C CD2 . LEU A 1 143 ? -0.699  -12.246 -17.531 1.00 33.08 ? 143 LEU A CD2 1 
ATOM   1171 N N   . PRO A 1 144 ? 0.515   -7.825  -19.965 1.00 31.16 ? 144 PRO A N   1 
ATOM   1172 C CA  . PRO A 1 144 ? 0.516   -6.755  -20.969 1.00 31.79 ? 144 PRO A CA  1 
ATOM   1173 C C   . PRO A 1 144 ? -0.743  -6.690  -21.822 1.00 31.68 ? 144 PRO A C   1 
ATOM   1174 O O   . PRO A 1 144 ? -1.244  -5.607  -22.121 1.00 32.12 ? 144 PRO A O   1 
ATOM   1175 C CB  . PRO A 1 144 ? 1.755   -7.071  -21.808 1.00 32.79 ? 144 PRO A CB  1 
ATOM   1176 C CG  . PRO A 1 144 ? 2.662   -7.737  -20.825 1.00 32.88 ? 144 PRO A CG  1 
ATOM   1177 C CD  . PRO A 1 144 ? 1.721   -8.660  -20.099 1.00 31.80 ? 144 PRO A CD  1 
ATOM   1178 N N   . ASP A 1 145 ? -1.245  -7.855  -22.211 1.00 33.00 ? 145 ASP A N   1 
ATOM   1179 C CA  . ASP A 1 145 ? -2.438  -7.941  -23.044 1.00 35.21 ? 145 ASP A CA  1 
ATOM   1180 C C   . ASP A 1 145 ? -3.646  -7.193  -22.491 1.00 34.14 ? 145 ASP A C   1 
ATOM   1181 O O   . ASP A 1 145 ? -4.331  -6.479  -23.224 1.00 34.02 ? 145 ASP A O   1 
ATOM   1182 C CB  . ASP A 1 145 ? -2.813  -9.406  -23.265 1.00 38.84 ? 145 ASP A CB  1 
ATOM   1183 C CG  . ASP A 1 145 ? -2.655  -9.830  -24.707 1.00 44.44 ? 145 ASP A CG  1 
ATOM   1184 O OD1 . ASP A 1 145 ? -3.391  -9.295  -25.566 1.00 46.96 ? 145 ASP A OD1 1 
ATOM   1185 O OD2 . ASP A 1 145 ? -1.792  -10.692 -24.982 1.00 47.93 ? 145 ASP A OD2 1 
ATOM   1186 N N   . LEU A 1 146 ? -3.907  -7.358  -21.199 1.00 32.54 ? 146 LEU A N   1 
ATOM   1187 C CA  . LEU A 1 146 ? -5.049  -6.710  -20.562 1.00 30.78 ? 146 LEU A CA  1 
ATOM   1188 C C   . LEU A 1 146 ? -4.997  -5.189  -20.542 1.00 29.54 ? 146 LEU A C   1 
ATOM   1189 O O   . LEU A 1 146 ? -6.036  -4.534  -20.487 1.00 28.10 ? 146 LEU A O   1 
ATOM   1190 C CB  . LEU A 1 146 ? -5.207  -7.217  -19.129 1.00 32.17 ? 146 LEU A CB  1 
ATOM   1191 C CG  . LEU A 1 146 ? -5.517  -8.705  -18.955 1.00 34.35 ? 146 LEU A CG  1 
ATOM   1192 C CD1 . LEU A 1 146 ? -5.639  -9.015  -17.472 1.00 36.85 ? 146 LEU A CD1 1 
ATOM   1193 C CD2 . LEU A 1 146 ? -6.805  -9.058  -19.682 1.00 34.20 ? 146 LEU A CD2 1 
ATOM   1194 N N   . TRP A 1 147 ? -3.797  -4.623  -20.591 1.00 29.94 ? 147 TRP A N   1 
ATOM   1195 C CA  . TRP A 1 147 ? -3.662  -3.171  -20.545 1.00 30.63 ? 147 TRP A CA  1 
ATOM   1196 C C   . TRP A 1 147 ? -3.554  -2.498  -21.913 1.00 34.82 ? 147 TRP A C   1 
ATOM   1197 O O   . TRP A 1 147 ? -3.452  -1.275  -22.003 1.00 33.32 ? 147 TRP A O   1 
ATOM   1198 C CB  . TRP A 1 147 ? -2.464  -2.792  -19.668 1.00 28.31 ? 147 TRP A CB  1 
ATOM   1199 C CG  . TRP A 1 147 ? -2.573  -3.341  -18.273 1.00 24.88 ? 147 TRP A CG  1 
ATOM   1200 C CD1 . TRP A 1 147 ? -2.256  -4.604  -17.860 1.00 25.87 ? 147 TRP A CD1 1 
ATOM   1201 C CD2 . TRP A 1 147 ? -3.111  -2.670  -17.129 1.00 23.08 ? 147 TRP A CD2 1 
ATOM   1202 N NE1 . TRP A 1 147 ? -2.565  -4.763  -16.532 1.00 22.98 ? 147 TRP A NE1 1 
ATOM   1203 C CE2 . TRP A 1 147 ? -3.094  -3.590  -16.057 1.00 25.30 ? 147 TRP A CE2 1 
ATOM   1204 C CE3 . TRP A 1 147 ? -3.612  -1.381  -16.905 1.00 23.43 ? 147 TRP A CE3 1 
ATOM   1205 C CZ2 . TRP A 1 147 ? -3.558  -3.262  -14.778 1.00 22.31 ? 147 TRP A CZ2 1 
ATOM   1206 C CZ3 . TRP A 1 147 ? -4.075  -1.053  -15.631 1.00 23.62 ? 147 TRP A CZ3 1 
ATOM   1207 C CH2 . TRP A 1 147 ? -4.043  -1.993  -14.585 1.00 24.82 ? 147 TRP A CH2 1 
ATOM   1208 N N   . ARG A 1 148 ? -3.576  -3.294  -22.976 1.00 40.29 ? 148 ARG A N   1 
ATOM   1209 C CA  . ARG A 1 148 ? -3.490  -2.748  -24.327 1.00 45.25 ? 148 ARG A CA  1 
ATOM   1210 C C   . ARG A 1 148 ? -4.692  -1.842  -24.576 1.00 48.98 ? 148 ARG A C   1 
ATOM   1211 O O   . ARG A 1 148 ? -5.840  -2.258  -24.404 1.00 48.77 ? 148 ARG A O   1 
ATOM   1212 C CB  . ARG A 1 148 ? -3.461  -3.882  -25.352 1.00 44.98 ? 148 ARG A CB  1 
ATOM   1213 N N   . ALA A 1 149 ? -4.421  -0.602  -24.975 1.00 53.67 ? 149 ALA A N   1 
ATOM   1214 C CA  . ALA A 1 149 ? -5.475  0.372   -25.243 1.00 58.49 ? 149 ALA A CA  1 
ATOM   1215 C C   . ALA A 1 149 ? -6.223  0.030   -26.528 1.00 62.01 ? 149 ALA A C   1 
ATOM   1216 O O   . ALA A 1 149 ? -7.447  -0.110  -26.528 1.00 62.23 ? 149 ALA A O   1 
ATOM   1217 C CB  . ALA A 1 149 ? -4.877  1.779   -25.339 1.00 57.87 ? 149 ALA A CB  1 
ATOM   1218 N N   . ALA A 1 150 ? -5.478  -0.105  -27.621 1.00 65.98 ? 150 ALA A N   1 
ATOM   1219 C CA  . ALA A 1 150 ? -6.065  -0.432  -28.915 1.00 70.01 ? 150 ALA A CA  1 
ATOM   1220 C C   . ALA A 1 150 ? -5.786  -1.890  -29.266 1.00 72.74 ? 150 ALA A C   1 
ATOM   1221 O O   . ALA A 1 150 ? -5.072  -2.183  -30.225 1.00 74.31 ? 150 ALA A O   1 
ATOM   1222 C CB  . ALA A 1 150 ? -5.495  0.486   -29.993 1.00 69.79 ? 150 ALA A CB  1 
ATOM   1223 N N   . ALA A 1 151 ? -6.353  -2.801  -28.480 1.00 75.79 ? 151 ALA A N   1 
ATOM   1224 C CA  . ALA A 1 151 ? -6.163  -4.230  -28.699 1.00 78.59 ? 151 ALA A CA  1 
ATOM   1225 C C   . ALA A 1 151 ? -7.129  -4.772  -29.752 1.00 80.53 ? 151 ALA A C   1 
ATOM   1226 O O   . ALA A 1 151 ? -7.369  -4.131  -30.777 1.00 81.07 ? 151 ALA A O   1 
ATOM   1227 C CB  . ALA A 1 151 ? -6.337  -4.986  -27.382 1.00 78.43 ? 151 ALA A CB  1 
ATOM   1228 N N   . ALA A 1 152 ? -7.678  -5.956  -29.492 1.00 82.29 ? 152 ALA A N   1 
ATOM   1229 C CA  . ALA A 1 152 ? -8.612  -6.600  -30.411 1.00 83.66 ? 152 ALA A CA  1 
ATOM   1230 C C   . ALA A 1 152 ? -9.913  -5.813  -30.537 1.00 84.44 ? 152 ALA A C   1 
ATOM   1231 O O   . ALA A 1 152 ? -10.969 -6.362  -30.157 1.00 85.05 ? 152 ALA A O   1 
ATOM   1232 C CB  . ALA A 1 152 ? -8.903  -8.024  -29.943 1.00 83.46 ? 152 ALA A CB  1 
ATOM   1233 O OXT . ALA A 1 152 ? -9.864  -4.660  -31.017 1.00 85.30 ? 152 ALA A OXT 1 
HETATM 1234 O O   . HOH B 2 .   ? -0.005  -4.145  -5.765  1.00 14.43 ? 153 HOH A O   1 
HETATM 1235 O O   . HOH B 2 .   ? -4.350  4.202   -4.971  1.00 23.65 ? 154 HOH A O   1 
HETATM 1236 O O   . HOH B 2 .   ? -2.086  -9.435  -10.064 1.00 18.63 ? 155 HOH A O   1 
HETATM 1237 O O   . HOH B 2 .   ? -3.618  -5.400  -12.199 1.00 17.80 ? 156 HOH A O   1 
HETATM 1238 O O   . HOH B 2 .   ? 1.195   -6.230  -4.111  1.00 18.58 ? 157 HOH A O   1 
HETATM 1239 O O   . HOH B 2 .   ? -0.015  -8.498  -3.633  1.00 25.51 ? 158 HOH A O   1 
HETATM 1240 O O   . HOH B 2 .   ? 5.961   -4.075  0.027   1.00 21.98 ? 159 HOH A O   1 
HETATM 1241 O O   . HOH B 2 .   ? 7.044   -3.666  -2.437  1.00 23.84 ? 160 HOH A O   1 
HETATM 1242 O O   . HOH B 2 .   ? -6.651  5.813   -3.903  1.00 20.71 ? 161 HOH A O   1 
HETATM 1243 O O   . HOH B 2 .   ? -12.961 -5.166  -2.446  1.00 24.38 ? 162 HOH A O   1 
HETATM 1244 O O   . HOH B 2 .   ? -15.801 -9.355  -7.503  1.00 20.67 ? 163 HOH A O   1 
HETATM 1245 O O   . HOH B 2 .   ? -11.538 -3.066  -3.557  1.00 25.98 ? 164 HOH A O   1 
HETATM 1246 O O   . HOH B 2 .   ? -7.786  -5.829  -13.059 1.00 25.01 ? 165 HOH A O   1 
HETATM 1247 O O   . HOH B 2 .   ? 4.810   -9.786  9.885   1.00 30.59 ? 166 HOH A O   1 
HETATM 1248 O O   . HOH B 2 .   ? -4.222  11.880  -8.541  1.00 30.39 ? 167 HOH A O   1 
HETATM 1249 O O   . HOH B 2 .   ? 10.081  -0.992  11.590  1.00 27.25 ? 168 HOH A O   1 
HETATM 1250 O O   . HOH B 2 .   ? 12.886  -3.673  -2.129  1.00 40.56 ? 169 HOH A O   1 
HETATM 1251 O O   . HOH B 2 .   ? 6.112   11.143  -3.740  1.00 32.99 ? 170 HOH A O   1 
HETATM 1252 O O   . HOH B 2 .   ? 5.287   -9.201  -14.212 1.00 29.69 ? 171 HOH A O   1 
HETATM 1253 O O   . HOH B 2 .   ? -3.662  -12.018 -12.720 1.00 30.74 ? 172 HOH A O   1 
HETATM 1254 O O   . HOH B 2 .   ? -2.178  10.107  -10.131 1.00 40.57 ? 173 HOH A O   1 
HETATM 1255 O O   . HOH B 2 .   ? 1.041   14.083  1.109   1.00 32.63 ? 174 HOH A O   1 
HETATM 1256 O O   . HOH B 2 .   ? -11.200 0.949   12.089  1.00 25.38 ? 175 HOH A O   1 
HETATM 1257 O O   . HOH B 2 .   ? 13.482  -1.014  -11.237 1.00 30.75 ? 176 HOH A O   1 
HETATM 1258 O O   . HOH B 2 .   ? 1.917   13.221  -4.069  1.00 49.94 ? 177 HOH A O   1 
HETATM 1259 O O   . HOH B 2 .   ? 11.393  -2.420  3.607   1.00 28.40 ? 178 HOH A O   1 
HETATM 1260 O O   . HOH B 2 .   ? 1.065   8.995   8.385   1.00 33.11 ? 179 HOH A O   1 
HETATM 1261 O O   . HOH B 2 .   ? -11.421 -0.592  -9.966  1.00 30.88 ? 180 HOH A O   1 
HETATM 1262 O O   . HOH B 2 .   ? 0.926   4.901   -8.995  1.00 31.95 ? 181 HOH A O   1 
HETATM 1263 O O   . HOH B 2 .   ? -4.521  6.318   -12.330 1.00 31.89 ? 182 HOH A O   1 
HETATM 1264 O O   . HOH B 2 .   ? 12.445  6.425   -8.861  1.00 29.39 ? 183 HOH A O   1 
HETATM 1265 O O   . HOH B 2 .   ? -0.620  -11.336 -1.306  1.00 41.46 ? 184 HOH A O   1 
HETATM 1266 O O   . HOH B 2 .   ? 14.417  -2.197  8.968   1.00 30.80 ? 185 HOH A O   1 
HETATM 1267 O O   . HOH B 2 .   ? -4.053  -12.753 -3.756  1.00 34.06 ? 186 HOH A O   1 
HETATM 1268 O O   . HOH B 2 .   ? 12.285  5.252   -12.254 1.00 44.54 ? 187 HOH A O   1 
HETATM 1269 O O   . HOH B 2 .   ? 9.939   -4.395  -1.746  1.00 40.40 ? 188 HOH A O   1 
HETATM 1270 O O   . HOH B 2 .   ? 20.485  -0.985  -0.523  1.00 34.25 ? 189 HOH A O   1 
HETATM 1271 O O   . HOH B 2 .   ? -13.273 2.885   11.515  1.00 48.84 ? 190 HOH A O   1 
HETATM 1272 O O   . HOH B 2 .   ? 4.732   -10.421 -5.422  1.00 36.18 ? 191 HOH A O   1 
HETATM 1273 O O   . HOH B 2 .   ? 3.744   10.199  10.585  1.00 43.31 ? 192 HOH A O   1 
HETATM 1274 O O   . HOH B 2 .   ? -0.554  -10.728 -21.746 1.00 40.74 ? 193 HOH A O   1 
HETATM 1275 O O   . HOH B 2 .   ? -3.570  -7.417  16.435  1.00 44.77 ? 194 HOH A O   1 
HETATM 1276 O O   . HOH B 2 .   ? 5.479   9.642   -10.417 1.00 33.04 ? 195 HOH A O   1 
HETATM 1277 O O   . HOH B 2 .   ? -12.525 4.413   6.405   1.00 32.47 ? 196 HOH A O   1 
HETATM 1278 O O   . HOH B 2 .   ? 3.919   -11.450 7.602   1.00 48.70 ? 197 HOH A O   1 
HETATM 1279 O O   . HOH B 2 .   ? -13.719 -4.093  10.092  1.00 41.13 ? 198 HOH A O   1 
HETATM 1280 O O   . HOH B 2 .   ? 11.732  0.683   -14.826 1.00 44.58 ? 199 HOH A O   1 
HETATM 1281 O O   . HOH B 2 .   ? -13.481 7.176   -5.813  1.00 41.90 ? 200 HOH A O   1 
HETATM 1282 O O   . HOH B 2 .   ? -8.220  17.424  11.814  1.00 40.23 ? 201 HOH A O   1 
HETATM 1283 O O   . HOH B 2 .   ? 21.229  4.913   -2.849  1.00 40.50 ? 202 HOH A O   1 
HETATM 1284 O O   . HOH B 2 .   ? -13.710 6.402   4.916   1.00 43.62 ? 203 HOH A O   1 
HETATM 1285 O O   . HOH B 2 .   ? -10.442 -4.967  -13.271 1.00 40.23 ? 204 HOH A O   1 
HETATM 1286 O O   . HOH B 2 .   ? -0.983  -12.167 -12.894 1.00 38.13 ? 205 HOH A O   1 
HETATM 1287 O O   . HOH B 2 .   ? -13.903 11.311  -2.952  1.00 47.34 ? 206 HOH A O   1 
HETATM 1288 O O   . HOH B 2 .   ? -10.987 -2.637  -13.873 1.00 31.03 ? 207 HOH A O   1 
HETATM 1289 O O   . HOH B 2 .   ? -8.493  12.556  -11.627 1.00 44.49 ? 208 HOH A O   1 
HETATM 1290 O O   . HOH B 2 .   ? 6.481   -7.095  -15.434 1.00 38.00 ? 209 HOH A O   1 
HETATM 1291 O O   . HOH B 2 .   ? 15.191  -0.091  7.190   1.00 39.88 ? 210 HOH A O   1 
HETATM 1292 O O   . HOH B 2 .   ? 12.689  6.464   12.798  1.00 36.05 ? 211 HOH A O   1 
HETATM 1293 O O   . HOH B 2 .   ? -2.758  2.206   23.875  1.00 42.43 ? 212 HOH A O   1 
HETATM 1294 O O   . HOH B 2 .   ? 5.209   12.567  -0.757  1.00 48.24 ? 213 HOH A O   1 
HETATM 1295 O O   . HOH B 2 .   ? -17.629 -3.222  -1.310  1.00 50.40 ? 214 HOH A O   1 
HETATM 1296 O O   . HOH B 2 .   ? -7.650  -11.996 14.964  1.00 76.71 ? 215 HOH A O   1 
HETATM 1297 O O   . HOH B 2 .   ? -3.334  6.543   -14.662 1.00 52.18 ? 216 HOH A O   1 
HETATM 1298 O O   . HOH B 2 .   ? -1.804  -13.111 -26.449 1.00 43.56 ? 217 HOH A O   1 
HETATM 1299 O O   . HOH B 2 .   ? -1.808  -11.737 11.842  1.00 38.13 ? 218 HOH A O   1 
HETATM 1300 O O   . HOH B 2 .   ? 10.878  -6.729  10.050  1.00 40.68 ? 219 HOH A O   1 
HETATM 1301 O O   . HOH B 2 .   ? -3.190  -12.017 -10.133 1.00 47.90 ? 220 HOH A O   1 
HETATM 1302 O O   . HOH B 2 .   ? 2.834   9.313   6.341   1.00 45.23 ? 221 HOH A O   1 
HETATM 1303 O O   . HOH B 2 .   ? 3.400   -12.659 -6.751  1.00 48.00 ? 222 HOH A O   1 
HETATM 1304 O O   . HOH B 2 .   ? -4.689  -11.797 2.412   1.00 49.90 ? 223 HOH A O   1 
HETATM 1305 O O   . HOH B 2 .   ? 14.088  -4.446  -14.646 1.00 44.19 ? 224 HOH A O   1 
HETATM 1306 O O   . HOH B 2 .   ? -14.270 -7.393  -6.250  1.00 18.68 ? 225 HOH A O   1 
HETATM 1307 O O   . HOH B 2 .   ? 1.976   9.139   18.911  1.00 45.70 ? 226 HOH A O   1 
HETATM 1308 O O   . HOH B 2 .   ? -1.379  15.061  12.083  1.00 59.49 ? 227 HOH A O   1 
HETATM 1309 O O   . HOH B 2 .   ? 11.662  9.161   2.599   1.00 50.31 ? 228 HOH A O   1 
HETATM 1310 O O   . HOH B 2 .   ? 9.030   7.987   5.687   1.00 43.85 ? 229 HOH A O   1 
HETATM 1311 O O   . HOH B 2 .   ? 21.632  -0.572  1.863   1.00 55.04 ? 230 HOH A O   1 
HETATM 1312 O O   . HOH B 2 .   ? 20.750  2.475   0.898   1.00 63.20 ? 231 HOH A O   1 
HETATM 1313 O O   . HOH B 2 .   ? 13.074  -4.537  5.637   1.00 42.18 ? 232 HOH A O   1 
HETATM 1314 O O   . HOH B 2 .   ? 11.860  -3.446  0.269   1.00 62.92 ? 233 HOH A O   1 
HETATM 1315 O O   . HOH B 2 .   ? 8.864   -4.161  2.019   1.00 41.54 ? 234 HOH A O   1 
HETATM 1316 O O   . HOH B 2 .   ? -0.401  -14.420 -14.544 1.00 53.09 ? 235 HOH A O   1 
HETATM 1317 O O   . HOH B 2 .   ? 1.977   -13.749 -9.348  1.00 49.76 ? 236 HOH A O   1 
HETATM 1318 O O   . HOH B 2 .   ? 8.465   -10.176 -10.744 1.00 48.88 ? 237 HOH A O   1 
HETATM 1319 O O   . HOH B 2 .   ? 5.695   -9.933  0.901   1.00 53.55 ? 238 HOH A O   1 
HETATM 1320 O O   . HOH B 2 .   ? -17.688 -3.570  2.594   1.00 64.76 ? 239 HOH A O   1 
HETATM 1321 O O   . HOH B 2 .   ? -13.206 -1.352  11.827  1.00 56.68 ? 240 HOH A O   1 
HETATM 1322 O O   . HOH B 2 .   ? -12.542 4.291   9.504   1.00 52.54 ? 241 HOH A O   1 
HETATM 1323 O O   . HOH B 2 .   ? -0.331  -7.671  -25.938 1.00 56.14 ? 242 HOH A O   1 
# 
